data_1ROA
# 
_entry.id   1ROA 
# 
_audit_conform.dict_name       mmcif_pdbx.dic 
_audit_conform.dict_version    5.398 
_audit_conform.dict_location   http://mmcif.pdb.org/dictionaries/ascii/mmcif_pdbx.dic 
# 
loop_
_database_2.database_id 
_database_2.database_code 
_database_2.pdbx_database_accession 
_database_2.pdbx_DOI 
PDB   1ROA         pdb_00001roa 10.2210/pdb1roa/pdb 
RCSB  RCSB020913   ?            ?                   
WWPDB D_1000020913 ?            ?                   
# 
loop_
_pdbx_audit_revision_history.ordinal 
_pdbx_audit_revision_history.data_content_type 
_pdbx_audit_revision_history.major_revision 
_pdbx_audit_revision_history.minor_revision 
_pdbx_audit_revision_history.revision_date 
1 'Structure model' 1 0 2004-05-18 
2 'Structure model' 1 1 2008-04-29 
3 'Structure model' 1 2 2011-07-13 
4 'Structure model' 1 3 2017-10-11 
5 'Structure model' 1 4 2021-11-10 
6 'Structure model' 1 5 2023-10-25 
7 'Structure model' 1 6 2024-10-30 
# 
_pdbx_audit_revision_details.ordinal             1 
_pdbx_audit_revision_details.revision_ordinal    1 
_pdbx_audit_revision_details.data_content_type   'Structure model' 
_pdbx_audit_revision_details.provider            repository 
_pdbx_audit_revision_details.type                'Initial release' 
_pdbx_audit_revision_details.description         ? 
_pdbx_audit_revision_details.details             ? 
# 
loop_
_pdbx_audit_revision_group.ordinal 
_pdbx_audit_revision_group.revision_ordinal 
_pdbx_audit_revision_group.data_content_type 
_pdbx_audit_revision_group.group 
1 2 'Structure model' 'Version format compliance' 
2 3 'Structure model' 'Version format compliance' 
3 4 'Structure model' 'Data collection'           
4 4 'Structure model' 'Refinement description'    
5 5 'Structure model' 'Database references'       
6 6 'Structure model' 'Data collection'           
7 6 'Structure model' 'Refinement description'    
8 7 'Structure model' 'Structure summary'         
# 
loop_
_pdbx_audit_revision_category.ordinal 
_pdbx_audit_revision_category.revision_ordinal 
_pdbx_audit_revision_category.data_content_type 
_pdbx_audit_revision_category.category 
1 4 'Structure model' diffrn_source                 
2 4 'Structure model' software                      
3 5 'Structure model' database_2                    
4 5 'Structure model' struct_ref_seq_dif            
5 6 'Structure model' chem_comp_atom                
6 6 'Structure model' chem_comp_bond                
7 6 'Structure model' pdbx_initial_refinement_model 
8 7 'Structure model' pdbx_entry_details            
9 7 'Structure model' pdbx_modification_feature     
# 
loop_
_pdbx_audit_revision_item.ordinal 
_pdbx_audit_revision_item.revision_ordinal 
_pdbx_audit_revision_item.data_content_type 
_pdbx_audit_revision_item.item 
1 4 'Structure model' '_diffrn_source.pdbx_synchrotron_site' 
2 4 'Structure model' '_software.classification'             
3 4 'Structure model' '_software.name'                       
4 5 'Structure model' '_database_2.pdbx_DOI'                 
5 5 'Structure model' '_database_2.pdbx_database_accession'  
6 5 'Structure model' '_struct_ref_seq_dif.details'          
# 
_pdbx_database_status.status_code                     REL 
_pdbx_database_status.entry_id                        1ROA 
_pdbx_database_status.recvd_initial_deposition_date   2003-12-01 
_pdbx_database_status.deposit_site                    RCSB 
_pdbx_database_status.process_site                    PDBJ 
_pdbx_database_status.status_code_sf                  REL 
_pdbx_database_status.status_code_mr                  ? 
_pdbx_database_status.SG_entry                        ? 
_pdbx_database_status.pdb_format_compatible           Y 
_pdbx_database_status.status_code_cs                  ? 
_pdbx_database_status.methods_development_category    ? 
_pdbx_database_status.status_code_nmr_data            ? 
# 
_pdbx_database_related.db_name        PDB 
_pdbx_database_related.db_id          1RN7 
_pdbx_database_related.details        'the same protein at 2.5 angstrom' 
_pdbx_database_related.content_type   unspecified 
# 
loop_
_audit_author.name 
_audit_author.pdbx_ordinal 
'Alvarez-Fernandez, M.' 1 
'Liang, Y.H.'           2 
'Abrahamson, M.'        3 
'Su, X.D.'              4 
# 
_citation.id                        primary 
_citation.title                     
'Crystal structure of human cystatin D, a cysteine peptidase inhibitor with restricted inhibition profile.' 
_citation.journal_abbrev            J.Biol.Chem. 
_citation.journal_volume            280 
_citation.page_first                18221 
_citation.page_last                 18228 
_citation.year                      2005 
_citation.journal_id_ASTM           JBCHA3 
_citation.country                   US 
_citation.journal_id_ISSN           0021-9258 
_citation.journal_id_CSD            0071 
_citation.book_publisher            ? 
_citation.pdbx_database_id_PubMed   15728581 
_citation.pdbx_database_id_DOI      10.1074/jbc.M411914200 
# 
loop_
_citation_author.citation_id 
_citation_author.name 
_citation_author.ordinal 
_citation_author.identifier_ORCID 
primary 'Alvarez-Fernandez, M.' 1 ? 
primary 'Liang, Y.H.'           2 ? 
primary 'Abrahamson, M.'        3 ? 
primary 'Su, X.D.'              4 ? 
# 
loop_
_entity.id 
_entity.type 
_entity.src_method 
_entity.pdbx_description 
_entity.formula_weight 
_entity.pdbx_number_of_molecules 
_entity.pdbx_ec 
_entity.pdbx_mutation 
_entity.pdbx_fragment 
_entity.details 
1 polymer man 'Cystatin D' 13927.619 1  ? C26R ? ? 
2 water   nat water        18.015    85 ? ?    ? ? 
# 
_entity_poly.entity_id                      1 
_entity_poly.type                           'polypeptide(L)' 
_entity_poly.nstd_linkage                   no 
_entity_poly.nstd_monomer                   no 
_entity_poly.pdbx_seq_one_letter_code       
;GSASAQSRTLAGGIHATDLNDKSVQRALDFAISEYNKVINKDEYYSRPLQVMAAYQQIVGGVNYYFNVKFGRTTCTKSQP
NLDNCPFNDQPKLKEEEFCSFQINEVPWEDKISILNYKCRKV
;
_entity_poly.pdbx_seq_one_letter_code_can   
;GSASAQSRTLAGGIHATDLNDKSVQRALDFAISEYNKVINKDEYYSRPLQVMAAYQQIVGGVNYYFNVKFGRTTCTKSQP
NLDNCPFNDQPKLKEEEFCSFQINEVPWEDKISILNYKCRKV
;
_entity_poly.pdbx_strand_id                 A 
_entity_poly.pdbx_target_identifier         ? 
# 
_pdbx_entity_nonpoly.entity_id   2 
_pdbx_entity_nonpoly.name        water 
_pdbx_entity_nonpoly.comp_id     HOH 
# 
loop_
_entity_poly_seq.entity_id 
_entity_poly_seq.num 
_entity_poly_seq.mon_id 
_entity_poly_seq.hetero 
1 1   GLY n 
1 2   SER n 
1 3   ALA n 
1 4   SER n 
1 5   ALA n 
1 6   GLN n 
1 7   SER n 
1 8   ARG n 
1 9   THR n 
1 10  LEU n 
1 11  ALA n 
1 12  GLY n 
1 13  GLY n 
1 14  ILE n 
1 15  HIS n 
1 16  ALA n 
1 17  THR n 
1 18  ASP n 
1 19  LEU n 
1 20  ASN n 
1 21  ASP n 
1 22  LYS n 
1 23  SER n 
1 24  VAL n 
1 25  GLN n 
1 26  ARG n 
1 27  ALA n 
1 28  LEU n 
1 29  ASP n 
1 30  PHE n 
1 31  ALA n 
1 32  ILE n 
1 33  SER n 
1 34  GLU n 
1 35  TYR n 
1 36  ASN n 
1 37  LYS n 
1 38  VAL n 
1 39  ILE n 
1 40  ASN n 
1 41  LYS n 
1 42  ASP n 
1 43  GLU n 
1 44  TYR n 
1 45  TYR n 
1 46  SER n 
1 47  ARG n 
1 48  PRO n 
1 49  LEU n 
1 50  GLN n 
1 51  VAL n 
1 52  MET n 
1 53  ALA n 
1 54  ALA n 
1 55  TYR n 
1 56  GLN n 
1 57  GLN n 
1 58  ILE n 
1 59  VAL n 
1 60  GLY n 
1 61  GLY n 
1 62  VAL n 
1 63  ASN n 
1 64  TYR n 
1 65  TYR n 
1 66  PHE n 
1 67  ASN n 
1 68  VAL n 
1 69  LYS n 
1 70  PHE n 
1 71  GLY n 
1 72  ARG n 
1 73  THR n 
1 74  THR n 
1 75  CYS n 
1 76  THR n 
1 77  LYS n 
1 78  SER n 
1 79  GLN n 
1 80  PRO n 
1 81  ASN n 
1 82  LEU n 
1 83  ASP n 
1 84  ASN n 
1 85  CYS n 
1 86  PRO n 
1 87  PHE n 
1 88  ASN n 
1 89  ASP n 
1 90  GLN n 
1 91  PRO n 
1 92  LYS n 
1 93  LEU n 
1 94  LYS n 
1 95  GLU n 
1 96  GLU n 
1 97  GLU n 
1 98  PHE n 
1 99  CYS n 
1 100 SER n 
1 101 PHE n 
1 102 GLN n 
1 103 ILE n 
1 104 ASN n 
1 105 GLU n 
1 106 VAL n 
1 107 PRO n 
1 108 TRP n 
1 109 GLU n 
1 110 ASP n 
1 111 LYS n 
1 112 ILE n 
1 113 SER n 
1 114 ILE n 
1 115 LEU n 
1 116 ASN n 
1 117 TYR n 
1 118 LYS n 
1 119 CYS n 
1 120 ARG n 
1 121 LYS n 
1 122 VAL n 
# 
_entity_src_gen.entity_id                          1 
_entity_src_gen.pdbx_src_id                        1 
_entity_src_gen.pdbx_alt_source_flag               sample 
_entity_src_gen.pdbx_seq_type                      ? 
_entity_src_gen.pdbx_beg_seq_num                   ? 
_entity_src_gen.pdbx_end_seq_num                   ? 
_entity_src_gen.gene_src_common_name               human 
_entity_src_gen.gene_src_genus                     Homo 
_entity_src_gen.pdbx_gene_src_gene                 ? 
_entity_src_gen.gene_src_species                   ? 
_entity_src_gen.gene_src_strain                    ? 
_entity_src_gen.gene_src_tissue                    'parotid gland' 
_entity_src_gen.gene_src_tissue_fraction           ? 
_entity_src_gen.gene_src_details                   ? 
_entity_src_gen.pdbx_gene_src_fragment             ? 
_entity_src_gen.pdbx_gene_src_scientific_name      'Homo sapiens' 
_entity_src_gen.pdbx_gene_src_ncbi_taxonomy_id     9606 
_entity_src_gen.pdbx_gene_src_variant              ? 
_entity_src_gen.pdbx_gene_src_cell_line            ? 
_entity_src_gen.pdbx_gene_src_atcc                 ? 
_entity_src_gen.pdbx_gene_src_organ                ? 
_entity_src_gen.pdbx_gene_src_organelle            ? 
_entity_src_gen.pdbx_gene_src_cell                 ? 
_entity_src_gen.pdbx_gene_src_cellular_location    ? 
_entity_src_gen.host_org_common_name               ? 
_entity_src_gen.pdbx_host_org_scientific_name      'Escherichia coli' 
_entity_src_gen.pdbx_host_org_ncbi_taxonomy_id     562 
_entity_src_gen.host_org_genus                     Escherichia 
_entity_src_gen.pdbx_host_org_gene                 ? 
_entity_src_gen.pdbx_host_org_organ                ? 
_entity_src_gen.host_org_species                   ? 
_entity_src_gen.pdbx_host_org_tissue               ? 
_entity_src_gen.pdbx_host_org_tissue_fraction      ? 
_entity_src_gen.pdbx_host_org_strain               MC1061 
_entity_src_gen.pdbx_host_org_variant              ? 
_entity_src_gen.pdbx_host_org_cell_line            ? 
_entity_src_gen.pdbx_host_org_atcc                 ? 
_entity_src_gen.pdbx_host_org_culture_collection   ? 
_entity_src_gen.pdbx_host_org_cell                 ? 
_entity_src_gen.pdbx_host_org_organelle            ? 
_entity_src_gen.pdbx_host_org_cellular_location    ? 
_entity_src_gen.pdbx_host_org_vector_type          PLASMID 
_entity_src_gen.pdbx_host_org_vector               ? 
_entity_src_gen.host_org_details                   ? 
_entity_src_gen.expression_system_id               ? 
_entity_src_gen.plasmid_name                       pHD389 
_entity_src_gen.plasmid_details                    ? 
_entity_src_gen.pdbx_description                   ? 
# 
loop_
_chem_comp.id 
_chem_comp.type 
_chem_comp.mon_nstd_flag 
_chem_comp.name 
_chem_comp.pdbx_synonyms 
_chem_comp.formula 
_chem_comp.formula_weight 
ALA 'L-peptide linking' y ALANINE         ? 'C3 H7 N O2'     89.093  
ARG 'L-peptide linking' y ARGININE        ? 'C6 H15 N4 O2 1' 175.209 
ASN 'L-peptide linking' y ASPARAGINE      ? 'C4 H8 N2 O3'    132.118 
ASP 'L-peptide linking' y 'ASPARTIC ACID' ? 'C4 H7 N O4'     133.103 
CYS 'L-peptide linking' y CYSTEINE        ? 'C3 H7 N O2 S'   121.158 
GLN 'L-peptide linking' y GLUTAMINE       ? 'C5 H10 N2 O3'   146.144 
GLU 'L-peptide linking' y 'GLUTAMIC ACID' ? 'C5 H9 N O4'     147.129 
GLY 'peptide linking'   y GLYCINE         ? 'C2 H5 N O2'     75.067  
HIS 'L-peptide linking' y HISTIDINE       ? 'C6 H10 N3 O2 1' 156.162 
HOH non-polymer         . WATER           ? 'H2 O'           18.015  
ILE 'L-peptide linking' y ISOLEUCINE      ? 'C6 H13 N O2'    131.173 
LEU 'L-peptide linking' y LEUCINE         ? 'C6 H13 N O2'    131.173 
LYS 'L-peptide linking' y LYSINE          ? 'C6 H15 N2 O2 1' 147.195 
MET 'L-peptide linking' y METHIONINE      ? 'C5 H11 N O2 S'  149.211 
PHE 'L-peptide linking' y PHENYLALANINE   ? 'C9 H11 N O2'    165.189 
PRO 'L-peptide linking' y PROLINE         ? 'C5 H9 N O2'     115.130 
SER 'L-peptide linking' y SERINE          ? 'C3 H7 N O3'     105.093 
THR 'L-peptide linking' y THREONINE       ? 'C4 H9 N O3'     119.119 
TRP 'L-peptide linking' y TRYPTOPHAN      ? 'C11 H12 N2 O2'  204.225 
TYR 'L-peptide linking' y TYROSINE        ? 'C9 H11 N O3'    181.189 
VAL 'L-peptide linking' y VALINE          ? 'C5 H11 N O2'    117.146 
# 
loop_
_pdbx_poly_seq_scheme.asym_id 
_pdbx_poly_seq_scheme.entity_id 
_pdbx_poly_seq_scheme.seq_id 
_pdbx_poly_seq_scheme.mon_id 
_pdbx_poly_seq_scheme.ndb_seq_num 
_pdbx_poly_seq_scheme.pdb_seq_num 
_pdbx_poly_seq_scheme.auth_seq_num 
_pdbx_poly_seq_scheme.pdb_mon_id 
_pdbx_poly_seq_scheme.auth_mon_id 
_pdbx_poly_seq_scheme.pdb_strand_id 
_pdbx_poly_seq_scheme.pdb_ins_code 
_pdbx_poly_seq_scheme.hetero 
A 1 1   GLY 1   1   ?   ?   ?   A . n 
A 1 2   SER 2   2   ?   ?   ?   A . n 
A 1 3   ALA 3   3   ?   ?   ?   A . n 
A 1 4   SER 4   4   ?   ?   ?   A . n 
A 1 5   ALA 5   5   ?   ?   ?   A . n 
A 1 6   GLN 6   6   ?   ?   ?   A . n 
A 1 7   SER 7   7   ?   ?   ?   A . n 
A 1 8   ARG 8   8   ?   ?   ?   A . n 
A 1 9   THR 9   9   ?   ?   ?   A . n 
A 1 10  LEU 10  10  ?   ?   ?   A . n 
A 1 11  ALA 11  11  ?   ?   ?   A . n 
A 1 12  GLY 12  12  12  GLY GLY A . n 
A 1 13  GLY 13  13  13  GLY GLY A . n 
A 1 14  ILE 14  14  14  ILE ILE A . n 
A 1 15  HIS 15  15  15  HIS HIS A . n 
A 1 16  ALA 16  16  16  ALA ALA A . n 
A 1 17  THR 17  17  17  THR THR A . n 
A 1 18  ASP 18  18  18  ASP ASP A . n 
A 1 19  LEU 19  19  19  LEU LEU A . n 
A 1 20  ASN 20  20  20  ASN ASN A . n 
A 1 21  ASP 21  21  21  ASP ASP A . n 
A 1 22  LYS 22  22  22  LYS LYS A . n 
A 1 23  SER 23  23  23  SER SER A . n 
A 1 24  VAL 24  24  24  VAL VAL A . n 
A 1 25  GLN 25  25  25  GLN GLN A . n 
A 1 26  ARG 26  26  26  ARG ARG A . n 
A 1 27  ALA 27  27  27  ALA ALA A . n 
A 1 28  LEU 28  28  28  LEU LEU A . n 
A 1 29  ASP 29  29  29  ASP ASP A . n 
A 1 30  PHE 30  30  30  PHE PHE A . n 
A 1 31  ALA 31  31  31  ALA ALA A . n 
A 1 32  ILE 32  32  32  ILE ILE A . n 
A 1 33  SER 33  33  33  SER SER A . n 
A 1 34  GLU 34  34  34  GLU GLU A . n 
A 1 35  TYR 35  35  35  TYR TYR A . n 
A 1 36  ASN 36  36  36  ASN ASN A . n 
A 1 37  LYS 37  37  37  LYS LYS A . n 
A 1 38  VAL 38  38  38  VAL VAL A . n 
A 1 39  ILE 39  39  39  ILE ILE A . n 
A 1 40  ASN 40  40  40  ASN ASN A . n 
A 1 41  LYS 41  41  41  LYS LYS A . n 
A 1 42  ASP 42  42  42  ASP ASP A . n 
A 1 43  GLU 43  43  43  GLU GLU A . n 
A 1 44  TYR 44  44  44  TYR TYR A . n 
A 1 45  TYR 45  45  45  TYR TYR A . n 
A 1 46  SER 46  46  46  SER SER A . n 
A 1 47  ARG 47  47  47  ARG ARG A . n 
A 1 48  PRO 48  48  48  PRO PRO A . n 
A 1 49  LEU 49  49  49  LEU LEU A . n 
A 1 50  GLN 50  50  50  GLN GLN A . n 
A 1 51  VAL 51  51  51  VAL VAL A . n 
A 1 52  MET 52  52  52  MET MET A . n 
A 1 53  ALA 53  53  53  ALA ALA A . n 
A 1 54  ALA 54  54  54  ALA ALA A . n 
A 1 55  TYR 55  55  55  TYR TYR A . n 
A 1 56  GLN 56  56  56  GLN GLN A . n 
A 1 57  GLN 57  57  57  GLN GLN A . n 
A 1 58  ILE 58  58  58  ILE ILE A . n 
A 1 59  VAL 59  59  59  VAL VAL A . n 
A 1 60  GLY 60  60  60  GLY GLY A . n 
A 1 61  GLY 61  61  61  GLY GLY A . n 
A 1 62  VAL 62  62  62  VAL VAL A . n 
A 1 63  ASN 63  63  63  ASN ASN A . n 
A 1 64  TYR 64  64  64  TYR TYR A . n 
A 1 65  TYR 65  65  65  TYR TYR A . n 
A 1 66  PHE 66  66  66  PHE PHE A . n 
A 1 67  ASN 67  67  67  ASN ASN A . n 
A 1 68  VAL 68  68  68  VAL VAL A . n 
A 1 69  LYS 69  69  69  LYS LYS A . n 
A 1 70  PHE 70  70  70  PHE PHE A . n 
A 1 71  GLY 71  71  71  GLY GLY A . n 
A 1 72  ARG 72  72  72  ARG ARG A . n 
A 1 73  THR 73  73  73  THR THR A . n 
A 1 74  THR 74  74  74  THR THR A . n 
A 1 75  CYS 75  75  75  CYS CYS A . n 
A 1 76  THR 76  76  76  THR THR A . n 
A 1 77  LYS 77  77  77  LYS LYS A . n 
A 1 78  SER 78  78  78  SER SER A . n 
A 1 79  GLN 79  79  79  GLN GLN A . n 
A 1 80  PRO 80  80  80  PRO PRO A . n 
A 1 81  ASN 81  81  81  ASN ASN A . n 
A 1 82  LEU 82  82  82  LEU LEU A . n 
A 1 83  ASP 83  83  83  ASP ASP A . n 
A 1 84  ASN 84  84  84  ASN ASN A . n 
A 1 85  CYS 85  85  85  CYS CYS A . n 
A 1 86  PRO 86  86  86  PRO PRO A . n 
A 1 87  PHE 87  87  87  PHE PHE A . n 
A 1 88  ASN 88  88  88  ASN ASN A . n 
A 1 89  ASP 89  89  89  ASP ASP A . n 
A 1 90  GLN 90  90  90  GLN GLN A . n 
A 1 91  PRO 91  91  91  PRO PRO A . n 
A 1 92  LYS 92  92  92  LYS LYS A . n 
A 1 93  LEU 93  93  93  LEU LEU A . n 
A 1 94  LYS 94  94  94  LYS LYS A . n 
A 1 95  GLU 95  95  95  GLU GLU A . n 
A 1 96  GLU 96  96  96  GLU GLU A . n 
A 1 97  GLU 97  97  97  GLU GLU A . n 
A 1 98  PHE 98  98  98  PHE PHE A . n 
A 1 99  CYS 99  99  99  CYS CYS A . n 
A 1 100 SER 100 100 100 SER SER A . n 
A 1 101 PHE 101 101 101 PHE PHE A . n 
A 1 102 GLN 102 102 102 GLN GLN A . n 
A 1 103 ILE 103 103 103 ILE ILE A . n 
A 1 104 ASN 104 104 104 ASN ASN A . n 
A 1 105 GLU 105 105 105 GLU GLU A . n 
A 1 106 VAL 106 106 106 VAL VAL A . n 
A 1 107 PRO 107 107 107 PRO PRO A . n 
A 1 108 TRP 108 108 108 TRP TRP A . n 
A 1 109 GLU 109 109 109 GLU GLU A . n 
A 1 110 ASP 110 110 110 ASP ASP A . n 
A 1 111 LYS 111 111 111 LYS LYS A . n 
A 1 112 ILE 112 112 112 ILE ILE A . n 
A 1 113 SER 113 113 113 SER SER A . n 
A 1 114 ILE 114 114 114 ILE ILE A . n 
A 1 115 LEU 115 115 115 LEU LEU A . n 
A 1 116 ASN 116 116 116 ASN ASN A . n 
A 1 117 TYR 117 117 117 TYR TYR A . n 
A 1 118 LYS 118 118 118 LYS LYS A . n 
A 1 119 CYS 119 119 119 CYS CYS A . n 
A 1 120 ARG 120 120 120 ARG ARG A . n 
A 1 121 LYS 121 121 121 LYS LYS A . n 
A 1 122 VAL 122 122 122 VAL VAL A . n 
# 
loop_
_pdbx_nonpoly_scheme.asym_id 
_pdbx_nonpoly_scheme.entity_id 
_pdbx_nonpoly_scheme.mon_id 
_pdbx_nonpoly_scheme.ndb_seq_num 
_pdbx_nonpoly_scheme.pdb_seq_num 
_pdbx_nonpoly_scheme.auth_seq_num 
_pdbx_nonpoly_scheme.pdb_mon_id 
_pdbx_nonpoly_scheme.auth_mon_id 
_pdbx_nonpoly_scheme.pdb_strand_id 
_pdbx_nonpoly_scheme.pdb_ins_code 
B 2 HOH 1  123 1  HOH TIP A . 
B 2 HOH 2  124 2  HOH TIP A . 
B 2 HOH 3  125 3  HOH TIP A . 
B 2 HOH 4  126 4  HOH TIP A . 
B 2 HOH 5  127 5  HOH TIP A . 
B 2 HOH 6  128 6  HOH TIP A . 
B 2 HOH 7  129 7  HOH TIP A . 
B 2 HOH 8  130 8  HOH TIP A . 
B 2 HOH 9  131 9  HOH TIP A . 
B 2 HOH 10 132 10 HOH TIP A . 
B 2 HOH 11 133 11 HOH TIP A . 
B 2 HOH 12 134 12 HOH TIP A . 
B 2 HOH 13 135 13 HOH TIP A . 
B 2 HOH 14 136 14 HOH TIP A . 
B 2 HOH 15 137 15 HOH TIP A . 
B 2 HOH 16 138 16 HOH TIP A . 
B 2 HOH 17 139 17 HOH TIP A . 
B 2 HOH 18 140 18 HOH TIP A . 
B 2 HOH 19 141 19 HOH TIP A . 
B 2 HOH 20 142 20 HOH TIP A . 
B 2 HOH 21 143 21 HOH TIP A . 
B 2 HOH 22 144 22 HOH TIP A . 
B 2 HOH 23 145 23 HOH TIP A . 
B 2 HOH 24 146 24 HOH TIP A . 
B 2 HOH 25 147 25 HOH TIP A . 
B 2 HOH 26 148 26 HOH TIP A . 
B 2 HOH 27 149 27 HOH TIP A . 
B 2 HOH 28 150 28 HOH TIP A . 
B 2 HOH 29 151 29 HOH TIP A . 
B 2 HOH 30 152 30 HOH TIP A . 
B 2 HOH 31 153 31 HOH TIP A . 
B 2 HOH 32 154 32 HOH TIP A . 
B 2 HOH 33 155 33 HOH TIP A . 
B 2 HOH 34 156 34 HOH TIP A . 
B 2 HOH 35 157 35 HOH TIP A . 
B 2 HOH 36 158 36 HOH TIP A . 
B 2 HOH 37 159 37 HOH TIP A . 
B 2 HOH 38 160 38 HOH TIP A . 
B 2 HOH 39 161 39 HOH TIP A . 
B 2 HOH 40 162 40 HOH TIP A . 
B 2 HOH 41 163 41 HOH TIP A . 
B 2 HOH 42 164 42 HOH TIP A . 
B 2 HOH 43 165 43 HOH TIP A . 
B 2 HOH 44 166 44 HOH TIP A . 
B 2 HOH 45 167 45 HOH TIP A . 
B 2 HOH 46 168 46 HOH TIP A . 
B 2 HOH 47 169 47 HOH TIP A . 
B 2 HOH 48 170 48 HOH TIP A . 
B 2 HOH 49 171 49 HOH TIP A . 
B 2 HOH 50 172 50 HOH TIP A . 
B 2 HOH 51 173 51 HOH TIP A . 
B 2 HOH 52 174 52 HOH TIP A . 
B 2 HOH 53 175 53 HOH TIP A . 
B 2 HOH 54 176 54 HOH TIP A . 
B 2 HOH 55 177 55 HOH TIP A . 
B 2 HOH 56 178 56 HOH TIP A . 
B 2 HOH 57 179 57 HOH TIP A . 
B 2 HOH 58 180 58 HOH TIP A . 
B 2 HOH 59 181 59 HOH TIP A . 
B 2 HOH 60 182 60 HOH TIP A . 
B 2 HOH 61 183 61 HOH TIP A . 
B 2 HOH 62 184 62 HOH TIP A . 
B 2 HOH 63 185 63 HOH TIP A . 
B 2 HOH 64 186 64 HOH TIP A . 
B 2 HOH 65 187 65 HOH TIP A . 
B 2 HOH 66 188 66 HOH TIP A . 
B 2 HOH 67 189 67 HOH TIP A . 
B 2 HOH 68 190 68 HOH TIP A . 
B 2 HOH 69 191 69 HOH TIP A . 
B 2 HOH 70 192 70 HOH TIP A . 
B 2 HOH 71 193 71 HOH TIP A . 
B 2 HOH 72 194 72 HOH TIP A . 
B 2 HOH 73 195 73 HOH TIP A . 
B 2 HOH 74 196 74 HOH TIP A . 
B 2 HOH 75 197 75 HOH TIP A . 
B 2 HOH 76 198 76 HOH TIP A . 
B 2 HOH 77 199 77 HOH TIP A . 
B 2 HOH 78 200 78 HOH TIP A . 
B 2 HOH 79 201 79 HOH TIP A . 
B 2 HOH 80 202 80 HOH TIP A . 
B 2 HOH 81 203 81 HOH TIP A . 
B 2 HOH 82 204 82 HOH TIP A . 
B 2 HOH 83 205 83 HOH TIP A . 
B 2 HOH 84 206 84 HOH TIP A . 
B 2 HOH 85 207 85 HOH TIP A . 
# 
loop_
_software.name 
_software.classification 
_software.version 
_software.citation_id 
_software.pdbx_ordinal 
CNS       refinement        1.0 ? 1 
MAR345    'data collection' .   ? 2 
SCALEPACK 'data scaling'    .   ? 3 
CNS       phasing           .   ? 4 
# 
_cell.entry_id           1ROA 
_cell.length_a           34.050 
_cell.length_b           81.720 
_cell.length_c           46.740 
_cell.angle_alpha        90.00 
_cell.angle_beta         90.00 
_cell.angle_gamma        90.00 
_cell.Z_PDB              4 
_cell.pdbx_unique_axis   ? 
# 
_symmetry.entry_id                         1ROA 
_symmetry.space_group_name_H-M             'P 21 21 2' 
_symmetry.pdbx_full_space_group_name_H-M   ? 
_symmetry.cell_setting                     ? 
_symmetry.Int_Tables_number                18 
_symmetry.space_group_name_Hall            ? 
# 
_exptl.entry_id          1ROA 
_exptl.method            'X-RAY DIFFRACTION' 
_exptl.crystals_number   1 
# 
_exptl_crystal.id                    1 
_exptl_crystal.density_meas          ? 
_exptl_crystal.density_percent_sol   51.53 
_exptl_crystal.description           ? 
_exptl_crystal.density_Matthews      2.56 
_exptl_crystal.F_000                 ? 
_exptl_crystal.preparation           ? 
# 
_exptl_crystal_grow.crystal_id      1 
_exptl_crystal_grow.method          'VAPOR DIFFUSION, HANGING DROP' 
_exptl_crystal_grow.temp            291 
_exptl_crystal_grow.temp_details    ? 
_exptl_crystal_grow.pH              7.5 
_exptl_crystal_grow.pdbx_details    'Tris-HCl, PEG400, (NH4)2SO4, pH 7.5, VAPOR DIFFUSION, HANGING DROP, temperature 291K' 
_exptl_crystal_grow.pdbx_pH_range   . 
# 
_diffrn.id                     1 
_diffrn.ambient_temp           100 
_diffrn.ambient_temp_details   ? 
_diffrn.crystal_id             1 
# 
_diffrn_detector.diffrn_id              1 
_diffrn_detector.detector               CCD 
_diffrn_detector.type                   MARRESEARCH 
_diffrn_detector.pdbx_collection_date   2000-03-22 
_diffrn_detector.details                ? 
# 
_diffrn_radiation.diffrn_id                        1 
_diffrn_radiation.wavelength_id                    1 
_diffrn_radiation.pdbx_monochromatic_or_laue_m_l   M 
_diffrn_radiation.monochromator                    ? 
_diffrn_radiation.pdbx_diffrn_protocol             'SINGLE WAVELENGTH' 
_diffrn_radiation.pdbx_scattering_type             x-ray 
# 
_diffrn_radiation_wavelength.id           1 
_diffrn_radiation_wavelength.wavelength   0.9979 
_diffrn_radiation_wavelength.wt           1.0 
# 
_diffrn_source.diffrn_id                   1 
_diffrn_source.source                      SYNCHROTRON 
_diffrn_source.type                        'MAX II BEAMLINE I711' 
_diffrn_source.pdbx_synchrotron_site       'MAX II' 
_diffrn_source.pdbx_synchrotron_beamline   I711 
_diffrn_source.pdbx_wavelength             ? 
_diffrn_source.pdbx_wavelength_list        0.9979 
# 
_reflns.entry_id                     1ROA 
_reflns.observed_criterion_sigma_I   0 
_reflns.observed_criterion_sigma_F   0 
_reflns.d_resolution_low             16.0 
_reflns.d_resolution_high            1.8 
_reflns.number_obs                   12036 
_reflns.number_all                   12683 
_reflns.percent_possible_obs         94.9 
_reflns.pdbx_Rmerge_I_obs            0.058 
_reflns.pdbx_Rsym_value              ? 
_reflns.pdbx_netI_over_sigmaI        ? 
_reflns.B_iso_Wilson_estimate        20.4 
_reflns.pdbx_redundancy              2.5 
_reflns.R_free_details               ? 
_reflns.limit_h_max                  ? 
_reflns.limit_h_min                  ? 
_reflns.limit_k_max                  ? 
_reflns.limit_k_min                  ? 
_reflns.limit_l_max                  ? 
_reflns.limit_l_min                  ? 
_reflns.observed_criterion_F_max     ? 
_reflns.observed_criterion_F_min     ? 
_reflns.pdbx_chi_squared             ? 
_reflns.pdbx_scaling_rejects         ? 
_reflns.pdbx_diffrn_id               1 
_reflns.pdbx_ordinal                 1 
# 
_reflns_shell.d_res_high             1.80 
_reflns_shell.d_res_low              1.86 
_reflns_shell.percent_possible_all   98.1 
_reflns_shell.Rmerge_I_obs           0.342 
_reflns_shell.pdbx_Rsym_value        ? 
_reflns_shell.meanI_over_sigI_obs    ? 
_reflns_shell.pdbx_redundancy        ? 
_reflns_shell.percent_possible_obs   ? 
_reflns_shell.number_unique_all      1198 
_reflns_shell.number_measured_all    ? 
_reflns_shell.number_measured_obs    ? 
_reflns_shell.number_unique_obs      ? 
_reflns_shell.pdbx_chi_squared       ? 
_reflns_shell.pdbx_diffrn_id         ? 
_reflns_shell.pdbx_ordinal           1 
# 
_refine.entry_id                                 1ROA 
_refine.ls_number_reflns_obs                     11576 
_refine.ls_number_reflns_all                     12640 
_refine.pdbx_ls_sigma_I                          ? 
_refine.pdbx_ls_sigma_F                          0.0 
_refine.pdbx_data_cutoff_high_absF               1711675.91 
_refine.pdbx_data_cutoff_low_absF                0.000000 
_refine.pdbx_data_cutoff_high_rms_absF           ? 
_refine.ls_d_res_low                             16.00 
_refine.ls_d_res_high                            1.80 
_refine.ls_percent_reflns_obs                    91.6 
_refine.ls_R_factor_obs                          0.25 
_refine.ls_R_factor_all                          ? 
_refine.ls_R_factor_R_work                       0.25 
_refine.ls_R_factor_R_free                       0.278 
_refine.ls_R_factor_R_free_error                 0.008 
_refine.ls_R_factor_R_free_error_details         ? 
_refine.ls_percent_reflns_R_free                 10.3 
_refine.ls_number_reflns_R_free                  1193 
_refine.ls_number_parameters                     ? 
_refine.ls_number_restraints                     ? 
_refine.occupancy_min                            ? 
_refine.occupancy_max                            ? 
_refine.correlation_coeff_Fo_to_Fc               ? 
_refine.correlation_coeff_Fo_to_Fc_free          ? 
_refine.B_iso_mean                               34.6 
_refine.aniso_B[1][1]                            -3.65 
_refine.aniso_B[2][2]                            3.54 
_refine.aniso_B[3][3]                            0.11 
_refine.aniso_B[1][2]                            0.00 
_refine.aniso_B[1][3]                            0.00 
_refine.aniso_B[2][3]                            0.00 
_refine.solvent_model_details                    'FLAT MODEL' 
_refine.solvent_model_param_ksol                 0.428014 
_refine.solvent_model_param_bsol                 68.6029 
_refine.pdbx_solvent_vdw_probe_radii             ? 
_refine.pdbx_solvent_ion_probe_radii             ? 
_refine.pdbx_solvent_shrinkage_radii             ? 
_refine.pdbx_ls_cross_valid_method               THROUGHOUT 
_refine.details                                  ? 
_refine.pdbx_starting_model                      1CEW 
_refine.pdbx_method_to_determine_struct          'MOLECULAR REPLACEMENT' 
_refine.pdbx_isotropic_thermal_model             RESTRAINED 
_refine.pdbx_stereochemistry_target_values       'Engh & Huber' 
_refine.pdbx_stereochem_target_val_spec_case     ? 
_refine.pdbx_R_Free_selection_details            RANDOM 
_refine.pdbx_overall_ESU_R                       ? 
_refine.pdbx_overall_ESU_R_Free                  ? 
_refine.overall_SU_ML                            ? 
_refine.overall_SU_B                             ? 
_refine.ls_redundancy_reflns_obs                 ? 
_refine.B_iso_min                                ? 
_refine.B_iso_max                                ? 
_refine.overall_SU_R_Cruickshank_DPI             ? 
_refine.overall_SU_R_free                        ? 
_refine.ls_wR_factor_R_free                      ? 
_refine.ls_wR_factor_R_work                      ? 
_refine.overall_FOM_free_R_set                   ? 
_refine.overall_FOM_work_R_set                   ? 
_refine.pdbx_refine_id                           'X-RAY DIFFRACTION' 
_refine.pdbx_diffrn_id                           1 
_refine.pdbx_TLS_residual_ADP_flag               ? 
_refine.pdbx_overall_phase_error                 ? 
_refine.pdbx_overall_SU_R_free_Cruickshank_DPI   ? 
_refine.pdbx_overall_SU_R_Blow_DPI               ? 
_refine.pdbx_overall_SU_R_free_Blow_DPI          ? 
# 
_refine_analyze.entry_id                        1ROA 
_refine_analyze.Luzzati_coordinate_error_obs    0.25 
_refine_analyze.Luzzati_sigma_a_obs             0.17 
_refine_analyze.Luzzati_d_res_low_obs           5.00 
_refine_analyze.Luzzati_coordinate_error_free   0.29 
_refine_analyze.Luzzati_sigma_a_free            0.19 
_refine_analyze.Luzzati_d_res_low_free          ? 
_refine_analyze.number_disordered_residues      ? 
_refine_analyze.occupancy_sum_hydrogen          ? 
_refine_analyze.occupancy_sum_non_hydrogen      ? 
_refine_analyze.pdbx_Luzzati_d_res_high_obs     ? 
_refine_analyze.pdbx_refine_id                  'X-RAY DIFFRACTION' 
# 
_refine_hist.pdbx_refine_id                   'X-RAY DIFFRACTION' 
_refine_hist.cycle_id                         LAST 
_refine_hist.pdbx_number_atoms_protein        908 
_refine_hist.pdbx_number_atoms_nucleic_acid   0 
_refine_hist.pdbx_number_atoms_ligand         0 
_refine_hist.number_atoms_solvent             85 
_refine_hist.number_atoms_total               993 
_refine_hist.d_res_high                       1.80 
_refine_hist.d_res_low                        16.00 
# 
loop_
_refine_ls_restr.type 
_refine_ls_restr.dev_ideal 
_refine_ls_restr.dev_ideal_target 
_refine_ls_restr.weight 
_refine_ls_restr.number 
_refine_ls_restr.pdbx_refine_id 
_refine_ls_restr.pdbx_restraint_function 
c_bond_d                0.005 ?    ? ? 'X-RAY DIFFRACTION' ? 
c_bond_d_na             ?     ?    ? ? 'X-RAY DIFFRACTION' ? 
c_bond_d_prot           ?     ?    ? ? 'X-RAY DIFFRACTION' ? 
c_angle_d               ?     ?    ? ? 'X-RAY DIFFRACTION' ? 
c_angle_d_na            ?     ?    ? ? 'X-RAY DIFFRACTION' ? 
c_angle_d_prot          ?     ?    ? ? 'X-RAY DIFFRACTION' ? 
c_angle_deg             1.3   ?    ? ? 'X-RAY DIFFRACTION' ? 
c_angle_deg_na          ?     ?    ? ? 'X-RAY DIFFRACTION' ? 
c_angle_deg_prot        ?     ?    ? ? 'X-RAY DIFFRACTION' ? 
c_dihedral_angle_d      24.5  ?    ? ? 'X-RAY DIFFRACTION' ? 
c_dihedral_angle_d_na   ?     ?    ? ? 'X-RAY DIFFRACTION' ? 
c_dihedral_angle_d_prot ?     ?    ? ? 'X-RAY DIFFRACTION' ? 
c_improper_angle_d      0.68  ?    ? ? 'X-RAY DIFFRACTION' ? 
c_improper_angle_d_na   ?     ?    ? ? 'X-RAY DIFFRACTION' ? 
c_improper_angle_d_prot ?     ?    ? ? 'X-RAY DIFFRACTION' ? 
c_mcbond_it             4.09  1.50 ? ? 'X-RAY DIFFRACTION' ? 
c_mcangle_it            6.50  2.00 ? ? 'X-RAY DIFFRACTION' ? 
c_scbond_it             10.33 2.00 ? ? 'X-RAY DIFFRACTION' ? 
c_scangle_it            13.91 2.50 ? ? 'X-RAY DIFFRACTION' ? 
# 
_refine_ls_shell.pdbx_total_number_of_bins_used   6 
_refine_ls_shell.d_res_high                       1.80 
_refine_ls_shell.d_res_low                        1.91 
_refine_ls_shell.number_reflns_R_work             1620 
_refine_ls_shell.R_factor_R_work                  0.297 
_refine_ls_shell.percent_reflns_obs               87.9 
_refine_ls_shell.R_factor_R_free                  0.35 
_refine_ls_shell.R_factor_R_free_error            0.026 
_refine_ls_shell.percent_reflns_R_free            9.7 
_refine_ls_shell.number_reflns_R_free             175 
_refine_ls_shell.number_reflns_obs                199 
_refine_ls_shell.redundancy_reflns_obs            ? 
_refine_ls_shell.number_reflns_all                ? 
_refine_ls_shell.pdbx_refine_id                   'X-RAY DIFFRACTION' 
_refine_ls_shell.R_factor_all                     ? 
# 
loop_
_pdbx_xplor_file.serial_no 
_pdbx_xplor_file.param_file 
_pdbx_xplor_file.topol_file 
_pdbx_xplor_file.pdbx_refine_id 
1 PROTEIN_REP.PARAM PROTEIN.TOP 'X-RAY DIFFRACTION' 
2 WATER.PARAM       WATER.TOP   'X-RAY DIFFRACTION' 
# 
_struct.entry_id                  1ROA 
_struct.title                     'Structure of human cystatin D' 
_struct.pdbx_model_details        ? 
_struct.pdbx_CASP_flag            ? 
_struct.pdbx_model_type_details   ? 
# 
_struct_keywords.entry_id        1ROA 
_struct_keywords.pdbx_keywords   'PROTEIN BINDING' 
_struct_keywords.text            'inhibitor of cysteine pepidases, cystatin D, PROTEIN BINDING' 
# 
loop_
_struct_asym.id 
_struct_asym.pdbx_blank_PDB_chainid_flag 
_struct_asym.pdbx_modified 
_struct_asym.entity_id 
_struct_asym.details 
A N N 1 ? 
B N N 2 ? 
# 
_struct_ref.id                         1 
_struct_ref.db_name                    UNP 
_struct_ref.db_code                    CYTD_HUMAN 
_struct_ref.pdbx_db_accession          P28325 
_struct_ref.entity_id                  1 
_struct_ref.pdbx_seq_one_letter_code   
;GSASAQSRTLAGGIHATDLNDKSVQCALDFAISEYNKVINKDEYYSRPLQVMAAYQQIVGGVNYYFNVKFGRTTCTKSQP
NLDNCPFNDQPKLKEEEFCSFQINEVPWEDKISILNYKCRKV
;
_struct_ref.pdbx_align_begin           21 
_struct_ref.pdbx_db_isoform            ? 
# 
_struct_ref_seq.align_id                      1 
_struct_ref_seq.ref_id                        1 
_struct_ref_seq.pdbx_PDB_id_code              1ROA 
_struct_ref_seq.pdbx_strand_id                A 
_struct_ref_seq.seq_align_beg                 1 
_struct_ref_seq.pdbx_seq_align_beg_ins_code   ? 
_struct_ref_seq.seq_align_end                 122 
_struct_ref_seq.pdbx_seq_align_end_ins_code   ? 
_struct_ref_seq.pdbx_db_accession             P28325 
_struct_ref_seq.db_align_beg                  21 
_struct_ref_seq.pdbx_db_align_beg_ins_code    ? 
_struct_ref_seq.db_align_end                  142 
_struct_ref_seq.pdbx_db_align_end_ins_code    ? 
_struct_ref_seq.pdbx_auth_seq_align_beg       1 
_struct_ref_seq.pdbx_auth_seq_align_end       122 
# 
_struct_ref_seq_dif.align_id                     1 
_struct_ref_seq_dif.pdbx_pdb_id_code             1ROA 
_struct_ref_seq_dif.mon_id                       ARG 
_struct_ref_seq_dif.pdbx_pdb_strand_id           A 
_struct_ref_seq_dif.seq_num                      26 
_struct_ref_seq_dif.pdbx_pdb_ins_code            ? 
_struct_ref_seq_dif.pdbx_seq_db_name             UNP 
_struct_ref_seq_dif.pdbx_seq_db_accession_code   P28325 
_struct_ref_seq_dif.db_mon_id                    CYS 
_struct_ref_seq_dif.pdbx_seq_db_seq_num          46 
_struct_ref_seq_dif.details                      'engineered mutation' 
_struct_ref_seq_dif.pdbx_auth_seq_num            26 
_struct_ref_seq_dif.pdbx_ordinal                 1 
# 
_pdbx_struct_assembly.id                   1 
_pdbx_struct_assembly.details              author_defined_assembly 
_pdbx_struct_assembly.method_details       ? 
_pdbx_struct_assembly.oligomeric_details   monomeric 
_pdbx_struct_assembly.oligomeric_count     1 
# 
_pdbx_struct_assembly_gen.assembly_id       1 
_pdbx_struct_assembly_gen.oper_expression   1 
_pdbx_struct_assembly_gen.asym_id_list      A,B 
# 
_pdbx_struct_oper_list.id                   1 
_pdbx_struct_oper_list.type                 'identity operation' 
_pdbx_struct_oper_list.name                 1_555 
_pdbx_struct_oper_list.symmetry_operation   x,y,z 
_pdbx_struct_oper_list.matrix[1][1]         1.0000000000 
_pdbx_struct_oper_list.matrix[1][2]         0.0000000000 
_pdbx_struct_oper_list.matrix[1][3]         0.0000000000 
_pdbx_struct_oper_list.vector[1]            0.0000000000 
_pdbx_struct_oper_list.matrix[2][1]         0.0000000000 
_pdbx_struct_oper_list.matrix[2][2]         1.0000000000 
_pdbx_struct_oper_list.matrix[2][3]         0.0000000000 
_pdbx_struct_oper_list.vector[2]            0.0000000000 
_pdbx_struct_oper_list.matrix[3][1]         0.0000000000 
_pdbx_struct_oper_list.matrix[3][2]         0.0000000000 
_pdbx_struct_oper_list.matrix[3][3]         1.0000000000 
_pdbx_struct_oper_list.vector[3]            0.0000000000 
# 
_struct_biol.id                    1 
_struct_biol.pdbx_parent_biol_id   ? 
_struct_biol.details               ? 
# 
_struct_conf.conf_type_id            HELX_P 
_struct_conf.id                      HELX_P1 
_struct_conf.pdbx_PDB_helix_id       1 
_struct_conf.beg_label_comp_id       ASP 
_struct_conf.beg_label_asym_id       A 
_struct_conf.beg_label_seq_id        21 
_struct_conf.pdbx_beg_PDB_ins_code   ? 
_struct_conf.end_label_comp_id       VAL 
_struct_conf.end_label_asym_id       A 
_struct_conf.end_label_seq_id        38 
_struct_conf.pdbx_end_PDB_ins_code   ? 
_struct_conf.beg_auth_comp_id        ASP 
_struct_conf.beg_auth_asym_id        A 
_struct_conf.beg_auth_seq_id         21 
_struct_conf.end_auth_comp_id        VAL 
_struct_conf.end_auth_asym_id        A 
_struct_conf.end_auth_seq_id         38 
_struct_conf.pdbx_PDB_helix_class    1 
_struct_conf.details                 ? 
_struct_conf.pdbx_PDB_helix_length   18 
# 
_struct_conf_type.id          HELX_P 
_struct_conf_type.criteria    ? 
_struct_conf_type.reference   ? 
# 
loop_
_struct_conn.id 
_struct_conn.conn_type_id 
_struct_conn.pdbx_leaving_atom_flag 
_struct_conn.pdbx_PDB_id 
_struct_conn.ptnr1_label_asym_id 
_struct_conn.ptnr1_label_comp_id 
_struct_conn.ptnr1_label_seq_id 
_struct_conn.ptnr1_label_atom_id 
_struct_conn.pdbx_ptnr1_label_alt_id 
_struct_conn.pdbx_ptnr1_PDB_ins_code 
_struct_conn.pdbx_ptnr1_standard_comp_id 
_struct_conn.ptnr1_symmetry 
_struct_conn.ptnr2_label_asym_id 
_struct_conn.ptnr2_label_comp_id 
_struct_conn.ptnr2_label_seq_id 
_struct_conn.ptnr2_label_atom_id 
_struct_conn.pdbx_ptnr2_label_alt_id 
_struct_conn.pdbx_ptnr2_PDB_ins_code 
_struct_conn.ptnr1_auth_asym_id 
_struct_conn.ptnr1_auth_comp_id 
_struct_conn.ptnr1_auth_seq_id 
_struct_conn.ptnr2_auth_asym_id 
_struct_conn.ptnr2_auth_comp_id 
_struct_conn.ptnr2_auth_seq_id 
_struct_conn.ptnr2_symmetry 
_struct_conn.pdbx_ptnr3_label_atom_id 
_struct_conn.pdbx_ptnr3_label_seq_id 
_struct_conn.pdbx_ptnr3_label_comp_id 
_struct_conn.pdbx_ptnr3_label_asym_id 
_struct_conn.pdbx_ptnr3_label_alt_id 
_struct_conn.pdbx_ptnr3_PDB_ins_code 
_struct_conn.details 
_struct_conn.pdbx_dist_value 
_struct_conn.pdbx_value_order 
_struct_conn.pdbx_role 
disulf1 disulf ? ? A CYS 75 SG ? ? ? 1_555 A CYS 85  SG ? ? A CYS 75 A CYS 85  1_555 ? ? ? ? ? ? ? 2.027 ? ? 
disulf2 disulf ? ? A CYS 99 SG ? ? ? 1_555 A CYS 119 SG ? ? A CYS 99 A CYS 119 1_555 ? ? ? ? ? ? ? 2.035 ? ? 
# 
_struct_conn_type.id          disulf 
_struct_conn_type.criteria    ? 
_struct_conn_type.reference   ? 
# 
loop_
_pdbx_modification_feature.ordinal 
_pdbx_modification_feature.label_comp_id 
_pdbx_modification_feature.label_asym_id 
_pdbx_modification_feature.label_seq_id 
_pdbx_modification_feature.label_alt_id 
_pdbx_modification_feature.modified_residue_label_comp_id 
_pdbx_modification_feature.modified_residue_label_asym_id 
_pdbx_modification_feature.modified_residue_label_seq_id 
_pdbx_modification_feature.modified_residue_label_alt_id 
_pdbx_modification_feature.auth_comp_id 
_pdbx_modification_feature.auth_asym_id 
_pdbx_modification_feature.auth_seq_id 
_pdbx_modification_feature.PDB_ins_code 
_pdbx_modification_feature.symmetry 
_pdbx_modification_feature.modified_residue_auth_comp_id 
_pdbx_modification_feature.modified_residue_auth_asym_id 
_pdbx_modification_feature.modified_residue_auth_seq_id 
_pdbx_modification_feature.modified_residue_PDB_ins_code 
_pdbx_modification_feature.modified_residue_symmetry 
_pdbx_modification_feature.comp_id_linking_atom 
_pdbx_modification_feature.modified_residue_id_linking_atom 
_pdbx_modification_feature.modified_residue_id 
_pdbx_modification_feature.ref_pcm_id 
_pdbx_modification_feature.ref_comp_id 
_pdbx_modification_feature.type 
_pdbx_modification_feature.category 
1 CYS A 75 ? CYS A 85  ? CYS A 75 ? 1_555 CYS A 85  ? 1_555 SG SG . . . None 'Disulfide bridge' 
2 CYS A 99 ? CYS A 119 ? CYS A 99 ? 1_555 CYS A 119 ? 1_555 SG SG . . . None 'Disulfide bridge' 
# 
_struct_sheet.id               A 
_struct_sheet.type             ? 
_struct_sheet.number_strands   5 
_struct_sheet.details          ? 
# 
loop_
_struct_sheet_order.sheet_id 
_struct_sheet_order.range_id_1 
_struct_sheet_order.range_id_2 
_struct_sheet_order.offset 
_struct_sheet_order.sense 
A 1 2 ? anti-parallel 
A 2 3 ? anti-parallel 
A 3 4 ? anti-parallel 
A 4 5 ? anti-parallel 
# 
loop_
_struct_sheet_range.sheet_id 
_struct_sheet_range.id 
_struct_sheet_range.beg_label_comp_id 
_struct_sheet_range.beg_label_asym_id 
_struct_sheet_range.beg_label_seq_id 
_struct_sheet_range.pdbx_beg_PDB_ins_code 
_struct_sheet_range.end_label_comp_id 
_struct_sheet_range.end_label_asym_id 
_struct_sheet_range.end_label_seq_id 
_struct_sheet_range.pdbx_end_PDB_ins_code 
_struct_sheet_range.beg_auth_comp_id 
_struct_sheet_range.beg_auth_asym_id 
_struct_sheet_range.beg_auth_seq_id 
_struct_sheet_range.end_auth_comp_id 
_struct_sheet_range.end_auth_asym_id 
_struct_sheet_range.end_auth_seq_id 
A 1 ILE A 14  ? THR A 17  ? ILE A 14  THR A 17  
A 2 TYR A 44  ? ILE A 58  ? TYR A 44  ILE A 58  
A 3 GLY A 61  ? THR A 76  ? GLY A 61  THR A 76  
A 4 GLU A 97  ? VAL A 106 ? GLU A 97  VAL A 106 
A 5 LYS A 111 ? LYS A 121 ? LYS A 111 LYS A 121 
# 
loop_
_pdbx_struct_sheet_hbond.sheet_id 
_pdbx_struct_sheet_hbond.range_id_1 
_pdbx_struct_sheet_hbond.range_id_2 
_pdbx_struct_sheet_hbond.range_1_label_atom_id 
_pdbx_struct_sheet_hbond.range_1_label_comp_id 
_pdbx_struct_sheet_hbond.range_1_label_asym_id 
_pdbx_struct_sheet_hbond.range_1_label_seq_id 
_pdbx_struct_sheet_hbond.range_1_PDB_ins_code 
_pdbx_struct_sheet_hbond.range_1_auth_atom_id 
_pdbx_struct_sheet_hbond.range_1_auth_comp_id 
_pdbx_struct_sheet_hbond.range_1_auth_asym_id 
_pdbx_struct_sheet_hbond.range_1_auth_seq_id 
_pdbx_struct_sheet_hbond.range_2_label_atom_id 
_pdbx_struct_sheet_hbond.range_2_label_comp_id 
_pdbx_struct_sheet_hbond.range_2_label_asym_id 
_pdbx_struct_sheet_hbond.range_2_label_seq_id 
_pdbx_struct_sheet_hbond.range_2_PDB_ins_code 
_pdbx_struct_sheet_hbond.range_2_auth_atom_id 
_pdbx_struct_sheet_hbond.range_2_auth_comp_id 
_pdbx_struct_sheet_hbond.range_2_auth_asym_id 
_pdbx_struct_sheet_hbond.range_2_auth_seq_id 
A 1 2 N HIS A 15 ? N HIS A 15 O TYR A 55  ? O TYR A 55  
A 2 3 N ALA A 54 ? N ALA A 54 O TYR A 65  ? O TYR A 65  
A 3 4 N VAL A 68 ? N VAL A 68 O CYS A 99  ? O CYS A 99  
A 4 5 N PHE A 98 ? N PHE A 98 O ARG A 120 ? O ARG A 120 
# 
_pdbx_entry_details.entry_id                   1ROA 
_pdbx_entry_details.compound_details           ? 
_pdbx_entry_details.source_details             ? 
_pdbx_entry_details.nonpolymer_details         ? 
_pdbx_entry_details.sequence_details           ? 
_pdbx_entry_details.has_ligand_of_interest     ? 
_pdbx_entry_details.has_protein_modification   Y 
# 
loop_
_pdbx_validate_torsion.id 
_pdbx_validate_torsion.PDB_model_num 
_pdbx_validate_torsion.auth_comp_id 
_pdbx_validate_torsion.auth_asym_id 
_pdbx_validate_torsion.auth_seq_id 
_pdbx_validate_torsion.PDB_ins_code 
_pdbx_validate_torsion.label_alt_id 
_pdbx_validate_torsion.phi 
_pdbx_validate_torsion.psi 
1 1 ASP A 83  ? ? 71.30   -49.28 
2 1 PRO A 107 ? ? -49.03  4.90   
3 1 TRP A 108 ? ? -142.83 15.70  
# 
loop_
_pdbx_unobs_or_zero_occ_residues.id 
_pdbx_unobs_or_zero_occ_residues.PDB_model_num 
_pdbx_unobs_or_zero_occ_residues.polymer_flag 
_pdbx_unobs_or_zero_occ_residues.occupancy_flag 
_pdbx_unobs_or_zero_occ_residues.auth_asym_id 
_pdbx_unobs_or_zero_occ_residues.auth_comp_id 
_pdbx_unobs_or_zero_occ_residues.auth_seq_id 
_pdbx_unobs_or_zero_occ_residues.PDB_ins_code 
_pdbx_unobs_or_zero_occ_residues.label_asym_id 
_pdbx_unobs_or_zero_occ_residues.label_comp_id 
_pdbx_unobs_or_zero_occ_residues.label_seq_id 
1  1 Y 1 A GLY 1  ? A GLY 1  
2  1 Y 1 A SER 2  ? A SER 2  
3  1 Y 1 A ALA 3  ? A ALA 3  
4  1 Y 1 A SER 4  ? A SER 4  
5  1 Y 1 A ALA 5  ? A ALA 5  
6  1 Y 1 A GLN 6  ? A GLN 6  
7  1 Y 1 A SER 7  ? A SER 7  
8  1 Y 1 A ARG 8  ? A ARG 8  
9  1 Y 1 A THR 9  ? A THR 9  
10 1 Y 1 A LEU 10 ? A LEU 10 
11 1 Y 1 A ALA 11 ? A ALA 11 
# 
loop_
_chem_comp_atom.comp_id 
_chem_comp_atom.atom_id 
_chem_comp_atom.type_symbol 
_chem_comp_atom.pdbx_aromatic_flag 
_chem_comp_atom.pdbx_stereo_config 
_chem_comp_atom.pdbx_ordinal 
ALA N    N N N 1   
ALA CA   C N S 2   
ALA C    C N N 3   
ALA O    O N N 4   
ALA CB   C N N 5   
ALA OXT  O N N 6   
ALA H    H N N 7   
ALA H2   H N N 8   
ALA HA   H N N 9   
ALA HB1  H N N 10  
ALA HB2  H N N 11  
ALA HB3  H N N 12  
ALA HXT  H N N 13  
ARG N    N N N 14  
ARG CA   C N S 15  
ARG C    C N N 16  
ARG O    O N N 17  
ARG CB   C N N 18  
ARG CG   C N N 19  
ARG CD   C N N 20  
ARG NE   N N N 21  
ARG CZ   C N N 22  
ARG NH1  N N N 23  
ARG NH2  N N N 24  
ARG OXT  O N N 25  
ARG H    H N N 26  
ARG H2   H N N 27  
ARG HA   H N N 28  
ARG HB2  H N N 29  
ARG HB3  H N N 30  
ARG HG2  H N N 31  
ARG HG3  H N N 32  
ARG HD2  H N N 33  
ARG HD3  H N N 34  
ARG HE   H N N 35  
ARG HH11 H N N 36  
ARG HH12 H N N 37  
ARG HH21 H N N 38  
ARG HH22 H N N 39  
ARG HXT  H N N 40  
ASN N    N N N 41  
ASN CA   C N S 42  
ASN C    C N N 43  
ASN O    O N N 44  
ASN CB   C N N 45  
ASN CG   C N N 46  
ASN OD1  O N N 47  
ASN ND2  N N N 48  
ASN OXT  O N N 49  
ASN H    H N N 50  
ASN H2   H N N 51  
ASN HA   H N N 52  
ASN HB2  H N N 53  
ASN HB3  H N N 54  
ASN HD21 H N N 55  
ASN HD22 H N N 56  
ASN HXT  H N N 57  
ASP N    N N N 58  
ASP CA   C N S 59  
ASP C    C N N 60  
ASP O    O N N 61  
ASP CB   C N N 62  
ASP CG   C N N 63  
ASP OD1  O N N 64  
ASP OD2  O N N 65  
ASP OXT  O N N 66  
ASP H    H N N 67  
ASP H2   H N N 68  
ASP HA   H N N 69  
ASP HB2  H N N 70  
ASP HB3  H N N 71  
ASP HD2  H N N 72  
ASP HXT  H N N 73  
CYS N    N N N 74  
CYS CA   C N R 75  
CYS C    C N N 76  
CYS O    O N N 77  
CYS CB   C N N 78  
CYS SG   S N N 79  
CYS OXT  O N N 80  
CYS H    H N N 81  
CYS H2   H N N 82  
CYS HA   H N N 83  
CYS HB2  H N N 84  
CYS HB3  H N N 85  
CYS HG   H N N 86  
CYS HXT  H N N 87  
GLN N    N N N 88  
GLN CA   C N S 89  
GLN C    C N N 90  
GLN O    O N N 91  
GLN CB   C N N 92  
GLN CG   C N N 93  
GLN CD   C N N 94  
GLN OE1  O N N 95  
GLN NE2  N N N 96  
GLN OXT  O N N 97  
GLN H    H N N 98  
GLN H2   H N N 99  
GLN HA   H N N 100 
GLN HB2  H N N 101 
GLN HB3  H N N 102 
GLN HG2  H N N 103 
GLN HG3  H N N 104 
GLN HE21 H N N 105 
GLN HE22 H N N 106 
GLN HXT  H N N 107 
GLU N    N N N 108 
GLU CA   C N S 109 
GLU C    C N N 110 
GLU O    O N N 111 
GLU CB   C N N 112 
GLU CG   C N N 113 
GLU CD   C N N 114 
GLU OE1  O N N 115 
GLU OE2  O N N 116 
GLU OXT  O N N 117 
GLU H    H N N 118 
GLU H2   H N N 119 
GLU HA   H N N 120 
GLU HB2  H N N 121 
GLU HB3  H N N 122 
GLU HG2  H N N 123 
GLU HG3  H N N 124 
GLU HE2  H N N 125 
GLU HXT  H N N 126 
GLY N    N N N 127 
GLY CA   C N N 128 
GLY C    C N N 129 
GLY O    O N N 130 
GLY OXT  O N N 131 
GLY H    H N N 132 
GLY H2   H N N 133 
GLY HA2  H N N 134 
GLY HA3  H N N 135 
GLY HXT  H N N 136 
HIS N    N N N 137 
HIS CA   C N S 138 
HIS C    C N N 139 
HIS O    O N N 140 
HIS CB   C N N 141 
HIS CG   C Y N 142 
HIS ND1  N Y N 143 
HIS CD2  C Y N 144 
HIS CE1  C Y N 145 
HIS NE2  N Y N 146 
HIS OXT  O N N 147 
HIS H    H N N 148 
HIS H2   H N N 149 
HIS HA   H N N 150 
HIS HB2  H N N 151 
HIS HB3  H N N 152 
HIS HD1  H N N 153 
HIS HD2  H N N 154 
HIS HE1  H N N 155 
HIS HE2  H N N 156 
HIS HXT  H N N 157 
HOH O    O N N 158 
HOH H1   H N N 159 
HOH H2   H N N 160 
ILE N    N N N 161 
ILE CA   C N S 162 
ILE C    C N N 163 
ILE O    O N N 164 
ILE CB   C N S 165 
ILE CG1  C N N 166 
ILE CG2  C N N 167 
ILE CD1  C N N 168 
ILE OXT  O N N 169 
ILE H    H N N 170 
ILE H2   H N N 171 
ILE HA   H N N 172 
ILE HB   H N N 173 
ILE HG12 H N N 174 
ILE HG13 H N N 175 
ILE HG21 H N N 176 
ILE HG22 H N N 177 
ILE HG23 H N N 178 
ILE HD11 H N N 179 
ILE HD12 H N N 180 
ILE HD13 H N N 181 
ILE HXT  H N N 182 
LEU N    N N N 183 
LEU CA   C N S 184 
LEU C    C N N 185 
LEU O    O N N 186 
LEU CB   C N N 187 
LEU CG   C N N 188 
LEU CD1  C N N 189 
LEU CD2  C N N 190 
LEU OXT  O N N 191 
LEU H    H N N 192 
LEU H2   H N N 193 
LEU HA   H N N 194 
LEU HB2  H N N 195 
LEU HB3  H N N 196 
LEU HG   H N N 197 
LEU HD11 H N N 198 
LEU HD12 H N N 199 
LEU HD13 H N N 200 
LEU HD21 H N N 201 
LEU HD22 H N N 202 
LEU HD23 H N N 203 
LEU HXT  H N N 204 
LYS N    N N N 205 
LYS CA   C N S 206 
LYS C    C N N 207 
LYS O    O N N 208 
LYS CB   C N N 209 
LYS CG   C N N 210 
LYS CD   C N N 211 
LYS CE   C N N 212 
LYS NZ   N N N 213 
LYS OXT  O N N 214 
LYS H    H N N 215 
LYS H2   H N N 216 
LYS HA   H N N 217 
LYS HB2  H N N 218 
LYS HB3  H N N 219 
LYS HG2  H N N 220 
LYS HG3  H N N 221 
LYS HD2  H N N 222 
LYS HD3  H N N 223 
LYS HE2  H N N 224 
LYS HE3  H N N 225 
LYS HZ1  H N N 226 
LYS HZ2  H N N 227 
LYS HZ3  H N N 228 
LYS HXT  H N N 229 
MET N    N N N 230 
MET CA   C N S 231 
MET C    C N N 232 
MET O    O N N 233 
MET CB   C N N 234 
MET CG   C N N 235 
MET SD   S N N 236 
MET CE   C N N 237 
MET OXT  O N N 238 
MET H    H N N 239 
MET H2   H N N 240 
MET HA   H N N 241 
MET HB2  H N N 242 
MET HB3  H N N 243 
MET HG2  H N N 244 
MET HG3  H N N 245 
MET HE1  H N N 246 
MET HE2  H N N 247 
MET HE3  H N N 248 
MET HXT  H N N 249 
PHE N    N N N 250 
PHE CA   C N S 251 
PHE C    C N N 252 
PHE O    O N N 253 
PHE CB   C N N 254 
PHE CG   C Y N 255 
PHE CD1  C Y N 256 
PHE CD2  C Y N 257 
PHE CE1  C Y N 258 
PHE CE2  C Y N 259 
PHE CZ   C Y N 260 
PHE OXT  O N N 261 
PHE H    H N N 262 
PHE H2   H N N 263 
PHE HA   H N N 264 
PHE HB2  H N N 265 
PHE HB3  H N N 266 
PHE HD1  H N N 267 
PHE HD2  H N N 268 
PHE HE1  H N N 269 
PHE HE2  H N N 270 
PHE HZ   H N N 271 
PHE HXT  H N N 272 
PRO N    N N N 273 
PRO CA   C N S 274 
PRO C    C N N 275 
PRO O    O N N 276 
PRO CB   C N N 277 
PRO CG   C N N 278 
PRO CD   C N N 279 
PRO OXT  O N N 280 
PRO H    H N N 281 
PRO HA   H N N 282 
PRO HB2  H N N 283 
PRO HB3  H N N 284 
PRO HG2  H N N 285 
PRO HG3  H N N 286 
PRO HD2  H N N 287 
PRO HD3  H N N 288 
PRO HXT  H N N 289 
SER N    N N N 290 
SER CA   C N S 291 
SER C    C N N 292 
SER O    O N N 293 
SER CB   C N N 294 
SER OG   O N N 295 
SER OXT  O N N 296 
SER H    H N N 297 
SER H2   H N N 298 
SER HA   H N N 299 
SER HB2  H N N 300 
SER HB3  H N N 301 
SER HG   H N N 302 
SER HXT  H N N 303 
THR N    N N N 304 
THR CA   C N S 305 
THR C    C N N 306 
THR O    O N N 307 
THR CB   C N R 308 
THR OG1  O N N 309 
THR CG2  C N N 310 
THR OXT  O N N 311 
THR H    H N N 312 
THR H2   H N N 313 
THR HA   H N N 314 
THR HB   H N N 315 
THR HG1  H N N 316 
THR HG21 H N N 317 
THR HG22 H N N 318 
THR HG23 H N N 319 
THR HXT  H N N 320 
TRP N    N N N 321 
TRP CA   C N S 322 
TRP C    C N N 323 
TRP O    O N N 324 
TRP CB   C N N 325 
TRP CG   C Y N 326 
TRP CD1  C Y N 327 
TRP CD2  C Y N 328 
TRP NE1  N Y N 329 
TRP CE2  C Y N 330 
TRP CE3  C Y N 331 
TRP CZ2  C Y N 332 
TRP CZ3  C Y N 333 
TRP CH2  C Y N 334 
TRP OXT  O N N 335 
TRP H    H N N 336 
TRP H2   H N N 337 
TRP HA   H N N 338 
TRP HB2  H N N 339 
TRP HB3  H N N 340 
TRP HD1  H N N 341 
TRP HE1  H N N 342 
TRP HE3  H N N 343 
TRP HZ2  H N N 344 
TRP HZ3  H N N 345 
TRP HH2  H N N 346 
TRP HXT  H N N 347 
TYR N    N N N 348 
TYR CA   C N S 349 
TYR C    C N N 350 
TYR O    O N N 351 
TYR CB   C N N 352 
TYR CG   C Y N 353 
TYR CD1  C Y N 354 
TYR CD2  C Y N 355 
TYR CE1  C Y N 356 
TYR CE2  C Y N 357 
TYR CZ   C Y N 358 
TYR OH   O N N 359 
TYR OXT  O N N 360 
TYR H    H N N 361 
TYR H2   H N N 362 
TYR HA   H N N 363 
TYR HB2  H N N 364 
TYR HB3  H N N 365 
TYR HD1  H N N 366 
TYR HD2  H N N 367 
TYR HE1  H N N 368 
TYR HE2  H N N 369 
TYR HH   H N N 370 
TYR HXT  H N N 371 
VAL N    N N N 372 
VAL CA   C N S 373 
VAL C    C N N 374 
VAL O    O N N 375 
VAL CB   C N N 376 
VAL CG1  C N N 377 
VAL CG2  C N N 378 
VAL OXT  O N N 379 
VAL H    H N N 380 
VAL H2   H N N 381 
VAL HA   H N N 382 
VAL HB   H N N 383 
VAL HG11 H N N 384 
VAL HG12 H N N 385 
VAL HG13 H N N 386 
VAL HG21 H N N 387 
VAL HG22 H N N 388 
VAL HG23 H N N 389 
VAL HXT  H N N 390 
# 
loop_
_chem_comp_bond.comp_id 
_chem_comp_bond.atom_id_1 
_chem_comp_bond.atom_id_2 
_chem_comp_bond.value_order 
_chem_comp_bond.pdbx_aromatic_flag 
_chem_comp_bond.pdbx_stereo_config 
_chem_comp_bond.pdbx_ordinal 
ALA N   CA   sing N N 1   
ALA N   H    sing N N 2   
ALA N   H2   sing N N 3   
ALA CA  C    sing N N 4   
ALA CA  CB   sing N N 5   
ALA CA  HA   sing N N 6   
ALA C   O    doub N N 7   
ALA C   OXT  sing N N 8   
ALA CB  HB1  sing N N 9   
ALA CB  HB2  sing N N 10  
ALA CB  HB3  sing N N 11  
ALA OXT HXT  sing N N 12  
ARG N   CA   sing N N 13  
ARG N   H    sing N N 14  
ARG N   H2   sing N N 15  
ARG CA  C    sing N N 16  
ARG CA  CB   sing N N 17  
ARG CA  HA   sing N N 18  
ARG C   O    doub N N 19  
ARG C   OXT  sing N N 20  
ARG CB  CG   sing N N 21  
ARG CB  HB2  sing N N 22  
ARG CB  HB3  sing N N 23  
ARG CG  CD   sing N N 24  
ARG CG  HG2  sing N N 25  
ARG CG  HG3  sing N N 26  
ARG CD  NE   sing N N 27  
ARG CD  HD2  sing N N 28  
ARG CD  HD3  sing N N 29  
ARG NE  CZ   sing N N 30  
ARG NE  HE   sing N N 31  
ARG CZ  NH1  sing N N 32  
ARG CZ  NH2  doub N N 33  
ARG NH1 HH11 sing N N 34  
ARG NH1 HH12 sing N N 35  
ARG NH2 HH21 sing N N 36  
ARG NH2 HH22 sing N N 37  
ARG OXT HXT  sing N N 38  
ASN N   CA   sing N N 39  
ASN N   H    sing N N 40  
ASN N   H2   sing N N 41  
ASN CA  C    sing N N 42  
ASN CA  CB   sing N N 43  
ASN CA  HA   sing N N 44  
ASN C   O    doub N N 45  
ASN C   OXT  sing N N 46  
ASN CB  CG   sing N N 47  
ASN CB  HB2  sing N N 48  
ASN CB  HB3  sing N N 49  
ASN CG  OD1  doub N N 50  
ASN CG  ND2  sing N N 51  
ASN ND2 HD21 sing N N 52  
ASN ND2 HD22 sing N N 53  
ASN OXT HXT  sing N N 54  
ASP N   CA   sing N N 55  
ASP N   H    sing N N 56  
ASP N   H2   sing N N 57  
ASP CA  C    sing N N 58  
ASP CA  CB   sing N N 59  
ASP CA  HA   sing N N 60  
ASP C   O    doub N N 61  
ASP C   OXT  sing N N 62  
ASP CB  CG   sing N N 63  
ASP CB  HB2  sing N N 64  
ASP CB  HB3  sing N N 65  
ASP CG  OD1  doub N N 66  
ASP CG  OD2  sing N N 67  
ASP OD2 HD2  sing N N 68  
ASP OXT HXT  sing N N 69  
CYS N   CA   sing N N 70  
CYS N   H    sing N N 71  
CYS N   H2   sing N N 72  
CYS CA  C    sing N N 73  
CYS CA  CB   sing N N 74  
CYS CA  HA   sing N N 75  
CYS C   O    doub N N 76  
CYS C   OXT  sing N N 77  
CYS CB  SG   sing N N 78  
CYS CB  HB2  sing N N 79  
CYS CB  HB3  sing N N 80  
CYS SG  HG   sing N N 81  
CYS OXT HXT  sing N N 82  
GLN N   CA   sing N N 83  
GLN N   H    sing N N 84  
GLN N   H2   sing N N 85  
GLN CA  C    sing N N 86  
GLN CA  CB   sing N N 87  
GLN CA  HA   sing N N 88  
GLN C   O    doub N N 89  
GLN C   OXT  sing N N 90  
GLN CB  CG   sing N N 91  
GLN CB  HB2  sing N N 92  
GLN CB  HB3  sing N N 93  
GLN CG  CD   sing N N 94  
GLN CG  HG2  sing N N 95  
GLN CG  HG3  sing N N 96  
GLN CD  OE1  doub N N 97  
GLN CD  NE2  sing N N 98  
GLN NE2 HE21 sing N N 99  
GLN NE2 HE22 sing N N 100 
GLN OXT HXT  sing N N 101 
GLU N   CA   sing N N 102 
GLU N   H    sing N N 103 
GLU N   H2   sing N N 104 
GLU CA  C    sing N N 105 
GLU CA  CB   sing N N 106 
GLU CA  HA   sing N N 107 
GLU C   O    doub N N 108 
GLU C   OXT  sing N N 109 
GLU CB  CG   sing N N 110 
GLU CB  HB2  sing N N 111 
GLU CB  HB3  sing N N 112 
GLU CG  CD   sing N N 113 
GLU CG  HG2  sing N N 114 
GLU CG  HG3  sing N N 115 
GLU CD  OE1  doub N N 116 
GLU CD  OE2  sing N N 117 
GLU OE2 HE2  sing N N 118 
GLU OXT HXT  sing N N 119 
GLY N   CA   sing N N 120 
GLY N   H    sing N N 121 
GLY N   H2   sing N N 122 
GLY CA  C    sing N N 123 
GLY CA  HA2  sing N N 124 
GLY CA  HA3  sing N N 125 
GLY C   O    doub N N 126 
GLY C   OXT  sing N N 127 
GLY OXT HXT  sing N N 128 
HIS N   CA   sing N N 129 
HIS N   H    sing N N 130 
HIS N   H2   sing N N 131 
HIS CA  C    sing N N 132 
HIS CA  CB   sing N N 133 
HIS CA  HA   sing N N 134 
HIS C   O    doub N N 135 
HIS C   OXT  sing N N 136 
HIS CB  CG   sing N N 137 
HIS CB  HB2  sing N N 138 
HIS CB  HB3  sing N N 139 
HIS CG  ND1  sing Y N 140 
HIS CG  CD2  doub Y N 141 
HIS ND1 CE1  doub Y N 142 
HIS ND1 HD1  sing N N 143 
HIS CD2 NE2  sing Y N 144 
HIS CD2 HD2  sing N N 145 
HIS CE1 NE2  sing Y N 146 
HIS CE1 HE1  sing N N 147 
HIS NE2 HE2  sing N N 148 
HIS OXT HXT  sing N N 149 
HOH O   H1   sing N N 150 
HOH O   H2   sing N N 151 
ILE N   CA   sing N N 152 
ILE N   H    sing N N 153 
ILE N   H2   sing N N 154 
ILE CA  C    sing N N 155 
ILE CA  CB   sing N N 156 
ILE CA  HA   sing N N 157 
ILE C   O    doub N N 158 
ILE C   OXT  sing N N 159 
ILE CB  CG1  sing N N 160 
ILE CB  CG2  sing N N 161 
ILE CB  HB   sing N N 162 
ILE CG1 CD1  sing N N 163 
ILE CG1 HG12 sing N N 164 
ILE CG1 HG13 sing N N 165 
ILE CG2 HG21 sing N N 166 
ILE CG2 HG22 sing N N 167 
ILE CG2 HG23 sing N N 168 
ILE CD1 HD11 sing N N 169 
ILE CD1 HD12 sing N N 170 
ILE CD1 HD13 sing N N 171 
ILE OXT HXT  sing N N 172 
LEU N   CA   sing N N 173 
LEU N   H    sing N N 174 
LEU N   H2   sing N N 175 
LEU CA  C    sing N N 176 
LEU CA  CB   sing N N 177 
LEU CA  HA   sing N N 178 
LEU C   O    doub N N 179 
LEU C   OXT  sing N N 180 
LEU CB  CG   sing N N 181 
LEU CB  HB2  sing N N 182 
LEU CB  HB3  sing N N 183 
LEU CG  CD1  sing N N 184 
LEU CG  CD2  sing N N 185 
LEU CG  HG   sing N N 186 
LEU CD1 HD11 sing N N 187 
LEU CD1 HD12 sing N N 188 
LEU CD1 HD13 sing N N 189 
LEU CD2 HD21 sing N N 190 
LEU CD2 HD22 sing N N 191 
LEU CD2 HD23 sing N N 192 
LEU OXT HXT  sing N N 193 
LYS N   CA   sing N N 194 
LYS N   H    sing N N 195 
LYS N   H2   sing N N 196 
LYS CA  C    sing N N 197 
LYS CA  CB   sing N N 198 
LYS CA  HA   sing N N 199 
LYS C   O    doub N N 200 
LYS C   OXT  sing N N 201 
LYS CB  CG   sing N N 202 
LYS CB  HB2  sing N N 203 
LYS CB  HB3  sing N N 204 
LYS CG  CD   sing N N 205 
LYS CG  HG2  sing N N 206 
LYS CG  HG3  sing N N 207 
LYS CD  CE   sing N N 208 
LYS CD  HD2  sing N N 209 
LYS CD  HD3  sing N N 210 
LYS CE  NZ   sing N N 211 
LYS CE  HE2  sing N N 212 
LYS CE  HE3  sing N N 213 
LYS NZ  HZ1  sing N N 214 
LYS NZ  HZ2  sing N N 215 
LYS NZ  HZ3  sing N N 216 
LYS OXT HXT  sing N N 217 
MET N   CA   sing N N 218 
MET N   H    sing N N 219 
MET N   H2   sing N N 220 
MET CA  C    sing N N 221 
MET CA  CB   sing N N 222 
MET CA  HA   sing N N 223 
MET C   O    doub N N 224 
MET C   OXT  sing N N 225 
MET CB  CG   sing N N 226 
MET CB  HB2  sing N N 227 
MET CB  HB3  sing N N 228 
MET CG  SD   sing N N 229 
MET CG  HG2  sing N N 230 
MET CG  HG3  sing N N 231 
MET SD  CE   sing N N 232 
MET CE  HE1  sing N N 233 
MET CE  HE2  sing N N 234 
MET CE  HE3  sing N N 235 
MET OXT HXT  sing N N 236 
PHE N   CA   sing N N 237 
PHE N   H    sing N N 238 
PHE N   H2   sing N N 239 
PHE CA  C    sing N N 240 
PHE CA  CB   sing N N 241 
PHE CA  HA   sing N N 242 
PHE C   O    doub N N 243 
PHE C   OXT  sing N N 244 
PHE CB  CG   sing N N 245 
PHE CB  HB2  sing N N 246 
PHE CB  HB3  sing N N 247 
PHE CG  CD1  doub Y N 248 
PHE CG  CD2  sing Y N 249 
PHE CD1 CE1  sing Y N 250 
PHE CD1 HD1  sing N N 251 
PHE CD2 CE2  doub Y N 252 
PHE CD2 HD2  sing N N 253 
PHE CE1 CZ   doub Y N 254 
PHE CE1 HE1  sing N N 255 
PHE CE2 CZ   sing Y N 256 
PHE CE2 HE2  sing N N 257 
PHE CZ  HZ   sing N N 258 
PHE OXT HXT  sing N N 259 
PRO N   CA   sing N N 260 
PRO N   CD   sing N N 261 
PRO N   H    sing N N 262 
PRO CA  C    sing N N 263 
PRO CA  CB   sing N N 264 
PRO CA  HA   sing N N 265 
PRO C   O    doub N N 266 
PRO C   OXT  sing N N 267 
PRO CB  CG   sing N N 268 
PRO CB  HB2  sing N N 269 
PRO CB  HB3  sing N N 270 
PRO CG  CD   sing N N 271 
PRO CG  HG2  sing N N 272 
PRO CG  HG3  sing N N 273 
PRO CD  HD2  sing N N 274 
PRO CD  HD3  sing N N 275 
PRO OXT HXT  sing N N 276 
SER N   CA   sing N N 277 
SER N   H    sing N N 278 
SER N   H2   sing N N 279 
SER CA  C    sing N N 280 
SER CA  CB   sing N N 281 
SER CA  HA   sing N N 282 
SER C   O    doub N N 283 
SER C   OXT  sing N N 284 
SER CB  OG   sing N N 285 
SER CB  HB2  sing N N 286 
SER CB  HB3  sing N N 287 
SER OG  HG   sing N N 288 
SER OXT HXT  sing N N 289 
THR N   CA   sing N N 290 
THR N   H    sing N N 291 
THR N   H2   sing N N 292 
THR CA  C    sing N N 293 
THR CA  CB   sing N N 294 
THR CA  HA   sing N N 295 
THR C   O    doub N N 296 
THR C   OXT  sing N N 297 
THR CB  OG1  sing N N 298 
THR CB  CG2  sing N N 299 
THR CB  HB   sing N N 300 
THR OG1 HG1  sing N N 301 
THR CG2 HG21 sing N N 302 
THR CG2 HG22 sing N N 303 
THR CG2 HG23 sing N N 304 
THR OXT HXT  sing N N 305 
TRP N   CA   sing N N 306 
TRP N   H    sing N N 307 
TRP N   H2   sing N N 308 
TRP CA  C    sing N N 309 
TRP CA  CB   sing N N 310 
TRP CA  HA   sing N N 311 
TRP C   O    doub N N 312 
TRP C   OXT  sing N N 313 
TRP CB  CG   sing N N 314 
TRP CB  HB2  sing N N 315 
TRP CB  HB3  sing N N 316 
TRP CG  CD1  doub Y N 317 
TRP CG  CD2  sing Y N 318 
TRP CD1 NE1  sing Y N 319 
TRP CD1 HD1  sing N N 320 
TRP CD2 CE2  doub Y N 321 
TRP CD2 CE3  sing Y N 322 
TRP NE1 CE2  sing Y N 323 
TRP NE1 HE1  sing N N 324 
TRP CE2 CZ2  sing Y N 325 
TRP CE3 CZ3  doub Y N 326 
TRP CE3 HE3  sing N N 327 
TRP CZ2 CH2  doub Y N 328 
TRP CZ2 HZ2  sing N N 329 
TRP CZ3 CH2  sing Y N 330 
TRP CZ3 HZ3  sing N N 331 
TRP CH2 HH2  sing N N 332 
TRP OXT HXT  sing N N 333 
TYR N   CA   sing N N 334 
TYR N   H    sing N N 335 
TYR N   H2   sing N N 336 
TYR CA  C    sing N N 337 
TYR CA  CB   sing N N 338 
TYR CA  HA   sing N N 339 
TYR C   O    doub N N 340 
TYR C   OXT  sing N N 341 
TYR CB  CG   sing N N 342 
TYR CB  HB2  sing N N 343 
TYR CB  HB3  sing N N 344 
TYR CG  CD1  doub Y N 345 
TYR CG  CD2  sing Y N 346 
TYR CD1 CE1  sing Y N 347 
TYR CD1 HD1  sing N N 348 
TYR CD2 CE2  doub Y N 349 
TYR CD2 HD2  sing N N 350 
TYR CE1 CZ   doub Y N 351 
TYR CE1 HE1  sing N N 352 
TYR CE2 CZ   sing Y N 353 
TYR CE2 HE2  sing N N 354 
TYR CZ  OH   sing N N 355 
TYR OH  HH   sing N N 356 
TYR OXT HXT  sing N N 357 
VAL N   CA   sing N N 358 
VAL N   H    sing N N 359 
VAL N   H2   sing N N 360 
VAL CA  C    sing N N 361 
VAL CA  CB   sing N N 362 
VAL CA  HA   sing N N 363 
VAL C   O    doub N N 364 
VAL C   OXT  sing N N 365 
VAL CB  CG1  sing N N 366 
VAL CB  CG2  sing N N 367 
VAL CB  HB   sing N N 368 
VAL CG1 HG11 sing N N 369 
VAL CG1 HG12 sing N N 370 
VAL CG1 HG13 sing N N 371 
VAL CG2 HG21 sing N N 372 
VAL CG2 HG22 sing N N 373 
VAL CG2 HG23 sing N N 374 
VAL OXT HXT  sing N N 375 
# 
_pdbx_initial_refinement_model.id               1 
_pdbx_initial_refinement_model.entity_id_list   ? 
_pdbx_initial_refinement_model.type             'experimental model' 
_pdbx_initial_refinement_model.source_name      PDB 
_pdbx_initial_refinement_model.accession_code   1CEW 
_pdbx_initial_refinement_model.details          ? 
# 
_atom_sites.entry_id                    1ROA 
_atom_sites.fract_transf_matrix[1][1]   0.01784201 
_atom_sites.fract_transf_matrix[1][2]   -0.02297351 
_atom_sites.fract_transf_matrix[1][3]   -0.00405202 
_atom_sites.fract_transf_matrix[2][1]   -0.00338491 
_atom_sites.fract_transf_matrix[2][2]   -0.00454200 
_atom_sites.fract_transf_matrix[2][3]   0.01084697 
_atom_sites.fract_transf_matrix[3][1]   -0.01593052 
_atom_sites.fract_transf_matrix[3][2]   -0.01070475 
_atom_sites.fract_transf_matrix[3][3]   -0.00945372 
_atom_sites.fract_transf_vector[1]      0.441964 
_atom_sites.fract_transf_vector[2]      0.190879 
_atom_sites.fract_transf_vector[3]      0.233245 
# 
loop_
_atom_type.symbol 
C 
N 
O 
S 
# 
loop_
_atom_site.group_PDB 
_atom_site.id 
_atom_site.type_symbol 
_atom_site.label_atom_id 
_atom_site.label_alt_id 
_atom_site.label_comp_id 
_atom_site.label_asym_id 
_atom_site.label_entity_id 
_atom_site.label_seq_id 
_atom_site.pdbx_PDB_ins_code 
_atom_site.Cartn_x 
_atom_site.Cartn_y 
_atom_site.Cartn_z 
_atom_site.occupancy 
_atom_site.B_iso_or_equiv 
_atom_site.pdbx_formal_charge 
_atom_site.auth_seq_id 
_atom_site.auth_comp_id 
_atom_site.auth_asym_id 
_atom_site.auth_atom_id 
_atom_site.pdbx_PDB_model_num 
ATOM   1   N N   . GLY A 1 12  ? 19.817  6.527   -11.046 1.00 42.55  ? 12  GLY A N   1 
ATOM   2   C CA  . GLY A 1 12  ? 18.529  7.244   -10.834 1.00 41.30  ? 12  GLY A CA  1 
ATOM   3   C C   . GLY A 1 12  ? 17.379  6.588   -11.575 1.00 40.15  ? 12  GLY A C   1 
ATOM   4   O O   . GLY A 1 12  ? 16.273  7.126   -11.621 1.00 41.27  ? 12  GLY A O   1 
ATOM   5   N N   . GLY A 1 13  ? 17.641  5.423   -12.158 1.00 33.12  ? 13  GLY A N   1 
ATOM   6   C CA  . GLY A 1 13  ? 16.612  4.710   -12.891 1.00 31.65  ? 13  GLY A CA  1 
ATOM   7   C C   . GLY A 1 13  ? 15.640  3.985   -11.978 1.00 31.97  ? 13  GLY A C   1 
ATOM   8   O O   . GLY A 1 13  ? 15.943  3.725   -10.811 1.00 30.04  ? 13  GLY A O   1 
ATOM   9   N N   . ILE A 1 14  ? 14.467  3.661   -12.510 1.00 31.10  ? 14  ILE A N   1 
ATOM   10  C CA  . ILE A 1 14  ? 13.441  2.960   -11.746 1.00 30.49  ? 14  ILE A CA  1 
ATOM   11  C C   . ILE A 1 14  ? 13.426  1.498   -12.186 1.00 29.17  ? 14  ILE A C   1 
ATOM   12  O O   . ILE A 1 14  ? 13.218  1.199   -13.361 1.00 30.05  ? 14  ILE A O   1 
ATOM   13  C CB  . ILE A 1 14  ? 12.062  3.611   -11.978 1.00 29.64  ? 14  ILE A CB  1 
ATOM   14  C CG1 . ILE A 1 14  ? 12.122  5.080   -11.553 1.00 30.03  ? 14  ILE A CG1 1 
ATOM   15  C CG2 . ILE A 1 14  ? 10.984  2.878   -11.183 1.00 29.71  ? 14  ILE A CG2 1 
ATOM   16  C CD1 . ILE A 1 14  ? 10.918  5.899   -11.967 1.00 31.64  ? 14  ILE A CD1 1 
ATOM   17  N N   . HIS A 1 15  ? 13.651  0.593   -11.239 1.00 24.04  ? 15  HIS A N   1 
ATOM   18  C CA  . HIS A 1 15  ? 13.699  -0.834  -11.540 1.00 24.34  ? 15  HIS A CA  1 
ATOM   19  C C   . HIS A 1 15  ? 12.586  -1.630  -10.877 1.00 23.54  ? 15  HIS A C   1 
ATOM   20  O O   . HIS A 1 15  ? 12.192  -1.339  -9.750  1.00 20.66  ? 15  HIS A O   1 
ATOM   21  C CB  . HIS A 1 15  ? 15.044  -1.424  -11.097 1.00 47.96  ? 15  HIS A CB  1 
ATOM   22  C CG  . HIS A 1 15  ? 16.236  -0.767  -11.725 1.00 51.07  ? 15  HIS A CG  1 
ATOM   23  N ND1 . HIS A 1 15  ? 16.597  0.535   -11.455 1.00 53.20  ? 15  HIS A ND1 1 
ATOM   24  C CD2 . HIS A 1 15  ? 17.153  -1.239  -12.600 1.00 52.29  ? 15  HIS A CD2 1 
ATOM   25  C CE1 . HIS A 1 15  ? 17.686  0.837   -12.139 1.00 52.70  ? 15  HIS A CE1 1 
ATOM   26  N NE2 . HIS A 1 15  ? 18.045  -0.221  -12.842 1.00 53.00  ? 15  HIS A NE2 1 
ATOM   27  N N   . ALA A 1 16  ? 12.092  -2.643  -11.580 1.00 30.12  ? 16  ALA A N   1 
ATOM   28  C CA  . ALA A 1 16  ? 11.039  -3.493  -11.043 1.00 30.62  ? 16  ALA A CA  1 
ATOM   29  C C   . ALA A 1 16  ? 11.623  -4.305  -9.891  1.00 32.39  ? 16  ALA A C   1 
ATOM   30  O O   . ALA A 1 16  ? 12.808  -4.639  -9.897  1.00 31.20  ? 16  ALA A O   1 
ATOM   31  C CB  . ALA A 1 16  ? 10.516  -4.424  -12.123 1.00 39.16  ? 16  ALA A CB  1 
ATOM   32  N N   . THR A 1 17  ? 10.796  -4.613  -8.900  1.00 28.02  ? 17  THR A N   1 
ATOM   33  C CA  . THR A 1 17  ? 11.246  -5.387  -7.751  1.00 29.51  ? 17  THR A CA  1 
ATOM   34  C C   . THR A 1 17  ? 10.078  -6.175  -7.161  1.00 30.74  ? 17  THR A C   1 
ATOM   35  O O   . THR A 1 17  ? 8.930   -5.980  -7.560  1.00 29.95  ? 17  THR A O   1 
ATOM   36  C CB  . THR A 1 17  ? 11.854  -4.469  -6.672  1.00 30.82  ? 17  THR A CB  1 
ATOM   37  O OG1 . THR A 1 17  ? 12.352  -5.267  -5.591  1.00 31.65  ? 17  THR A OG1 1 
ATOM   38  C CG2 . THR A 1 17  ? 10.816  -3.494  -6.142  1.00 28.53  ? 17  THR A CG2 1 
ATOM   39  N N   . ASP A 1 18  ? 10.369  -7.061  -6.215  1.00 39.34  ? 18  ASP A N   1 
ATOM   40  C CA  . ASP A 1 18  ? 9.327   -7.873  -5.594  1.00 41.17  ? 18  ASP A CA  1 
ATOM   41  C C   . ASP A 1 18  ? 9.082   -7.486  -4.144  1.00 40.70  ? 18  ASP A C   1 
ATOM   42  O O   . ASP A 1 18  ? 9.791   -6.654  -3.581  1.00 41.44  ? 18  ASP A O   1 
ATOM   43  C CB  . ASP A 1 18  ? 9.705   -9.353  -5.660  1.00 90.31  ? 18  ASP A CB  1 
ATOM   44  C CG  . ASP A 1 18  ? 9.891   -9.841  -7.078  1.00 93.31  ? 18  ASP A CG  1 
ATOM   45  O OD1 . ASP A 1 18  ? 8.928   -9.752  -7.868  1.00 95.71  ? 18  ASP A OD1 1 
ATOM   46  O OD2 . ASP A 1 18  ? 11.000  -10.313 -7.402  1.00 96.53  ? 18  ASP A OD2 1 
ATOM   47  N N   . LEU A 1 19  ? 8.070   -8.101  -3.544  1.00 35.40  ? 19  LEU A N   1 
ATOM   48  C CA  . LEU A 1 19  ? 7.728   -7.833  -2.157  1.00 35.56  ? 19  LEU A CA  1 
ATOM   49  C C   . LEU A 1 19  ? 8.556   -8.705  -1.221  1.00 35.50  ? 19  LEU A C   1 
ATOM   50  O O   . LEU A 1 19  ? 8.428   -8.611  -0.007  1.00 36.58  ? 19  LEU A O   1 
ATOM   51  C CB  . LEU A 1 19  ? 6.234   -8.086  -1.913  1.00 33.68  ? 19  LEU A CB  1 
ATOM   52  C CG  . LEU A 1 19  ? 5.228   -7.168  -2.617  1.00 33.64  ? 19  LEU A CG  1 
ATOM   53  C CD1 . LEU A 1 19  ? 3.812   -7.530  -2.183  1.00 32.73  ? 19  LEU A CD1 1 
ATOM   54  C CD2 . LEU A 1 19  ? 5.529   -5.714  -2.274  1.00 33.03  ? 19  LEU A CD2 1 
ATOM   55  N N   . ASN A 1 20  ? 9.404   -9.559  -1.777  1.00 37.24  ? 20  ASN A N   1 
ATOM   56  C CA  . ASN A 1 20  ? 10.232  -10.416 -0.939  1.00 38.46  ? 20  ASN A CA  1 
ATOM   57  C C   . ASN A 1 20  ? 11.457  -9.676  -0.432  1.00 38.44  ? 20  ASN A C   1 
ATOM   58  O O   . ASN A 1 20  ? 12.416  -10.283 0.034   1.00 39.01  ? 20  ASN A O   1 
ATOM   59  C CB  . ASN A 1 20  ? 10.642  -11.674 -1.702  1.00 38.21  ? 20  ASN A CB  1 
ATOM   60  C CG  . ASN A 1 20  ? 9.557   -12.724 -1.690  1.00 39.60  ? 20  ASN A CG  1 
ATOM   61  O OD1 . ASN A 1 20  ? 9.175   -13.220 -0.625  1.00 41.76  ? 20  ASN A OD1 1 
ATOM   62  N ND2 . ASN A 1 20  ? 9.044   -13.066 -2.867  1.00 39.65  ? 20  ASN A ND2 1 
ATOM   63  N N   . ASP A 1 21  ? 11.412  -8.352  -0.528  1.00 41.99  ? 21  ASP A N   1 
ATOM   64  C CA  . ASP A 1 21  ? 12.506  -7.514  -0.062  1.00 41.53  ? 21  ASP A CA  1 
ATOM   65  C C   . ASP A 1 21  ? 12.041  -6.778  1.189   1.00 41.15  ? 21  ASP A C   1 
ATOM   66  O O   . ASP A 1 21  ? 11.060  -6.037  1.159   1.00 42.71  ? 21  ASP A O   1 
ATOM   67  C CB  . ASP A 1 21  ? 12.908  -6.512  -1.148  1.00 44.65  ? 21  ASP A CB  1 
ATOM   68  C CG  . ASP A 1 21  ? 14.022  -5.589  -0.703  1.00 45.20  ? 21  ASP A CG  1 
ATOM   69  O OD1 . ASP A 1 21  ? 13.794  -4.781  0.223   1.00 44.91  ? 21  ASP A OD1 1 
ATOM   70  O OD2 . ASP A 1 21  ? 15.129  -5.675  -1.277  1.00 46.96  ? 21  ASP A OD2 1 
ATOM   71  N N   . LYS A 1 22  ? 12.749  -7.004  2.289   1.00 34.31  ? 22  LYS A N   1 
ATOM   72  C CA  . LYS A 1 22  ? 12.435  -6.387  3.574   1.00 32.99  ? 22  LYS A CA  1 
ATOM   73  C C   . LYS A 1 22  ? 12.048  -4.916  3.450   1.00 31.89  ? 22  LYS A C   1 
ATOM   74  O O   . LYS A 1 22  ? 11.024  -4.488  3.977   1.00 32.34  ? 22  LYS A O   1 
ATOM   75  C CB  . LYS A 1 22  ? 13.638  -6.517  4.513   1.00 109.85 ? 22  LYS A CB  1 
ATOM   76  C CG  . LYS A 1 22  ? 13.539  -5.695  5.789   1.00 87.09  ? 22  LYS A CG  1 
ATOM   77  C CD  . LYS A 1 22  ? 14.872  -5.689  6.529   1.00 87.09  ? 22  LYS A CD  1 
ATOM   78  C CE  . LYS A 1 22  ? 14.866  -4.711  7.695   1.00 87.09  ? 22  LYS A CE  1 
ATOM   79  N NZ  . LYS A 1 22  ? 16.209  -4.611  8.339   1.00 87.09  ? 22  LYS A NZ  1 
ATOM   80  N N   . SER A 1 23  ? 12.879  -4.147  2.758   1.00 28.85  ? 23  SER A N   1 
ATOM   81  C CA  . SER A 1 23  ? 12.632  -2.720  2.576   1.00 27.34  ? 23  SER A CA  1 
ATOM   82  C C   . SER A 1 23  ? 11.385  -2.449  1.744   1.00 24.89  ? 23  SER A C   1 
ATOM   83  O O   . SER A 1 23  ? 10.586  -1.568  2.080   1.00 24.11  ? 23  SER A O   1 
ATOM   84  C CB  . SER A 1 23  ? 13.846  -2.061  1.925   1.00 36.04  ? 23  SER A CB  1 
ATOM   85  O OG  . SER A 1 23  ? 14.988  -2.212  2.752   1.00 37.35  ? 23  SER A OG  1 
ATOM   86  N N   . VAL A 1 24  ? 11.224  -3.200  0.660   1.00 24.28  ? 24  VAL A N   1 
ATOM   87  C CA  . VAL A 1 24  ? 10.059  -3.031  -0.198  1.00 24.33  ? 24  VAL A CA  1 
ATOM   88  C C   . VAL A 1 24  ? 8.792   -3.339  0.600   1.00 24.96  ? 24  VAL A C   1 
ATOM   89  O O   . VAL A 1 24  ? 7.780   -2.663  0.446   1.00 24.56  ? 24  VAL A O   1 
ATOM   90  C CB  . VAL A 1 24  ? 10.131  -3.953  -1.433  1.00 25.89  ? 24  VAL A CB  1 
ATOM   91  C CG1 . VAL A 1 24  ? 8.839   -3.863  -2.226  1.00 25.18  ? 24  VAL A CG1 1 
ATOM   92  C CG2 . VAL A 1 24  ? 11.309  -3.543  -2.320  1.00 26.05  ? 24  VAL A CG2 1 
ATOM   93  N N   . GLN A 1 25  ? 8.850   -4.361  1.455   1.00 25.57  ? 25  GLN A N   1 
ATOM   94  C CA  . GLN A 1 25  ? 7.693   -4.733  2.272   1.00 26.11  ? 25  GLN A CA  1 
ATOM   95  C C   . GLN A 1 25  ? 7.304   -3.616  3.230   1.00 24.16  ? 25  GLN A C   1 
ATOM   96  O O   . GLN A 1 25  ? 6.128   -3.283  3.373   1.00 24.47  ? 25  GLN A O   1 
ATOM   97  C CB  . GLN A 1 25  ? 7.992   -5.998  3.079   1.00 37.09  ? 25  GLN A CB  1 
ATOM   98  C CG  . GLN A 1 25  ? 8.159   -7.240  2.238   1.00 40.79  ? 25  GLN A CG  1 
ATOM   99  C CD  . GLN A 1 25  ? 8.439   -8.482  3.068   1.00 43.00  ? 25  GLN A CD  1 
ATOM   100 O OE1 . GLN A 1 25  ? 7.660   -8.841  3.950   1.00 45.51  ? 25  GLN A OE1 1 
ATOM   101 N NE2 . GLN A 1 25  ? 9.556   -9.145  2.784   1.00 43.27  ? 25  GLN A NE2 1 
ATOM   102 N N   . ARG A 1 26  ? 8.303   -3.046  3.894   1.00 21.77  ? 26  ARG A N   1 
ATOM   103 C CA  . ARG A 1 26  ? 8.086   -1.963  4.839   1.00 22.50  ? 26  ARG A CA  1 
ATOM   104 C C   . ARG A 1 26  ? 7.436   -0.761  4.157   1.00 21.43  ? 26  ARG A C   1 
ATOM   105 O O   . ARG A 1 26  ? 6.517   -0.143  4.701   1.00 20.05  ? 26  ARG A O   1 
ATOM   106 C CB  . ARG A 1 26  ? 9.422   -1.552  5.461   1.00 59.81  ? 26  ARG A CB  1 
ATOM   107 C CG  . ARG A 1 26  ? 9.367   -0.282  6.285   1.00 66.78  ? 26  ARG A CG  1 
ATOM   108 C CD  . ARG A 1 26  ? 10.711  -0.009  6.930   1.00 71.93  ? 26  ARG A CD  1 
ATOM   109 N NE  . ARG A 1 26  ? 10.763  1.302   7.566   1.00 75.83  ? 26  ARG A NE  1 
ATOM   110 C CZ  . ARG A 1 26  ? 11.798  1.746   8.271   1.00 78.24  ? 26  ARG A CZ  1 
ATOM   111 N NH1 . ARG A 1 26  ? 12.871  0.982   8.432   1.00 79.70  ? 26  ARG A NH1 1 
ATOM   112 N NH2 . ARG A 1 26  ? 11.764  2.956   8.812   1.00 79.22  ? 26  ARG A NH2 1 
ATOM   113 N N   . ALA A 1 27  ? 7.900   -0.441  2.954   1.00 20.53  ? 27  ALA A N   1 
ATOM   114 C CA  . ALA A 1 27  ? 7.336   0.691   2.229   1.00 19.56  ? 27  ALA A CA  1 
ATOM   115 C C   . ALA A 1 27  ? 5.880   0.398   1.888   1.00 19.13  ? 27  ALA A C   1 
ATOM   116 O O   . ALA A 1 27  ? 5.029   1.276   1.989   1.00 18.79  ? 27  ALA A O   1 
ATOM   117 C CB  . ALA A 1 27  ? 8.127   0.951   0.965   1.00 24.24  ? 27  ALA A CB  1 
ATOM   118 N N   . LEU A 1 28  ? 5.604   -0.844  1.490   1.00 16.47  ? 28  LEU A N   1 
ATOM   119 C CA  . LEU A 1 28  ? 4.250   -1.238  1.145   1.00 18.76  ? 28  LEU A CA  1 
ATOM   120 C C   . LEU A 1 28  ? 3.350   -1.157  2.375   1.00 18.07  ? 28  LEU A C   1 
ATOM   121 O O   . LEU A 1 28  ? 2.238   -0.639  2.296   1.00 17.99  ? 28  LEU A O   1 
ATOM   122 C CB  . LEU A 1 28  ? 4.229   -2.657  0.574   1.00 24.63  ? 28  LEU A CB  1 
ATOM   123 C CG  . LEU A 1 28  ? 2.851   -3.190  0.173   1.00 26.28  ? 28  LEU A CG  1 
ATOM   124 C CD1 . LEU A 1 28  ? 2.156   -2.210  -0.752  1.00 24.36  ? 28  LEU A CD1 1 
ATOM   125 C CD2 . LEU A 1 28  ? 3.014   -4.544  -0.505  1.00 26.51  ? 28  LEU A CD2 1 
ATOM   126 N N   . ASP A 1 29  ? 3.827   -1.666  3.507   1.00 21.08  ? 29  ASP A N   1 
ATOM   127 C CA  . ASP A 1 29  ? 3.040   -1.618  4.738   1.00 22.20  ? 29  ASP A CA  1 
ATOM   128 C C   . ASP A 1 29  ? 2.653   -0.190  5.077   1.00 20.69  ? 29  ASP A C   1 
ATOM   129 O O   . ASP A 1 29  ? 1.556   0.070   5.572   1.00 20.79  ? 29  ASP A O   1 
ATOM   130 C CB  . ASP A 1 29  ? 3.816   -2.223  5.914   1.00 28.26  ? 29  ASP A CB  1 
ATOM   131 C CG  . ASP A 1 29  ? 3.936   -3.726  5.818   1.00 32.19  ? 29  ASP A CG  1 
ATOM   132 O OD1 . ASP A 1 29  ? 3.081   -4.342  5.153   1.00 34.86  ? 29  ASP A OD1 1 
ATOM   133 O OD2 . ASP A 1 29  ? 4.875   -4.291  6.415   1.00 34.30  ? 29  ASP A OD2 1 
ATOM   134 N N   . PHE A 1 30  ? 3.562   0.741   4.811   1.00 21.59  ? 30  PHE A N   1 
ATOM   135 C CA  . PHE A 1 30  ? 3.305   2.146   5.084   1.00 21.84  ? 30  PHE A CA  1 
ATOM   136 C C   . PHE A 1 30  ? 2.192   2.653   4.168   1.00 20.14  ? 30  PHE A C   1 
ATOM   137 O O   . PHE A 1 30  ? 1.321   3.401   4.594   1.00 20.08  ? 30  PHE A O   1 
ATOM   138 C CB  . PHE A 1 30  ? 4.583   2.965   4.870   1.00 27.03  ? 30  PHE A CB  1 
ATOM   139 C CG  . PHE A 1 30  ? 4.393   4.438   5.043   1.00 29.98  ? 30  PHE A CG  1 
ATOM   140 C CD1 . PHE A 1 30  ? 3.998   4.963   6.269   1.00 31.07  ? 30  PHE A CD1 1 
ATOM   141 C CD2 . PHE A 1 30  ? 4.583   5.302   3.973   1.00 29.79  ? 30  PHE A CD2 1 
ATOM   142 C CE1 . PHE A 1 30  ? 3.796   6.329   6.422   1.00 31.56  ? 30  PHE A CE1 1 
ATOM   143 C CE2 . PHE A 1 30  ? 4.385   6.665   4.116   1.00 31.26  ? 30  PHE A CE2 1 
ATOM   144 C CZ  . PHE A 1 30  ? 3.989   7.182   5.339   1.00 31.76  ? 30  PHE A CZ  1 
ATOM   145 N N   . ALA A 1 31  ? 2.216   2.232   2.907   1.00 20.04  ? 31  ALA A N   1 
ATOM   146 C CA  . ALA A 1 31  ? 1.186   2.648   1.958   1.00 20.26  ? 31  ALA A CA  1 
ATOM   147 C C   . ALA A 1 31  ? -0.180  2.104   2.377   1.00 18.42  ? 31  ALA A C   1 
ATOM   148 O O   . ALA A 1 31  ? -1.176  2.814   2.341   1.00 19.16  ? 31  ALA A O   1 
ATOM   149 C CB  . ALA A 1 31  ? 1.535   2.162   0.550   1.00 20.05  ? 31  ALA A CB  1 
ATOM   150 N N   . ILE A 1 32  ? -0.222  0.834   2.758   1.00 20.22  ? 32  ILE A N   1 
ATOM   151 C CA  . ILE A 1 32  ? -1.473  0.217   3.187   1.00 19.98  ? 32  ILE A CA  1 
ATOM   152 C C   . ILE A 1 32  ? -2.021  0.922   4.424   1.00 21.41  ? 32  ILE A C   1 
ATOM   153 O O   . ILE A 1 32  ? -3.216  1.198   4.513   1.00 20.69  ? 32  ILE A O   1 
ATOM   154 C CB  . ILE A 1 32  ? -1.269  -1.277  3.503   1.00 22.18  ? 32  ILE A CB  1 
ATOM   155 C CG1 . ILE A 1 32  ? -0.784  -2.001  2.249   1.00 21.52  ? 32  ILE A CG1 1 
ATOM   156 C CG2 . ILE A 1 32  ? -2.569  -1.890  4.022   1.00 21.28  ? 32  ILE A CG2 1 
ATOM   157 C CD1 . ILE A 1 32  ? -0.364  -3.425  2.495   1.00 23.34  ? 32  ILE A CD1 1 
ATOM   158 N N   . SER A 1 33  ? -1.144  1.217   5.377   1.00 23.29  ? 33  SER A N   1 
ATOM   159 C CA  . SER A 1 33  ? -1.558  1.896   6.604   1.00 25.39  ? 33  SER A CA  1 
ATOM   160 C C   . SER A 1 33  ? -2.135  3.269   6.292   1.00 24.26  ? 33  SER A C   1 
ATOM   161 O O   . SER A 1 33  ? -3.183  3.650   6.814   1.00 24.27  ? 33  SER A O   1 
ATOM   162 C CB  . SER A 1 33  ? -0.373  2.040   7.565   1.00 28.40  ? 33  SER A CB  1 
ATOM   163 O OG  A SER A 1 33  ? -0.727  2.813   8.700   0.50 24.83  ? 33  SER A OG  1 
ATOM   164 O OG  B SER A 1 33  ? 0.081   0.772   8.000   0.50 34.09  ? 33  SER A OG  1 
ATOM   165 N N   . GLU A 1 34  ? -1.454  4.017   5.432   1.00 24.76  ? 34  GLU A N   1 
ATOM   166 C CA  . GLU A 1 34  ? -1.933  5.339   5.059   1.00 23.22  ? 34  GLU A CA  1 
ATOM   167 C C   . GLU A 1 34  ? -3.234  5.267   4.267   1.00 22.89  ? 34  GLU A C   1 
ATOM   168 O O   . GLU A 1 34  ? -4.118  6.112   4.438   1.00 22.90  ? 34  GLU A O   1 
ATOM   169 C CB  . GLU A 1 34  ? -0.862  6.085   4.264   1.00 32.14  ? 34  GLU A CB  1 
ATOM   170 C CG  . GLU A 1 34  ? 0.321   6.520   5.118   1.00 36.12  ? 34  GLU A CG  1 
ATOM   171 C CD  . GLU A 1 34  ? -0.077  7.502   6.210   1.00 39.87  ? 34  GLU A CD  1 
ATOM   172 O OE1 . GLU A 1 34  ? -0.442  8.647   5.876   1.00 41.17  ? 34  GLU A OE1 1 
ATOM   173 O OE2 . GLU A 1 34  ? -0.034  7.127   7.401   1.00 42.33  ? 34  GLU A OE2 1 
ATOM   174 N N   . TYR A 1 35  ? -3.364  4.255   3.410   1.00 21.27  ? 35  TYR A N   1 
ATOM   175 C CA  . TYR A 1 35  ? -4.576  4.098   2.620   1.00 19.10  ? 35  TYR A CA  1 
ATOM   176 C C   . TYR A 1 35  ? -5.756  3.916   3.563   1.00 20.20  ? 35  TYR A C   1 
ATOM   177 O O   . TYR A 1 35  ? -6.782  4.568   3.420   1.00 18.91  ? 35  TYR A O   1 
ATOM   178 C CB  . TYR A 1 35  ? -4.480  2.873   1.692   1.00 17.97  ? 35  TYR A CB  1 
ATOM   179 C CG  . TYR A 1 35  ? -5.744  2.619   0.888   1.00 20.95  ? 35  TYR A CG  1 
ATOM   180 C CD1 . TYR A 1 35  ? -6.086  3.431   -0.192  1.00 19.28  ? 35  TYR A CD1 1 
ATOM   181 C CD2 . TYR A 1 35  ? -6.621  1.593   1.241   1.00 18.99  ? 35  TYR A CD2 1 
ATOM   182 C CE1 . TYR A 1 35  ? -7.281  3.224   -0.905  1.00 22.09  ? 35  TYR A CE1 1 
ATOM   183 C CE2 . TYR A 1 35  ? -7.812  1.382   0.545   1.00 22.19  ? 35  TYR A CE2 1 
ATOM   184 C CZ  . TYR A 1 35  ? -8.134  2.198   -0.524  1.00 21.34  ? 35  TYR A CZ  1 
ATOM   185 O OH  . TYR A 1 35  ? -9.312  1.985   -1.203  1.00 23.49  ? 35  TYR A OH  1 
ATOM   186 N N   . ASN A 1 36  ? -5.602  3.028   4.535   1.00 19.29  ? 36  ASN A N   1 
ATOM   187 C CA  . ASN A 1 36  ? -6.680  2.763   5.473   1.00 20.56  ? 36  ASN A CA  1 
ATOM   188 C C   . ASN A 1 36  ? -6.951  3.901   6.442   1.00 21.28  ? 36  ASN A C   1 
ATOM   189 O O   . ASN A 1 36  ? -8.100  4.165   6.776   1.00 21.51  ? 36  ASN A O   1 
ATOM   190 C CB  . ASN A 1 36  ? -6.393  1.469   6.236   1.00 19.75  ? 36  ASN A CB  1 
ATOM   191 C CG  . ASN A 1 36  ? -6.734  0.247   5.421   1.00 17.76  ? 36  ASN A CG  1 
ATOM   192 O OD1 . ASN A 1 36  ? -7.900  -0.119  5.301   1.00 19.83  ? 36  ASN A OD1 1 
ATOM   193 N ND2 . ASN A 1 36  ? -5.721  -0.373  4.818   1.00 19.17  ? 36  ASN A ND2 1 
ATOM   194 N N   . LYS A 1 37  ? -5.895  4.588   6.868   1.00 22.04  ? 37  LYS A N   1 
ATOM   195 C CA  . LYS A 1 37  ? -6.045  5.675   7.821   1.00 25.48  ? 37  LYS A CA  1 
ATOM   196 C C   . LYS A 1 37  ? -6.471  7.017   7.245   1.00 26.72  ? 37  LYS A C   1 
ATOM   197 O O   . LYS A 1 37  ? -7.353  7.673   7.796   1.00 26.80  ? 37  LYS A O   1 
ATOM   198 C CB  . LYS A 1 37  ? -4.744  5.858   8.611   1.00 33.78  ? 37  LYS A CB  1 
ATOM   199 C CG  . LYS A 1 37  ? -4.822  6.948   9.670   1.00 37.83  ? 37  LYS A CG  1 
ATOM   200 C CD  . LYS A 1 37  ? -3.570  6.988   10.536  1.00 41.69  ? 37  LYS A CD  1 
ATOM   201 C CE  . LYS A 1 37  ? -3.724  7.989   11.676  1.00 43.24  ? 37  LYS A CE  1 
ATOM   202 N NZ  . LYS A 1 37  ? -2.590  7.907   12.640  1.00 46.24  ? 37  LYS A NZ  1 
ATOM   203 N N   . VAL A 1 38  ? -5.864  7.417   6.129   1.00 33.46  ? 38  VAL A N   1 
ATOM   204 C CA  . VAL A 1 38  ? -6.152  8.715   5.531   1.00 34.90  ? 38  VAL A CA  1 
ATOM   205 C C   . VAL A 1 38  ? -6.940  8.770   4.227   1.00 34.54  ? 38  VAL A C   1 
ATOM   206 O O   . VAL A 1 38  ? -7.798  9.638   4.059   1.00 36.24  ? 38  VAL A O   1 
ATOM   207 C CB  . VAL A 1 38  ? -4.838  9.494   5.305   1.00 32.99  ? 38  VAL A CB  1 
ATOM   208 C CG1 . VAL A 1 38  ? -5.116  10.794  4.560   1.00 34.39  ? 38  VAL A CG1 1 
ATOM   209 C CG2 . VAL A 1 38  ? -4.175  9.779   6.642   1.00 34.84  ? 38  VAL A CG2 1 
ATOM   210 N N   . ILE A 1 39  ? -6.650  7.864   3.302   1.00 25.88  ? 39  ILE A N   1 
ATOM   211 C CA  . ILE A 1 39  ? -7.323  7.879   2.010   1.00 23.84  ? 39  ILE A CA  1 
ATOM   212 C C   . ILE A 1 39  ? -8.709  7.256   1.976   1.00 23.62  ? 39  ILE A C   1 
ATOM   213 O O   . ILE A 1 39  ? -9.673  7.902   1.565   1.00 24.35  ? 39  ILE A O   1 
ATOM   214 C CB  . ILE A 1 39  ? -6.448  7.199   0.940   1.00 25.36  ? 39  ILE A CB  1 
ATOM   215 C CG1 . ILE A 1 39  ? -5.092  7.905   0.872   1.00 26.18  ? 39  ILE A CG1 1 
ATOM   216 C CG2 . ILE A 1 39  ? -7.155  7.235   -0.402  1.00 25.41  ? 39  ILE A CG2 1 
ATOM   217 C CD1 . ILE A 1 39  ? -4.048  7.182   0.032   1.00 27.95  ? 39  ILE A CD1 1 
ATOM   218 N N   . ASN A 1 40  ? -8.808  6.000   2.395   1.00 23.82  ? 40  ASN A N   1 
ATOM   219 C CA  . ASN A 1 40  ? -10.083 5.292   2.405   1.00 24.19  ? 40  ASN A CA  1 
ATOM   220 C C   . ASN A 1 40  ? -10.893 5.676   3.641   1.00 24.06  ? 40  ASN A C   1 
ATOM   221 O O   . ASN A 1 40  ? -10.341 5.799   4.731   1.00 24.04  ? 40  ASN A O   1 
ATOM   222 C CB  . ASN A 1 40  ? -9.827  3.782   2.400   1.00 28.39  ? 40  ASN A CB  1 
ATOM   223 C CG  . ASN A 1 40  ? -11.101 2.977   2.338   1.00 30.24  ? 40  ASN A CG  1 
ATOM   224 O OD1 . ASN A 1 40  ? -11.612 2.671   1.255   1.00 33.95  ? 40  ASN A OD1 1 
ATOM   225 N ND2 . ASN A 1 40  ? -11.637 2.640   3.502   1.00 27.41  ? 40  ASN A ND2 1 
ATOM   226 N N   . LYS A 1 41  ? -12.202 5.842   3.478   1.00 24.28  ? 41  LYS A N   1 
ATOM   227 C CA  . LYS A 1 41  ? -13.050 6.229   4.599   1.00 27.08  ? 41  LYS A CA  1 
ATOM   228 C C   . LYS A 1 41  ? -14.001 5.137   5.064   1.00 26.55  ? 41  LYS A C   1 
ATOM   229 O O   . LYS A 1 41  ? -14.866 5.381   5.912   1.00 26.52  ? 41  LYS A O   1 
ATOM   230 C CB  . LYS A 1 41  ? -13.850 7.485   4.239   1.00 30.16  ? 41  LYS A CB  1 
ATOM   231 C CG  . LYS A 1 41  ? -12.979 8.675   3.876   1.00 33.26  ? 41  LYS A CG  1 
ATOM   232 C CD  . LYS A 1 41  ? -12.018 9.015   5.001   1.00 36.18  ? 41  LYS A CD  1 
ATOM   233 C CE  . LYS A 1 41  ? -11.163 10.223  4.653   1.00 39.18  ? 41  LYS A CE  1 
ATOM   234 N NZ  . LYS A 1 41  ? -10.146 10.499  5.704   1.00 40.64  ? 41  LYS A NZ  1 
ATOM   235 N N   . ASP A 1 42  ? -13.841 3.930   4.528   1.00 26.59  ? 42  ASP A N   1 
ATOM   236 C CA  . ASP A 1 42  ? -14.713 2.830   4.918   1.00 25.55  ? 42  ASP A CA  1 
ATOM   237 C C   . ASP A 1 42  ? -14.459 2.410   6.360   1.00 24.91  ? 42  ASP A C   1 
ATOM   238 O O   . ASP A 1 42  ? -13.389 2.660   6.915   1.00 25.59  ? 42  ASP A O   1 
ATOM   239 C CB  . ASP A 1 42  ? -14.503 1.620   4.006   1.00 26.20  ? 42  ASP A CB  1 
ATOM   240 C CG  . ASP A 1 42  ? -15.719 0.713   3.966   1.00 25.57  ? 42  ASP A CG  1 
ATOM   241 O OD1 . ASP A 1 42  ? -16.725 1.112   3.348   1.00 26.74  ? 42  ASP A OD1 1 
ATOM   242 O OD2 . ASP A 1 42  ? -15.679 -0.384  4.558   1.00 29.06  ? 42  ASP A OD2 1 
ATOM   243 N N   . GLU A 1 43  ? -15.452 1.760   6.953   1.00 22.26  ? 43  GLU A N   1 
ATOM   244 C CA  . GLU A 1 43  ? -15.351 1.277   8.324   1.00 22.63  ? 43  GLU A CA  1 
ATOM   245 C C   . GLU A 1 43  ? -14.470 0.041   8.335   1.00 21.86  ? 43  GLU A C   1 
ATOM   246 O O   . GLU A 1 43  ? -13.751 -0.208  9.297   1.00 21.02  ? 43  GLU A O   1 
ATOM   247 C CB  . GLU A 1 43  ? -16.735 0.918   8.867   1.00 31.85  ? 43  GLU A CB  1 
ATOM   248 C CG  . GLU A 1 43  ? -16.748 0.540   10.348  1.00 36.59  ? 43  GLU A CG  1 
ATOM   249 C CD  . GLU A 1 43  ? -18.077 -0.049  10.785  1.00 39.00  ? 43  GLU A CD  1 
ATOM   250 O OE1 . GLU A 1 43  ? -19.128 0.462   10.345  1.00 41.25  ? 43  GLU A OE1 1 
ATOM   251 O OE2 . GLU A 1 43  ? -18.074 -1.017  11.575  1.00 41.86  ? 43  GLU A OE2 1 
ATOM   252 N N   . TYR A 1 44  ? -14.514 -0.726  7.248   1.00 22.93  ? 44  TYR A N   1 
ATOM   253 C CA  . TYR A 1 44  ? -13.720 -1.944  7.155   1.00 21.60  ? 44  TYR A CA  1 
ATOM   254 C C   . TYR A 1 44  ? -12.329 -1.776  6.561   1.00 21.19  ? 44  TYR A C   1 
ATOM   255 O O   . TYR A 1 44  ? -12.097 -0.928  5.707   1.00 20.91  ? 44  TYR A O   1 
ATOM   256 C CB  . TYR A 1 44  ? -14.484 -3.009  6.369   1.00 29.72  ? 44  TYR A CB  1 
ATOM   257 C CG  . TYR A 1 44  ? -15.674 -3.543  7.126   1.00 31.80  ? 44  TYR A CG  1 
ATOM   258 C CD1 . TYR A 1 44  ? -16.892 -2.873  7.107   1.00 34.53  ? 44  TYR A CD1 1 
ATOM   259 C CD2 . TYR A 1 44  ? -15.566 -4.694  7.902   1.00 33.78  ? 44  TYR A CD2 1 
ATOM   260 C CE1 . TYR A 1 44  ? -17.977 -3.334  7.842   1.00 36.07  ? 44  TYR A CE1 1 
ATOM   261 C CE2 . TYR A 1 44  ? -16.646 -5.167  8.645   1.00 35.38  ? 44  TYR A CE2 1 
ATOM   262 C CZ  . TYR A 1 44  ? -17.848 -4.480  8.609   1.00 36.67  ? 44  TYR A CZ  1 
ATOM   263 O OH  . TYR A 1 44  ? -18.924 -4.944  9.332   1.00 38.72  ? 44  TYR A OH  1 
ATOM   264 N N   . TYR A 1 45  ? -11.418 -2.617  7.033   1.00 20.37  ? 45  TYR A N   1 
ATOM   265 C CA  . TYR A 1 45  ? -10.023 -2.625  6.609   1.00 20.99  ? 45  TYR A CA  1 
ATOM   266 C C   . TYR A 1 45  ? -9.863  -3.212  5.205   1.00 19.75  ? 45  TYR A C   1 
ATOM   267 O O   . TYR A 1 45  ? -10.464 -4.236  4.883   1.00 20.60  ? 45  TYR A O   1 
ATOM   268 C CB  . TYR A 1 45  ? -9.223  -3.468  7.603   1.00 22.19  ? 45  TYR A CB  1 
ATOM   269 C CG  . TYR A 1 45  ? -7.756  -3.618  7.295   1.00 24.20  ? 45  TYR A CG  1 
ATOM   270 C CD1 . TYR A 1 45  ? -6.883  -2.543  7.432   1.00 24.95  ? 45  TYR A CD1 1 
ATOM   271 C CD2 . TYR A 1 45  ? -7.235  -4.845  6.898   1.00 24.32  ? 45  TYR A CD2 1 
ATOM   272 C CE1 . TYR A 1 45  ? -5.522  -2.689  7.187   1.00 25.60  ? 45  TYR A CE1 1 
ATOM   273 C CE2 . TYR A 1 45  ? -5.873  -5.002  6.650   1.00 25.30  ? 45  TYR A CE2 1 
ATOM   274 C CZ  . TYR A 1 45  ? -5.025  -3.919  6.799   1.00 25.10  ? 45  TYR A CZ  1 
ATOM   275 O OH  . TYR A 1 45  ? -3.677  -4.069  6.567   1.00 26.51  ? 45  TYR A OH  1 
ATOM   276 N N   . SER A 1 46  ? -9.066  -2.548  4.374   1.00 18.90  ? 46  SER A N   1 
ATOM   277 C CA  . SER A 1 46  ? -8.785  -3.032  3.021   1.00 18.20  ? 46  SER A CA  1 
ATOM   278 C C   . SER A 1 46  ? -7.321  -3.445  2.949   1.00 18.37  ? 46  SER A C   1 
ATOM   279 O O   . SER A 1 46  ? -6.457  -2.820  3.564   1.00 17.79  ? 46  SER A O   1 
ATOM   280 C CB  . SER A 1 46  ? -9.028  -1.940  1.968   1.00 18.84  ? 46  SER A CB  1 
ATOM   281 O OG  . SER A 1 46  ? -10.405 -1.780  1.673   1.00 20.62  ? 46  SER A OG  1 
ATOM   282 N N   . ARG A 1 47  ? -7.039  -4.517  2.221   1.00 18.20  ? 47  ARG A N   1 
ATOM   283 C CA  . ARG A 1 47  ? -5.659  -4.936  2.059   1.00 18.80  ? 47  ARG A CA  1 
ATOM   284 C C   . ARG A 1 47  ? -5.433  -5.291  0.600   1.00 16.81  ? 47  ARG A C   1 
ATOM   285 O O   . ARG A 1 47  ? -6.382  -5.476  -0.168  1.00 16.53  ? 47  ARG A O   1 
ATOM   286 C CB  . ARG A 1 47  ? -5.308  -6.103  2.989   1.00 19.19  ? 47  ARG A CB  1 
ATOM   287 C CG  . ARG A 1 47  ? -6.099  -7.374  2.798   1.00 19.39  ? 47  ARG A CG  1 
ATOM   288 C CD  . ARG A 1 47  ? -5.780  -8.323  3.949   1.00 22.34  ? 47  ARG A CD  1 
ATOM   289 N NE  . ARG A 1 47  ? -6.492  -9.591  3.843   1.00 21.50  ? 47  ARG A NE  1 
ATOM   290 C CZ  . ARG A 1 47  ? -6.125  -10.597 3.056   1.00 23.33  ? 47  ARG A CZ  1 
ATOM   291 N NH1 . ARG A 1 47  ? -5.038  -10.490 2.298   1.00 23.67  ? 47  ARG A NH1 1 
ATOM   292 N NH2 . ARG A 1 47  ? -6.853  -11.704 3.018   1.00 22.46  ? 47  ARG A NH2 1 
ATOM   293 N N   . PRO A 1 48  ? -4.170  -5.384  0.187   1.00 17.64  ? 48  PRO A N   1 
ATOM   294 C CA  . PRO A 1 48  ? -3.870  -5.702  -1.205  1.00 16.34  ? 48  PRO A CA  1 
ATOM   295 C C   . PRO A 1 48  ? -4.319  -7.039  -1.771  1.00 15.88  ? 48  PRO A C   1 
ATOM   296 O O   . PRO A 1 48  ? -4.189  -8.077  -1.129  1.00 17.40  ? 48  PRO A O   1 
ATOM   297 C CB  . PRO A 1 48  ? -2.347  -5.550  -1.273  1.00 17.64  ? 48  PRO A CB  1 
ATOM   298 C CG  . PRO A 1 48  ? -2.070  -4.521  -0.221  1.00 19.72  ? 48  PRO A CG  1 
ATOM   299 C CD  . PRO A 1 48  ? -2.938  -5.023  0.910   1.00 18.40  ? 48  PRO A CD  1 
ATOM   300 N N   . LEU A 1 49  ? -4.855  -6.968  -2.988  1.00 17.47  ? 49  LEU A N   1 
ATOM   301 C CA  . LEU A 1 49  ? -5.279  -8.125  -3.767  1.00 17.55  ? 49  LEU A CA  1 
ATOM   302 C C   . LEU A 1 49  ? -4.163  -8.367  -4.794  1.00 18.72  ? 49  LEU A C   1 
ATOM   303 O O   . LEU A 1 49  ? -3.886  -9.505  -5.181  1.00 17.69  ? 49  LEU A O   1 
ATOM   304 C CB  . LEU A 1 49  ? -6.564  -7.812  -4.522  1.00 18.71  ? 49  LEU A CB  1 
ATOM   305 C CG  . LEU A 1 49  ? -7.855  -7.785  -3.716  1.00 18.64  ? 49  LEU A CG  1 
ATOM   306 C CD1 . LEU A 1 49  ? -8.974  -7.195  -4.565  1.00 19.31  ? 49  LEU A CD1 1 
ATOM   307 C CD2 . LEU A 1 49  ? -8.199  -9.205  -3.288  1.00 20.49  ? 49  LEU A CD2 1 
ATOM   308 N N   . GLN A 1 50  ? -3.542  -7.272  -5.235  1.00 17.64  ? 50  GLN A N   1 
ATOM   309 C CA  . GLN A 1 50  ? -2.459  -7.318  -6.223  1.00 19.59  ? 50  GLN A CA  1 
ATOM   310 C C   . GLN A 1 50  ? -1.477  -6.191  -5.934  1.00 18.83  ? 50  GLN A C   1 
ATOM   311 O O   . GLN A 1 50  ? -1.865  -5.142  -5.423  1.00 16.59  ? 50  GLN A O   1 
ATOM   312 C CB  . GLN A 1 50  ? -2.989  -7.086  -7.643  1.00 30.71  ? 50  GLN A CB  1 
ATOM   313 C CG  . GLN A 1 50  ? -4.012  -8.072  -8.161  1.00 38.64  ? 50  GLN A CG  1 
ATOM   314 C CD  . GLN A 1 50  ? -4.465  -7.716  -9.571  1.00 42.03  ? 50  GLN A CD  1 
ATOM   315 O OE1 . GLN A 1 50  ? -5.052  -6.660  -9.800  1.00 44.70  ? 50  GLN A OE1 1 
ATOM   316 N NE2 . GLN A 1 50  ? -4.180  -8.591  -10.522 1.00 45.84  ? 50  GLN A NE2 1 
ATOM   317 N N   . VAL A 1 51  ? -0.211  -6.397  -6.281  1.00 18.94  ? 51  VAL A N   1 
ATOM   318 C CA  . VAL A 1 51  ? 0.794   -5.363  -6.080  1.00 18.85  ? 51  VAL A CA  1 
ATOM   319 C C   . VAL A 1 51  ? 1.911   -5.481  -7.110  1.00 18.60  ? 51  VAL A C   1 
ATOM   320 O O   . VAL A 1 51  ? 2.437   -6.569  -7.338  1.00 20.00  ? 51  VAL A O   1 
ATOM   321 C CB  . VAL A 1 51  ? 1.469   -5.450  -4.687  1.00 22.05  ? 51  VAL A CB  1 
ATOM   322 C CG1 . VAL A 1 51  ? 2.515   -4.350  -4.567  1.00 22.16  ? 51  VAL A CG1 1 
ATOM   323 C CG2 . VAL A 1 51  ? 0.437   -5.324  -3.573  1.00 21.77  ? 51  VAL A CG2 1 
ATOM   324 N N   . MET A 1 52  ? 2.252   -4.357  -7.733  1.00 22.42  ? 52  MET A N   1 
ATOM   325 C CA  . MET A 1 52  ? 3.355   -4.286  -8.695  1.00 23.29  ? 52  MET A CA  1 
ATOM   326 C C   . MET A 1 52  ? 4.287   -3.261  -8.058  1.00 22.48  ? 52  MET A C   1 
ATOM   327 O O   . MET A 1 52  ? 3.852   -2.174  -7.670  1.00 22.13  ? 52  MET A O   1 
ATOM   328 C CB  . MET A 1 52  ? 2.881   -3.790  -10.056 1.00 44.95  ? 52  MET A CB  1 
ATOM   329 C CG  . MET A 1 52  ? 1.950   -4.741  -10.778 1.00 49.40  ? 52  MET A CG  1 
ATOM   330 S SD  . MET A 1 52  ? 1.599   -4.223  -12.476 1.00 59.23  ? 52  MET A SD  1 
ATOM   331 C CE  . MET A 1 52  ? 2.170   -2.527  -12.481 1.00 55.84  ? 52  MET A CE  1 
ATOM   332 N N   . ALA A 1 53  ? 5.566   -3.595  -7.941  1.00 21.60  ? 53  ALA A N   1 
ATOM   333 C CA  . ALA A 1 53  ? 6.491   -2.695  -7.277  1.00 21.30  ? 53  ALA A CA  1 
ATOM   334 C C   . ALA A 1 53  ? 7.745   -2.373  -8.075  1.00 21.35  ? 53  ALA A C   1 
ATOM   335 O O   . ALA A 1 53  ? 8.203   -3.179  -8.887  1.00 22.11  ? 53  ALA A O   1 
ATOM   336 C CB  . ALA A 1 53  ? 6.879   -3.289  -5.919  1.00 20.61  ? 53  ALA A CB  1 
ATOM   337 N N   . ALA A 1 54  ? 8.280   -1.177  -7.824  1.00 20.61  ? 54  ALA A N   1 
ATOM   338 C CA  . ALA A 1 54  ? 9.507   -0.695  -8.460  1.00 21.50  ? 54  ALA A CA  1 
ATOM   339 C C   . ALA A 1 54  ? 10.218  0.216   -7.464  1.00 21.24  ? 54  ALA A C   1 
ATOM   340 O O   . ALA A 1 54  ? 9.598   0.762   -6.554  1.00 21.75  ? 54  ALA A O   1 
ATOM   341 C CB  . ALA A 1 54  ? 9.180   0.075   -9.742  1.00 20.30  ? 54  ALA A CB  1 
ATOM   342 N N   . TYR A 1 55  ? 11.525  0.379   -7.626  1.00 19.41  ? 55  TYR A N   1 
ATOM   343 C CA  . TYR A 1 55  ? 12.281  1.241   -6.727  1.00 20.38  ? 55  TYR A CA  1 
ATOM   344 C C   . TYR A 1 55  ? 13.258  2.090   -7.526  1.00 19.56  ? 55  TYR A C   1 
ATOM   345 O O   . TYR A 1 55  ? 13.599  1.762   -8.659  1.00 19.57  ? 55  TYR A O   1 
ATOM   346 C CB  . TYR A 1 55  ? 13.046  0.406   -5.699  1.00 29.84  ? 55  TYR A CB  1 
ATOM   347 C CG  . TYR A 1 55  ? 14.234  -0.326  -6.275  1.00 30.30  ? 55  TYR A CG  1 
ATOM   348 C CD1 . TYR A 1 55  ? 15.490  0.277   -6.329  1.00 33.10  ? 55  TYR A CD1 1 
ATOM   349 C CD2 . TYR A 1 55  ? 14.099  -1.613  -6.789  1.00 33.88  ? 55  TYR A CD2 1 
ATOM   350 C CE1 . TYR A 1 55  ? 16.583  -0.384  -6.884  1.00 34.55  ? 55  TYR A CE1 1 
ATOM   351 C CE2 . TYR A 1 55  ? 15.184  -2.285  -7.347  1.00 35.07  ? 55  TYR A CE2 1 
ATOM   352 C CZ  . TYR A 1 55  ? 16.423  -1.664  -7.392  1.00 36.28  ? 55  TYR A CZ  1 
ATOM   353 O OH  . TYR A 1 55  ? 17.499  -2.322  -7.944  1.00 37.82  ? 55  TYR A OH  1 
ATOM   354 N N   . GLN A 1 56  ? 13.709  3.173   -6.912  1.00 19.70  ? 56  GLN A N   1 
ATOM   355 C CA  . GLN A 1 56  ? 14.631  4.097   -7.553  1.00 22.47  ? 56  GLN A CA  1 
ATOM   356 C C   . GLN A 1 56  ? 15.558  4.697   -6.517  1.00 21.84  ? 56  GLN A C   1 
ATOM   357 O O   . GLN A 1 56  ? 15.107  5.272   -5.527  1.00 21.40  ? 56  GLN A O   1 
ATOM   358 C CB  . GLN A 1 56  ? 13.843  5.215   -8.234  1.00 31.66  ? 56  GLN A CB  1 
ATOM   359 C CG  . GLN A 1 56  ? 14.680  6.430   -8.624  1.00 33.71  ? 56  GLN A CG  1 
ATOM   360 C CD  . GLN A 1 56  ? 13.831  7.588   -9.114  1.00 34.63  ? 56  GLN A CD  1 
ATOM   361 O OE1 . GLN A 1 56  ? 12.914  8.033   -8.427  1.00 37.47  ? 56  GLN A OE1 1 
ATOM   362 N NE2 . GLN A 1 56  ? 14.140  8.087   -10.304 1.00 37.35  ? 56  GLN A NE2 1 
ATOM   363 N N   . GLN A 1 57  ? 16.857  4.568   -6.739  1.00 26.62  ? 57  GLN A N   1 
ATOM   364 C CA  . GLN A 1 57  ? 17.801  5.147   -5.802  1.00 29.42  ? 57  GLN A CA  1 
ATOM   365 C C   . GLN A 1 57  ? 18.119  6.566   -6.239  1.00 29.67  ? 57  GLN A C   1 
ATOM   366 O O   . GLN A 1 57  ? 18.470  6.811   -7.395  1.00 30.51  ? 57  GLN A O   1 
ATOM   367 C CB  . GLN A 1 57  ? 19.076  4.306   -5.726  1.00 43.88  ? 57  GLN A CB  1 
ATOM   368 C CG  . GLN A 1 57  ? 18.864  2.963   -5.048  1.00 47.77  ? 57  GLN A CG  1 
ATOM   369 C CD  . GLN A 1 57  ? 20.162  2.239   -4.764  1.00 51.30  ? 57  GLN A CD  1 
ATOM   370 O OE1 . GLN A 1 57  ? 21.053  2.776   -4.101  1.00 53.70  ? 57  GLN A OE1 1 
ATOM   371 N NE2 . GLN A 1 57  ? 20.276  1.012   -5.259  1.00 52.27  ? 57  GLN A NE2 1 
ATOM   372 N N   . ILE A 1 58  ? 17.972  7.498   -5.307  1.00 27.53  ? 58  ILE A N   1 
ATOM   373 C CA  . ILE A 1 58  ? 18.244  8.907   -5.562  1.00 29.26  ? 58  ILE A CA  1 
ATOM   374 C C   . ILE A 1 58  ? 19.190  9.418   -4.485  1.00 30.24  ? 58  ILE A C   1 
ATOM   375 O O   . ILE A 1 58  ? 19.477  8.714   -3.514  1.00 28.64  ? 58  ILE A O   1 
ATOM   376 C CB  . ILE A 1 58  ? 16.954  9.750   -5.505  1.00 35.15  ? 58  ILE A CB  1 
ATOM   377 C CG1 . ILE A 1 58  ? 16.339  9.668   -4.104  1.00 35.78  ? 58  ILE A CG1 1 
ATOM   378 C CG2 . ILE A 1 58  ? 15.968  9.261   -6.555  1.00 34.77  ? 58  ILE A CG2 1 
ATOM   379 C CD1 . ILE A 1 58  ? 15.077  10.491  -3.930  1.00 36.27  ? 58  ILE A CD1 1 
ATOM   380 N N   . VAL A 1 59  ? 19.676  10.641  -4.662  1.00 39.49  ? 59  VAL A N   1 
ATOM   381 C CA  . VAL A 1 59  ? 20.572  11.247  -3.690  1.00 40.99  ? 59  VAL A CA  1 
ATOM   382 C C   . VAL A 1 59  ? 19.803  11.485  -2.396  1.00 40.66  ? 59  VAL A C   1 
ATOM   383 O O   . VAL A 1 59  ? 18.787  12.179  -2.385  1.00 41.67  ? 59  VAL A O   1 
ATOM   384 C CB  . VAL A 1 59  ? 21.117  12.599  -4.199  1.00 41.78  ? 59  VAL A CB  1 
ATOM   385 C CG1 . VAL A 1 59  ? 21.991  13.251  -3.135  1.00 42.58  ? 59  VAL A CG1 1 
ATOM   386 C CG2 . VAL A 1 59  ? 21.902  12.386  -5.479  1.00 41.95  ? 59  VAL A CG2 1 
ATOM   387 N N   . GLY A 1 60  ? 20.285  10.895  -1.308  1.00 37.19  ? 60  GLY A N   1 
ATOM   388 C CA  . GLY A 1 60  ? 19.627  11.079  -0.030  1.00 36.52  ? 60  GLY A CA  1 
ATOM   389 C C   . GLY A 1 60  ? 18.534  10.074  0.289   1.00 34.80  ? 60  GLY A C   1 
ATOM   390 O O   . GLY A 1 60  ? 17.845  10.215  1.301   1.00 35.73  ? 60  GLY A O   1 
ATOM   391 N N   . GLY A 1 61  ? 18.357  9.065   -0.557  1.00 34.10  ? 61  GLY A N   1 
ATOM   392 C CA  . GLY A 1 61  ? 17.327  8.084   -0.270  1.00 32.12  ? 61  GLY A CA  1 
ATOM   393 C C   . GLY A 1 61  ? 16.898  7.175   -1.400  1.00 30.49  ? 61  GLY A C   1 
ATOM   394 O O   . GLY A 1 61  ? 17.614  6.975   -2.383  1.00 30.40  ? 61  GLY A O   1 
ATOM   395 N N   . VAL A 1 62  ? 15.706  6.611   -1.249  1.00 24.01  ? 62  VAL A N   1 
ATOM   396 C CA  . VAL A 1 62  ? 15.165  5.705   -2.245  1.00 23.84  ? 62  VAL A CA  1 
ATOM   397 C C   . VAL A 1 62  ? 13.669  5.927   -2.367  1.00 22.72  ? 62  VAL A C   1 
ATOM   398 O O   . VAL A 1 62  ? 12.988  6.211   -1.384  1.00 23.05  ? 62  VAL A O   1 
ATOM   399 C CB  . VAL A 1 62  ? 15.413  4.224   -1.846  1.00 32.19  ? 62  VAL A CB  1 
ATOM   400 C CG1 . VAL A 1 62  ? 14.760  3.935   -0.509  1.00 34.02  ? 62  VAL A CG1 1 
ATOM   401 C CG2 . VAL A 1 62  ? 14.854  3.287   -2.910  1.00 32.86  ? 62  VAL A CG2 1 
ATOM   402 N N   . ASN A 1 63  ? 13.164  5.827   -3.583  1.00 23.28  ? 63  ASN A N   1 
ATOM   403 C CA  . ASN A 1 63  ? 11.738  5.983   -3.792  1.00 23.12  ? 63  ASN A CA  1 
ATOM   404 C C   . ASN A 1 63  ? 11.191  4.628   -4.180  1.00 20.01  ? 63  ASN A C   1 
ATOM   405 O O   . ASN A 1 63  ? 11.853  3.861   -4.880  1.00 20.59  ? 63  ASN A O   1 
ATOM   406 C CB  . ASN A 1 63  ? 11.442  6.981   -4.919  1.00 29.10  ? 63  ASN A CB  1 
ATOM   407 C CG  . ASN A 1 63  ? 11.713  8.413   -4.518  1.00 31.37  ? 63  ASN A CG  1 
ATOM   408 O OD1 . ASN A 1 63  ? 11.412  8.827   -3.400  1.00 34.27  ? 63  ASN A OD1 1 
ATOM   409 N ND2 . ASN A 1 63  ? 12.270  9.187   -5.440  1.00 35.43  ? 63  ASN A ND2 1 
ATOM   410 N N   . TYR A 1 64  ? 9.983   4.330   -3.713  1.00 18.75  ? 64  TYR A N   1 
ATOM   411 C CA  . TYR A 1 64  ? 9.316   3.082   -4.049  1.00 17.76  ? 64  TYR A CA  1 
ATOM   412 C C   . TYR A 1 64  ? 8.038   3.456   -4.776  1.00 16.89  ? 64  TYR A C   1 
ATOM   413 O O   . TYR A 1 64  ? 7.367   4.409   -4.397  1.00 17.58  ? 64  TYR A O   1 
ATOM   414 C CB  . TYR A 1 64  ? 8.935   2.287   -2.798  1.00 22.21  ? 64  TYR A CB  1 
ATOM   415 C CG  . TYR A 1 64  ? 10.111  1.911   -1.935  1.00 23.60  ? 64  TYR A CG  1 
ATOM   416 C CD1 . TYR A 1 64  ? 10.549  2.758   -0.921  1.00 24.82  ? 64  TYR A CD1 1 
ATOM   417 C CD2 . TYR A 1 64  ? 10.796  0.716   -2.146  1.00 25.87  ? 64  TYR A CD2 1 
ATOM   418 C CE1 . TYR A 1 64  ? 11.651  2.423   -0.130  1.00 26.57  ? 64  TYR A CE1 1 
ATOM   419 C CE2 . TYR A 1 64  ? 11.901  0.373   -1.364  1.00 27.59  ? 64  TYR A CE2 1 
ATOM   420 C CZ  . TYR A 1 64  ? 12.318  1.230   -0.362  1.00 27.18  ? 64  TYR A CZ  1 
ATOM   421 O OH  . TYR A 1 64  ? 13.403  0.894   0.417   1.00 30.32  ? 64  TYR A OH  1 
ATOM   422 N N   . TYR A 1 65  ? 7.709   2.703   -5.813  1.00 18.48  ? 65  TYR A N   1 
ATOM   423 C CA  . TYR A 1 65  ? 6.503   2.958   -6.582  1.00 19.44  ? 65  TYR A CA  1 
ATOM   424 C C   . TYR A 1 65  ? 5.645   1.710   -6.556  1.00 19.54  ? 65  TYR A C   1 
ATOM   425 O O   . TYR A 1 65  ? 6.100   0.630   -6.942  1.00 18.35  ? 65  TYR A O   1 
ATOM   426 C CB  . TYR A 1 65  ? 6.858   3.295   -8.025  1.00 20.08  ? 65  TYR A CB  1 
ATOM   427 C CG  . TYR A 1 65  ? 7.769   4.484   -8.133  1.00 20.61  ? 65  TYR A CG  1 
ATOM   428 C CD1 . TYR A 1 65  ? 9.142   4.324   -8.312  1.00 22.33  ? 65  TYR A CD1 1 
ATOM   429 C CD2 . TYR A 1 65  ? 7.266   5.774   -8.000  1.00 22.44  ? 65  TYR A CD2 1 
ATOM   430 C CE1 . TYR A 1 65  ? 9.995   5.426   -8.353  1.00 22.57  ? 65  TYR A CE1 1 
ATOM   431 C CE2 . TYR A 1 65  ? 8.109   6.882   -8.036  1.00 21.68  ? 65  TYR A CE2 1 
ATOM   432 C CZ  . TYR A 1 65  ? 9.469   6.701   -8.212  1.00 22.70  ? 65  TYR A CZ  1 
ATOM   433 O OH  . TYR A 1 65  ? 10.302  7.799   -8.240  1.00 24.76  ? 65  TYR A OH  1 
ATOM   434 N N   . PHE A 1 66  ? 4.401   1.856   -6.109  1.00 21.74  ? 66  PHE A N   1 
ATOM   435 C CA  . PHE A 1 66  ? 3.510   0.713   -6.056  1.00 21.68  ? 66  PHE A CA  1 
ATOM   436 C C   . PHE A 1 66  ? 2.206   0.951   -6.799  1.00 22.53  ? 66  PHE A C   1 
ATOM   437 O O   . PHE A 1 66  ? 1.644   2.046   -6.753  1.00 22.59  ? 66  PHE A O   1 
ATOM   438 C CB  . PHE A 1 66  ? 3.135   0.355   -4.610  1.00 19.96  ? 66  PHE A CB  1 
ATOM   439 C CG  . PHE A 1 66  ? 4.302   0.031   -3.718  1.00 19.00  ? 66  PHE A CG  1 
ATOM   440 C CD1 . PHE A 1 66  ? 4.731   0.943   -2.758  1.00 19.92  ? 66  PHE A CD1 1 
ATOM   441 C CD2 . PHE A 1 66  ? 4.934   -1.205  -3.795  1.00 21.26  ? 66  PHE A CD2 1 
ATOM   442 C CE1 . PHE A 1 66  ? 5.775   0.622   -1.884  1.00 21.68  ? 66  PHE A CE1 1 
ATOM   443 C CE2 . PHE A 1 66  ? 5.983   -1.530  -2.919  1.00 18.18  ? 66  PHE A CE2 1 
ATOM   444 C CZ  . PHE A 1 66  ? 6.394   -0.620  -1.971  1.00 18.06  ? 66  PHE A CZ  1 
ATOM   445 N N   . ASN A 1 67  ? 1.755   -0.089  -7.493  1.00 21.71  ? 67  ASN A N   1 
ATOM   446 C CA  . ASN A 1 67  ? 0.465   -0.096  -8.175  1.00 21.52  ? 67  ASN A CA  1 
ATOM   447 C C   . ASN A 1 67  ? -0.229  -1.148  -7.328  1.00 21.56  ? 67  ASN A C   1 
ATOM   448 O O   . ASN A 1 67  ? 0.150   -2.326  -7.355  1.00 22.08  ? 67  ASN A O   1 
ATOM   449 C CB  . ASN A 1 67  ? 0.587   -0.577  -9.622  1.00 25.75  ? 67  ASN A CB  1 
ATOM   450 C CG  . ASN A 1 67  ? 1.025   0.522   -10.556 1.00 28.47  ? 67  ASN A CG  1 
ATOM   451 O OD1 . ASN A 1 67  ? 0.756   1.695   -10.309 1.00 27.92  ? 67  ASN A OD1 1 
ATOM   452 N ND2 . ASN A 1 67  ? 1.692   0.152   -11.645 1.00 30.89  ? 67  ASN A ND2 1 
ATOM   453 N N   . VAL A 1 68  ? -1.219  -0.717  -6.556  1.00 18.72  ? 68  VAL A N   1 
ATOM   454 C CA  . VAL A 1 68  ? -1.917  -1.612  -5.651  1.00 18.81  ? 68  VAL A CA  1 
ATOM   455 C C   . VAL A 1 68  ? -3.415  -1.694  -5.855  1.00 18.68  ? 68  VAL A C   1 
ATOM   456 O O   . VAL A 1 68  ? -4.086  -0.676  -5.946  1.00 17.47  ? 68  VAL A O   1 
ATOM   457 C CB  . VAL A 1 68  ? -1.712  -1.171  -4.199  1.00 17.98  ? 68  VAL A CB  1 
ATOM   458 C CG1 . VAL A 1 68  ? -2.338  -2.191  -3.262  1.00 19.11  ? 68  VAL A CG1 1 
ATOM   459 C CG2 . VAL A 1 68  ? -0.227  -0.984  -3.908  1.00 16.94  ? 68  VAL A CG2 1 
ATOM   460 N N   . LYS A 1 69  ? -3.933  -2.915  -5.894  1.00 16.39  ? 69  LYS A N   1 
ATOM   461 C CA  . LYS A 1 69  ? -5.367  -3.111  -6.007  1.00 17.44  ? 69  LYS A CA  1 
ATOM   462 C C   . LYS A 1 69  ? -5.795  -3.558  -4.622  1.00 17.31  ? 69  LYS A C   1 
ATOM   463 O O   . LYS A 1 69  ? -5.322  -4.583  -4.122  1.00 18.62  ? 69  LYS A O   1 
ATOM   464 C CB  . LYS A 1 69  ? -5.697  -4.201  -7.023  1.00 26.73  ? 69  LYS A CB  1 
ATOM   465 C CG  . LYS A 1 69  ? -7.187  -4.425  -7.201  1.00 29.40  ? 69  LYS A CG  1 
ATOM   466 C CD  . LYS A 1 69  ? -7.431  -5.554  -8.180  1.00 33.36  ? 69  LYS A CD  1 
ATOM   467 C CE  . LYS A 1 69  ? -8.906  -5.818  -8.362  1.00 36.02  ? 69  LYS A CE  1 
ATOM   468 N NZ  . LYS A 1 69  ? -9.116  -6.951  -9.300  1.00 38.80  ? 69  LYS A NZ  1 
ATOM   469 N N   . PHE A 1 70  ? -6.660  -2.770  -3.995  1.00 18.07  ? 70  PHE A N   1 
ATOM   470 C CA  . PHE A 1 70  ? -7.164  -3.063  -2.660  1.00 18.29  ? 70  PHE A CA  1 
ATOM   471 C C   . PHE A 1 70  ? -8.528  -3.715  -2.731  1.00 17.76  ? 70  PHE A C   1 
ATOM   472 O O   . PHE A 1 70  ? -9.299  -3.450  -3.646  1.00 17.82  ? 70  PHE A O   1 
ATOM   473 C CB  . PHE A 1 70  ? -7.319  -1.783  -1.839  1.00 16.52  ? 70  PHE A CB  1 
ATOM   474 C CG  . PHE A 1 70  ? -6.022  -1.179  -1.397  1.00 17.46  ? 70  PHE A CG  1 
ATOM   475 C CD1 . PHE A 1 70  ? -5.460  -0.121  -2.094  1.00 18.34  ? 70  PHE A CD1 1 
ATOM   476 C CD2 . PHE A 1 70  ? -5.371  -1.665  -0.267  1.00 17.52  ? 70  PHE A CD2 1 
ATOM   477 C CE1 . PHE A 1 70  ? -4.265  0.457   -1.670  1.00 20.26  ? 70  PHE A CE1 1 
ATOM   478 C CE2 . PHE A 1 70  ? -4.178  -1.102  0.164   1.00 18.48  ? 70  PHE A CE2 1 
ATOM   479 C CZ  . PHE A 1 70  ? -3.622  -0.035  -0.540  1.00 19.96  ? 70  PHE A CZ  1 
ATOM   480 N N   . GLY A 1 71  ? -8.811  -4.557  -1.742  1.00 18.54  ? 71  GLY A N   1 
ATOM   481 C CA  . GLY A 1 71  ? -10.096 -5.220  -1.651  1.00 17.92  ? 71  GLY A CA  1 
ATOM   482 C C   . GLY A 1 71  ? -10.548 -5.065  -0.211  1.00 17.39  ? 71  GLY A C   1 
ATOM   483 O O   . GLY A 1 71  ? -9.727  -5.102  0.699   1.00 15.56  ? 71  GLY A O   1 
ATOM   484 N N   . ARG A 1 72  ? -11.844 -4.874  0.010   1.00 18.72  ? 72  ARG A N   1 
ATOM   485 C CA  . ARG A 1 72  ? -12.351 -4.723  1.373   1.00 19.29  ? 72  ARG A CA  1 
ATOM   486 C C   . ARG A 1 72  ? -12.412 -6.060  2.104   1.00 19.85  ? 72  ARG A C   1 
ATOM   487 O O   . ARG A 1 72  ? -12.830 -7.068  1.523   1.00 19.74  ? 72  ARG A O   1 
ATOM   488 C CB  . ARG A 1 72  ? -13.756 -4.127  1.352   1.00 21.18  ? 72  ARG A CB  1 
ATOM   489 C CG  . ARG A 1 72  ? -14.438 -4.181  2.710   1.00 24.11  ? 72  ARG A CG  1 
ATOM   490 C CD  . ARG A 1 72  ? -15.926 -4.007  2.548   1.00 25.88  ? 72  ARG A CD  1 
ATOM   491 N NE  . ARG A 1 72  ? -16.307 -2.608  2.442   1.00 25.73  ? 72  ARG A NE  1 
ATOM   492 C CZ  . ARG A 1 72  ? -17.444 -2.203  1.885   1.00 27.02  ? 72  ARG A CZ  1 
ATOM   493 N NH1 . ARG A 1 72  ? -18.284 -3.094  1.378   1.00 25.95  ? 72  ARG A NH1 1 
ATOM   494 N NH2 . ARG A 1 72  ? -17.756 -0.916  1.864   1.00 27.66  ? 72  ARG A NH2 1 
ATOM   495 N N   . THR A 1 73  ? -12.007 -6.065  3.373   1.00 21.01  ? 73  THR A N   1 
ATOM   496 C CA  . THR A 1 73  ? -12.041 -7.279  4.191   1.00 20.81  ? 73  THR A CA  1 
ATOM   497 C C   . THR A 1 73  ? -13.240 -7.244  5.138   1.00 21.86  ? 73  THR A C   1 
ATOM   498 O O   . THR A 1 73  ? -14.000 -6.274  5.160   1.00 20.65  ? 73  THR A O   1 
ATOM   499 C CB  . THR A 1 73  ? -10.762 -7.450  5.047   1.00 20.18  ? 73  THR A CB  1 
ATOM   500 O OG1 . THR A 1 73  ? -10.738 -6.471  6.095   1.00 20.81  ? 73  THR A OG1 1 
ATOM   501 C CG2 . THR A 1 73  ? -9.518  -7.311  4.176   1.00 20.02  ? 73  THR A CG2 1 
ATOM   502 N N   . THR A 1 74  ? -13.396 -8.307  5.919   1.00 24.67  ? 74  THR A N   1 
ATOM   503 C CA  . THR A 1 74  ? -14.499 -8.402  6.864   1.00 27.59  ? 74  THR A CA  1 
ATOM   504 C C   . THR A 1 74  ? -14.109 -7.914  8.260   1.00 29.22  ? 74  THR A C   1 
ATOM   505 O O   . THR A 1 74  ? -14.886 -8.032  9.212   1.00 29.91  ? 74  THR A O   1 
ATOM   506 C CB  . THR A 1 74  ? -15.024 -9.851  6.935   1.00 24.91  ? 74  THR A CB  1 
ATOM   507 O OG1 . THR A 1 74  ? -13.960 -10.734 7.316   1.00 24.81  ? 74  THR A OG1 1 
ATOM   508 C CG2 . THR A 1 74  ? -15.563 -10.279 5.573   1.00 24.29  ? 74  THR A CG2 1 
ATOM   509 N N   . CYS A 1 75  ? -12.901 -7.367  8.373   1.00 25.82  ? 75  CYS A N   1 
ATOM   510 C CA  . CYS A 1 75  ? -12.406 -6.831  9.638   1.00 27.99  ? 75  CYS A CA  1 
ATOM   511 C C   . CYS A 1 75  ? -12.607 -5.325  9.651   1.00 27.28  ? 75  CYS A C   1 
ATOM   512 O O   . CYS A 1 75  ? -12.450 -4.674  8.620   1.00 25.81  ? 75  CYS A O   1 
ATOM   513 C CB  . CYS A 1 75  ? -10.904 -7.068  9.808   1.00 30.59  ? 75  CYS A CB  1 
ATOM   514 S SG  . CYS A 1 75  ? -10.336 -8.762  10.122  1.00 35.79  ? 75  CYS A SG  1 
ATOM   515 N N   . THR A 1 76  ? -12.948 -4.775  10.813  1.00 24.09  ? 76  THR A N   1 
ATOM   516 C CA  . THR A 1 76  ? -13.112 -3.331  10.932  1.00 24.11  ? 76  THR A CA  1 
ATOM   517 C C   . THR A 1 76  ? -11.703 -2.796  11.140  1.00 23.47  ? 76  THR A C   1 
ATOM   518 O O   . THR A 1 76  ? -10.836 -3.509  11.628  1.00 23.43  ? 76  THR A O   1 
ATOM   519 C CB  . THR A 1 76  ? -13.969 -2.955  12.147  1.00 31.41  ? 76  THR A CB  1 
ATOM   520 O OG1 . THR A 1 76  ? -13.366 -3.484  13.333  1.00 33.75  ? 76  THR A OG1 1 
ATOM   521 C CG2 . THR A 1 76  ? -15.371 -3.513  12.000  1.00 31.55  ? 76  THR A CG2 1 
ATOM   522 N N   . LYS A 1 77  ? -11.468 -1.543  10.778  1.00 27.72  ? 77  LYS A N   1 
ATOM   523 C CA  . LYS A 1 77  ? -10.140 -0.968  10.918  1.00 28.95  ? 77  LYS A CA  1 
ATOM   524 C C   . LYS A 1 77  ? -9.693  -0.850  12.363  1.00 31.28  ? 77  LYS A C   1 
ATOM   525 O O   . LYS A 1 77  ? -8.506  -0.680  12.637  1.00 31.50  ? 77  LYS A O   1 
ATOM   526 C CB  . LYS A 1 77  ? -10.098 0.414   10.272  1.00 26.00  ? 77  LYS A CB  1 
ATOM   527 C CG  . LYS A 1 77  ? -10.334 0.406   8.773   1.00 23.51  ? 77  LYS A CG  1 
ATOM   528 C CD  . LYS A 1 77  ? -10.325 1.809   8.216   1.00 24.12  ? 77  LYS A CD  1 
ATOM   529 C CE  . LYS A 1 77  ? -10.523 1.796   6.711   1.00 23.57  ? 77  LYS A CE  1 
ATOM   530 N NZ  . LYS A 1 77  ? -10.607 3.178   6.168   1.00 21.36  ? 77  LYS A NZ  1 
ATOM   531 N N   . SER A 1 78  ? -10.645 -0.959  13.283  1.00 34.47  ? 78  SER A N   1 
ATOM   532 C CA  . SER A 1 78  ? -10.364 -0.819  14.704  1.00 38.06  ? 78  SER A CA  1 
ATOM   533 C C   . SER A 1 78  ? -10.085 -2.107  15.469  1.00 40.78  ? 78  SER A C   1 
ATOM   534 O O   . SER A 1 78  ? -9.916  -2.071  16.684  1.00 41.21  ? 78  SER A O   1 
ATOM   535 C CB  . SER A 1 78  ? -11.521 -0.085  15.380  1.00 38.42  ? 78  SER A CB  1 
ATOM   536 O OG  . SER A 1 78  ? -12.725 -0.815  15.230  1.00 39.45  ? 78  SER A OG  1 
ATOM   537 N N   . GLN A 1 79  ? -10.037 -3.245  14.787  1.00 44.28  ? 79  GLN A N   1 
ATOM   538 C CA  . GLN A 1 79  ? -9.769  -4.485  15.505  1.00 47.85  ? 79  GLN A CA  1 
ATOM   539 C C   . GLN A 1 79  ? -8.298  -4.880  15.421  1.00 49.90  ? 79  GLN A C   1 
ATOM   540 O O   . GLN A 1 79  ? -7.700  -4.885  14.343  1.00 50.61  ? 79  GLN A O   1 
ATOM   541 C CB  . GLN A 1 79  ? -10.673 -5.615  15.001  1.00 51.28  ? 79  GLN A CB  1 
ATOM   542 C CG  . GLN A 1 79  ? -10.473 -6.033  13.566  1.00 52.09  ? 79  GLN A CG  1 
ATOM   543 C CD  . GLN A 1 79  ? -11.477 -7.092  13.148  1.00 52.80  ? 79  GLN A CD  1 
ATOM   544 O OE1 . GLN A 1 79  ? -12.671 -6.815  13.007  1.00 52.24  ? 79  GLN A OE1 1 
ATOM   545 N NE2 . GLN A 1 79  ? -10.998 -8.317  12.964  1.00 53.63  ? 79  GLN A NE2 1 
ATOM   546 N N   . PRO A 1 80  ? -7.696  -5.215  16.574  1.00 93.12  ? 80  PRO A N   1 
ATOM   547 C CA  . PRO A 1 80  ? -6.294  -5.617  16.721  1.00 93.74  ? 80  PRO A CA  1 
ATOM   548 C C   . PRO A 1 80  ? -5.701  -6.429  15.572  1.00 94.38  ? 80  PRO A C   1 
ATOM   549 O O   . PRO A 1 80  ? -4.811  -5.952  14.867  1.00 94.86  ? 80  PRO A O   1 
ATOM   550 C CB  . PRO A 1 80  ? -6.303  -6.385  18.037  1.00 71.07  ? 80  PRO A CB  1 
ATOM   551 C CG  . PRO A 1 80  ? -7.280  -5.600  18.841  1.00 71.13  ? 80  PRO A CG  1 
ATOM   552 C CD  . PRO A 1 80  ? -8.411  -5.384  17.853  1.00 70.06  ? 80  PRO A CD  1 
ATOM   553 N N   . ASN A 1 81  ? -6.189  -7.649  15.379  1.00 66.05  ? 81  ASN A N   1 
ATOM   554 C CA  . ASN A 1 81  ? -5.665  -8.499  14.316  1.00 66.06  ? 81  ASN A CA  1 
ATOM   555 C C   . ASN A 1 81  ? -6.197  -8.116  12.941  1.00 65.06  ? 81  ASN A C   1 
ATOM   556 O O   . ASN A 1 81  ? -7.396  -7.902  12.762  1.00 66.51  ? 81  ASN A O   1 
ATOM   557 C CB  . ASN A 1 81  ? -5.987  -9.968  14.602  1.00 165.51 ? 81  ASN A CB  1 
ATOM   558 C CG  . ASN A 1 81  ? -5.486  -10.421 15.963  1.00 114.34 ? 81  ASN A CG  1 
ATOM   559 O OD1 . ASN A 1 81  ? -4.313  -10.215 16.320  1.00 114.34 ? 81  ASN A OD1 1 
ATOM   560 N ND2 . ASN A 1 81  ? -6.365  -11.057 16.736  1.00 114.34 ? 81  ASN A ND2 1 
ATOM   561 N N   . LEU A 1 82  ? -5.288  -8.033  11.974  1.00 54.58  ? 82  LEU A N   1 
ATOM   562 C CA  . LEU A 1 82  ? -5.628  -7.686  10.599  1.00 53.64  ? 82  LEU A CA  1 
ATOM   563 C C   . LEU A 1 82  ? -4.691  -8.445  9.664   1.00 53.65  ? 82  LEU A C   1 
ATOM   564 O O   . LEU A 1 82  ? -4.067  -9.425  10.071  1.00 54.54  ? 82  LEU A O   1 
ATOM   565 C CB  . LEU A 1 82  ? -5.469  -6.179  10.371  1.00 44.07  ? 82  LEU A CB  1 
ATOM   566 C CG  . LEU A 1 82  ? -6.298  -5.230  11.243  1.00 43.29  ? 82  LEU A CG  1 
ATOM   567 C CD1 . LEU A 1 82  ? -5.903  -3.788  10.952  1.00 42.79  ? 82  LEU A CD1 1 
ATOM   568 C CD2 . LEU A 1 82  ? -7.783  -5.442  10.976  1.00 42.65  ? 82  LEU A CD2 1 
ATOM   569 N N   . ASP A 1 83  ? -4.599  -7.989  8.417   1.00 70.74  ? 83  ASP A N   1 
ATOM   570 C CA  . ASP A 1 83  ? -3.728  -8.605  7.415   1.00 69.45  ? 83  ASP A CA  1 
ATOM   571 C C   . ASP A 1 83  ? -4.220  -9.969  6.931   1.00 68.52  ? 83  ASP A C   1 
ATOM   572 O O   . ASP A 1 83  ? -4.283  -10.219 5.728   1.00 69.69  ? 83  ASP A O   1 
ATOM   573 C CB  . ASP A 1 83  ? -2.304  -8.735  7.965   1.00 122.14 ? 83  ASP A CB  1 
ATOM   574 C CG  . ASP A 1 83  ? -1.694  -7.394  8.323   1.00 91.34  ? 83  ASP A CG  1 
ATOM   575 O OD1 . ASP A 1 83  ? -1.491  -6.569  7.407   1.00 91.34  ? 83  ASP A OD1 1 
ATOM   576 O OD2 . ASP A 1 83  ? -1.421  -7.163  9.520   1.00 91.34  ? 83  ASP A OD2 1 
ATOM   577 N N   . ASN A 1 84  ? -4.555  -10.852 7.866   1.00 82.69  ? 84  ASN A N   1 
ATOM   578 C CA  . ASN A 1 84  ? -5.046  -12.181 7.513   1.00 80.50  ? 84  ASN A CA  1 
ATOM   579 C C   . ASN A 1 84  ? -6.572  -12.182 7.491   1.00 78.82  ? 84  ASN A C   1 
ATOM   580 O O   . ASN A 1 84  ? -7.216  -13.231 7.547   1.00 79.47  ? 84  ASN A O   1 
ATOM   581 C CB  . ASN A 1 84  ? -4.527  -13.218 8.511   1.00 128.90 ? 84  ASN A CB  1 
ATOM   582 C CG  . ASN A 1 84  ? -3.024  -13.425 8.405   1.00 97.83  ? 84  ASN A CG  1 
ATOM   583 O OD1 . ASN A 1 84  ? -2.518  -13.871 7.374   1.00 97.83  ? 84  ASN A OD1 1 
ATOM   584 N ND2 . ASN A 1 84  ? -2.305  -13.098 9.472   1.00 97.83  ? 84  ASN A ND2 1 
ATOM   585 N N   . CYS A 1 85  ? -7.136  -10.983 7.401   1.00 34.70  ? 85  CYS A N   1 
ATOM   586 C CA  . CYS A 1 85  ? -8.581  -10.774 7.360   1.00 31.10  ? 85  CYS A CA  1 
ATOM   587 C C   . CYS A 1 85  ? -9.152  -11.193 6.015   1.00 27.59  ? 85  CYS A C   1 
ATOM   588 O O   . CYS A 1 85  ? -8.712  -10.707 4.981   1.00 26.63  ? 85  CYS A O   1 
ATOM   589 C CB  . CYS A 1 85  ? -8.875  -9.300  7.589   1.00 40.81  ? 85  CYS A CB  1 
ATOM   590 S SG  . CYS A 1 85  ? -8.494  -8.755  9.274   1.00 43.15  ? 85  CYS A SG  1 
ATOM   591 N N   . PRO A 1 86  ? -10.156 -12.088 6.013   1.00 26.71  ? 86  PRO A N   1 
ATOM   592 C CA  . PRO A 1 86  ? -10.752 -12.541 4.753   1.00 24.19  ? 86  PRO A CA  1 
ATOM   593 C C   . PRO A 1 86  ? -11.358 -11.381 3.967   1.00 23.23  ? 86  PRO A C   1 
ATOM   594 O O   . PRO A 1 86  ? -11.870 -10.427 4.554   1.00 21.52  ? 86  PRO A O   1 
ATOM   595 C CB  . PRO A 1 86  ? -11.830 -13.531 5.209   1.00 28.81  ? 86  PRO A CB  1 
ATOM   596 C CG  . PRO A 1 86  ? -11.357 -13.986 6.552   1.00 30.02  ? 86  PRO A CG  1 
ATOM   597 C CD  . PRO A 1 86  ? -10.824 -12.717 7.164   1.00 29.74  ? 86  PRO A CD  1 
ATOM   598 N N   . PHE A 1 87  ? -11.293 -11.452 2.642   1.00 24.15  ? 87  PHE A N   1 
ATOM   599 C CA  . PHE A 1 87  ? -11.894 -10.399 1.841   1.00 23.67  ? 87  PHE A CA  1 
ATOM   600 C C   . PHE A 1 87  ? -13.392 -10.617 1.839   1.00 25.51  ? 87  PHE A C   1 
ATOM   601 O O   . PHE A 1 87  ? -13.860 -11.754 1.956   1.00 24.54  ? 87  PHE A O   1 
ATOM   602 C CB  . PHE A 1 87  ? -11.386 -10.434 0.399   1.00 22.23  ? 87  PHE A CB  1 
ATOM   603 C CG  . PHE A 1 87  ? -9.959  -10.010 0.257   1.00 20.81  ? 87  PHE A CG  1 
ATOM   604 C CD1 . PHE A 1 87  ? -8.943  -10.957 0.149   1.00 20.87  ? 87  PHE A CD1 1 
ATOM   605 C CD2 . PHE A 1 87  ? -9.626  -8.657  0.252   1.00 20.80  ? 87  PHE A CD2 1 
ATOM   606 C CE1 . PHE A 1 87  ? -7.610  -10.560 0.038   1.00 18.87  ? 87  PHE A CE1 1 
ATOM   607 C CE2 . PHE A 1 87  ? -8.296  -8.247  0.143   1.00 17.99  ? 87  PHE A CE2 1 
ATOM   608 C CZ  . PHE A 1 87  ? -7.286  -9.202  0.034   1.00 19.93  ? 87  PHE A CZ  1 
ATOM   609 N N   . ASN A 1 88  ? -14.147 -9.532  1.727   1.00 27.20  ? 88  ASN A N   1 
ATOM   610 C CA  . ASN A 1 88  ? -15.593 -9.643  1.668   1.00 29.60  ? 88  ASN A CA  1 
ATOM   611 C C   . ASN A 1 88  ? -15.841 -10.328 0.326   1.00 30.50  ? 88  ASN A C   1 
ATOM   612 O O   . ASN A 1 88  ? -15.290 -9.908  -0.690  1.00 31.75  ? 88  ASN A O   1 
ATOM   613 C CB  . ASN A 1 88  ? -16.231 -8.252  1.693   1.00 24.19  ? 88  ASN A CB  1 
ATOM   614 C CG  . ASN A 1 88  ? -17.747 -8.310  1.662   1.00 25.19  ? 88  ASN A CG  1 
ATOM   615 O OD1 . ASN A 1 88  ? -18.328 -8.920  0.774   1.00 25.48  ? 88  ASN A OD1 1 
ATOM   616 N ND2 . ASN A 1 88  ? -18.392 -7.664  2.630   1.00 26.53  ? 88  ASN A ND2 1 
ATOM   617 N N   . ASP A 1 89  ? -16.635 -11.394 0.321   1.00 32.10  ? 89  ASP A N   1 
ATOM   618 C CA  . ASP A 1 89  ? -16.907 -12.123 -0.917  1.00 33.52  ? 89  ASP A CA  1 
ATOM   619 C C   . ASP A 1 89  ? -18.365 -12.020 -1.347  1.00 34.22  ? 89  ASP A C   1 
ATOM   620 O O   . ASP A 1 89  ? -18.885 -12.921 -2.012  1.00 35.82  ? 89  ASP A O   1 
ATOM   621 C CB  . ASP A 1 89  ? -16.549 -13.604 -0.759  1.00 39.43  ? 89  ASP A CB  1 
ATOM   622 C CG  . ASP A 1 89  ? -17.421 -14.308 0.267   1.00 41.71  ? 89  ASP A CG  1 
ATOM   623 O OD1 . ASP A 1 89  ? -18.554 -13.841 0.510   1.00 42.48  ? 89  ASP A OD1 1 
ATOM   624 O OD2 . ASP A 1 89  ? -16.981 -15.339 0.820   1.00 42.45  ? 89  ASP A OD2 1 
ATOM   625 N N   . GLN A 1 90  ? -19.021 -10.933 -0.958  1.00 25.63  ? 90  GLN A N   1 
ATOM   626 C CA  . GLN A 1 90  ? -20.427 -10.717 -1.295  1.00 26.25  ? 90  GLN A CA  1 
ATOM   627 C C   . GLN A 1 90  ? -20.554 -9.757  -2.471  1.00 26.18  ? 90  GLN A C   1 
ATOM   628 O O   . GLN A 1 90  ? -19.799 -8.791  -2.581  1.00 23.53  ? 90  GLN A O   1 
ATOM   629 C CB  . GLN A 1 90  ? -21.169 -10.134 -0.087  1.00 42.64  ? 90  GLN A CB  1 
ATOM   630 C CG  . GLN A 1 90  ? -21.055 -10.954 1.190   1.00 44.74  ? 90  GLN A CG  1 
ATOM   631 C CD  . GLN A 1 90  ? -21.904 -12.209 1.161   1.00 48.63  ? 90  GLN A CD  1 
ATOM   632 O OE1 . GLN A 1 90  ? -23.133 -12.139 1.138   1.00 49.06  ? 90  GLN A OE1 1 
ATOM   633 N NE2 . GLN A 1 90  ? -21.251 -13.366 1.161   1.00 49.54  ? 90  GLN A NE2 1 
ATOM   634 N N   . PRO A 1 91  ? -21.513 -10.013 -3.373  1.00 30.72  ? 91  PRO A N   1 
ATOM   635 C CA  . PRO A 1 91  ? -21.711 -9.139  -4.533  1.00 31.47  ? 91  PRO A CA  1 
ATOM   636 C C   . PRO A 1 91  ? -22.064 -7.712  -4.102  1.00 32.28  ? 91  PRO A C   1 
ATOM   637 O O   . PRO A 1 91  ? -22.917 -7.519  -3.244  1.00 32.02  ? 91  PRO A O   1 
ATOM   638 C CB  . PRO A 1 91  ? -22.863 -9.813  -5.276  1.00 47.08  ? 91  PRO A CB  1 
ATOM   639 C CG  . PRO A 1 91  ? -22.668 -11.264 -4.949  1.00 47.49  ? 91  PRO A CG  1 
ATOM   640 C CD  . PRO A 1 91  ? -22.357 -11.217 -3.472  1.00 46.00  ? 91  PRO A CD  1 
ATOM   641 N N   . LYS A 1 92  ? -21.395 -6.729  -4.698  1.00 42.89  ? 92  LYS A N   1 
ATOM   642 C CA  . LYS A 1 92  ? -21.636 -5.318  -4.402  1.00 43.30  ? 92  LYS A CA  1 
ATOM   643 C C   . LYS A 1 92  ? -21.033 -4.837  -3.085  1.00 42.13  ? 92  LYS A C   1 
ATOM   644 O O   . LYS A 1 92  ? -21.275 -3.702  -2.672  1.00 40.86  ? 92  LYS A O   1 
ATOM   645 C CB  . LYS A 1 92  ? -23.139 -5.026  -4.401  1.00 64.56  ? 92  LYS A CB  1 
ATOM   646 C CG  . LYS A 1 92  ? -23.840 -5.333  -5.714  1.00 67.29  ? 92  LYS A CG  1 
ATOM   647 C CD  . LYS A 1 92  ? -25.349 -5.171  -5.586  1.00 69.38  ? 92  LYS A CD  1 
ATOM   648 C CE  . LYS A 1 92  ? -25.928 -6.154  -4.579  1.00 70.04  ? 92  LYS A CE  1 
ATOM   649 N NZ  . LYS A 1 92  ? -27.407 -6.024  -4.457  1.00 70.92  ? 92  LYS A NZ  1 
ATOM   650 N N   . LEU A 1 93  ? -20.251 -5.689  -2.426  1.00 28.06  ? 93  LEU A N   1 
ATOM   651 C CA  . LEU A 1 93  ? -19.631 -5.306  -1.161  1.00 25.24  ? 93  LEU A CA  1 
ATOM   652 C C   . LEU A 1 93  ? -18.122 -5.458  -1.193  1.00 25.29  ? 93  LEU A C   1 
ATOM   653 O O   . LEU A 1 93  ? -17.469 -5.336  -0.163  1.00 23.08  ? 93  LEU A O   1 
ATOM   654 C CB  . LEU A 1 93  ? -20.207 -6.131  -0.008  1.00 25.11  ? 93  LEU A CB  1 
ATOM   655 C CG  . LEU A 1 93  ? -21.695 -5.925  0.280   1.00 24.49  ? 93  LEU A CG  1 
ATOM   656 C CD1 . LEU A 1 93  ? -22.092 -6.734  1.501   1.00 23.25  ? 93  LEU A CD1 1 
ATOM   657 C CD2 . LEU A 1 93  ? -21.977 -4.438  0.507   1.00 23.17  ? 93  LEU A CD2 1 
ATOM   658 N N   . LYS A 1 94  ? -17.580 -5.715  -2.384  1.00 27.56  ? 94  LYS A N   1 
ATOM   659 C CA  . LYS A 1 94  ? -16.141 -5.882  -2.584  1.00 31.25  ? 94  LYS A CA  1 
ATOM   660 C C   . LYS A 1 94  ? -15.370 -4.581  -2.354  1.00 29.91  ? 94  LYS A C   1 
ATOM   661 O O   . LYS A 1 94  ? -14.354 -4.556  -1.654  1.00 33.49  ? 94  LYS A O   1 
ATOM   662 C CB  . LYS A 1 94  ? -15.868 -6.369  -4.011  1.00 79.49  ? 94  LYS A CB  1 
ATOM   663 C CG  . LYS A 1 94  ? -16.166 -7.837  -4.275  1.00 82.34  ? 94  LYS A CG  1 
ATOM   664 C CD  . LYS A 1 94  ? -15.008 -8.715  -3.839  1.00 83.75  ? 94  LYS A CD  1 
ATOM   665 C CE  . LYS A 1 94  ? -15.073 -10.076 -4.507  1.00 84.88  ? 94  LYS A CE  1 
ATOM   666 N NZ  . LYS A 1 94  ? -13.835 -10.865 -4.269  1.00 86.91  ? 94  LYS A NZ  1 
ATOM   667 N N   . GLU A 1 95  ? -15.847 -3.510  -2.971  1.00 34.27  ? 95  GLU A N   1 
ATOM   668 C CA  . GLU A 1 95  ? -15.229 -2.197  -2.850  1.00 32.29  ? 95  GLU A CA  1 
ATOM   669 C C   . GLU A 1 95  ? -13.735 -2.207  -3.154  1.00 32.12  ? 95  GLU A C   1 
ATOM   670 O O   . GLU A 1 95  ? -12.914 -1.798  -2.330  1.00 34.39  ? 95  GLU A O   1 
ATOM   671 C CB  . GLU A 1 95  ? -15.473 -1.633  -1.453  1.00 34.93  ? 95  GLU A CB  1 
ATOM   672 C CG  . GLU A 1 95  ? -16.946 -1.474  -1.127  1.00 36.87  ? 95  GLU A CG  1 
ATOM   673 C CD  . GLU A 1 95  ? -17.721 -0.884  -2.287  1.00 37.64  ? 95  GLU A CD  1 
ATOM   674 O OE1 . GLU A 1 95  ? -17.278 0.152   -2.823  1.00 38.63  ? 95  GLU A OE1 1 
ATOM   675 O OE2 . GLU A 1 95  ? -18.768 -1.459  -2.661  1.00 40.00  ? 95  GLU A OE2 1 
ATOM   676 N N   . GLU A 1 96  ? -13.391 -2.652  -4.352  1.00 23.54  ? 96  GLU A N   1 
ATOM   677 C CA  . GLU A 1 96  ? -11.997 -2.714  -4.762  1.00 21.48  ? 96  GLU A CA  1 
ATOM   678 C C   . GLU A 1 96  ? -11.581 -1.378  -5.360  1.00 21.06  ? 96  GLU A C   1 
ATOM   679 O O   . GLU A 1 96  ? -12.392 -0.666  -5.968  1.00 20.72  ? 96  GLU A O   1 
ATOM   680 C CB  . GLU A 1 96  ? -11.807 -3.849  -5.771  1.00 25.32  ? 96  GLU A CB  1 
ATOM   681 C CG  . GLU A 1 96  ? -12.387 -5.175  -5.264  1.00 26.94  ? 96  GLU A CG  1 
ATOM   682 C CD  . GLU A 1 96  ? -12.089 -6.354  -6.163  1.00 29.22  ? 96  GLU A CD  1 
ATOM   683 O OE1 . GLU A 1 96  ? -11.878 -6.146  -7.373  1.00 30.63  ? 96  GLU A OE1 1 
ATOM   684 O OE2 . GLU A 1 96  ? -12.084 -7.498  -5.656  1.00 29.17  ? 96  GLU A OE2 1 
ATOM   685 N N   . GLU A 1 97  ? -10.316 -1.032  -5.178  1.00 18.51  ? 97  GLU A N   1 
ATOM   686 C CA  . GLU A 1 97  ? -9.809  0.225   -5.690  1.00 18.40  ? 97  GLU A CA  1 
ATOM   687 C C   . GLU A 1 97  ? -8.367  0.045   -6.113  1.00 18.46  ? 97  GLU A C   1 
ATOM   688 O O   . GLU A 1 97  ? -7.617  -0.708  -5.492  1.00 17.48  ? 97  GLU A O   1 
ATOM   689 C CB  . GLU A 1 97  ? -9.920  1.308   -4.610  1.00 28.75  ? 97  GLU A CB  1 
ATOM   690 C CG  . GLU A 1 97  ? -9.423  2.684   -5.026  1.00 32.92  ? 97  GLU A CG  1 
ATOM   691 C CD  . GLU A 1 97  ? -9.962  3.789   -4.131  1.00 33.80  ? 97  GLU A CD  1 
ATOM   692 O OE1 . GLU A 1 97  ? -9.923  3.626   -2.896  1.00 34.72  ? 97  GLU A OE1 1 
ATOM   693 O OE2 . GLU A 1 97  ? -10.422 4.822   -4.665  1.00 35.62  ? 97  GLU A OE2 1 
ATOM   694 N N   . PHE A 1 98  ? -7.995  0.714   -7.196  1.00 19.35  ? 98  PHE A N   1 
ATOM   695 C CA  . PHE A 1 98  ? -6.628  0.644   -7.696  1.00 21.60  ? 98  PHE A CA  1 
ATOM   696 C C   . PHE A 1 98  ? -5.925  1.947   -7.345  1.00 21.15  ? 98  PHE A C   1 
ATOM   697 O O   . PHE A 1 98  ? -6.422  3.029   -7.648  1.00 20.90  ? 98  PHE A O   1 
ATOM   698 C CB  . PHE A 1 98  ? -6.603  0.474   -9.213  1.00 37.55  ? 98  PHE A CB  1 
ATOM   699 C CG  . PHE A 1 98  ? -5.216  0.428   -9.779  1.00 41.19  ? 98  PHE A CG  1 
ATOM   700 C CD1 . PHE A 1 98  ? -4.456  -0.735  -9.695  1.00 43.31  ? 98  PHE A CD1 1 
ATOM   701 C CD2 . PHE A 1 98  ? -4.648  1.562   -10.350 1.00 43.56  ? 98  PHE A CD2 1 
ATOM   702 C CE1 . PHE A 1 98  ? -3.148  -0.768  -10.169 1.00 44.54  ? 98  PHE A CE1 1 
ATOM   703 C CE2 . PHE A 1 98  ? -3.339  1.539   -10.828 1.00 44.24  ? 98  PHE A CE2 1 
ATOM   704 C CZ  . PHE A 1 98  ? -2.589  0.372   -10.736 1.00 45.18  ? 98  PHE A CZ  1 
ATOM   705 N N   . CYS A 1 99  ? -4.770  1.844   -6.699  1.00 19.44  ? 99  CYS A N   1 
ATOM   706 C CA  . CYS A 1 99  ? -4.024  3.031   -6.326  1.00 19.78  ? 99  CYS A CA  1 
ATOM   707 C C   . CYS A 1 99  ? -2.574  2.900   -6.722  1.00 18.91  ? 99  CYS A C   1 
ATOM   708 O O   . CYS A 1 99  ? -2.005  1.809   -6.698  1.00 20.23  ? 99  CYS A O   1 
ATOM   709 C CB  . CYS A 1 99  ? -4.017  3.247   -4.819  1.00 23.04  ? 99  CYS A CB  1 
ATOM   710 S SG  . CYS A 1 99  ? -5.585  3.437   -3.938  1.00 26.76  ? 99  CYS A SG  1 
ATOM   711 N N   . SER A 1 100 ? -1.984  4.029   -7.070  1.00 19.12  ? 100 SER A N   1 
ATOM   712 C CA  . SER A 1 100 ? -0.577  4.073   -7.407  1.00 19.30  ? 100 SER A CA  1 
ATOM   713 C C   . SER A 1 100 ? -0.002  4.923   -6.286  1.00 19.20  ? 100 SER A C   1 
ATOM   714 O O   . SER A 1 100 ? -0.609  5.921   -5.886  1.00 20.45  ? 100 SER A O   1 
ATOM   715 C CB  . SER A 1 100 ? -0.362  4.756   -8.759  1.00 24.84  ? 100 SER A CB  1 
ATOM   716 O OG  . SER A 1 100 ? -0.856  6.081   -8.746  1.00 27.17  ? 100 SER A OG  1 
ATOM   717 N N   . PHE A 1 101 ? 1.150   4.511   -5.763  1.00 16.98  ? 101 PHE A N   1 
ATOM   718 C CA  . PHE A 1 101 ? 1.809   5.231   -4.686  1.00 17.27  ? 101 PHE A CA  1 
ATOM   719 C C   . PHE A 1 101 ? 3.258   5.503   -5.049  1.00 15.86  ? 101 PHE A C   1 
ATOM   720 O O   . PHE A 1 101 ? 3.916   4.688   -5.692  1.00 17.62  ? 101 PHE A O   1 
ATOM   721 C CB  . PHE A 1 101 ? 1.840   4.407   -3.391  1.00 16.86  ? 101 PHE A CB  1 
ATOM   722 C CG  . PHE A 1 101 ? 0.489   4.128   -2.793  1.00 17.38  ? 101 PHE A CG  1 
ATOM   723 C CD1 . PHE A 1 101 ? -0.084  5.018   -1.888  1.00 18.62  ? 101 PHE A CD1 1 
ATOM   724 C CD2 . PHE A 1 101 ? -0.186  2.956   -3.101  1.00 18.38  ? 101 PHE A CD2 1 
ATOM   725 C CE1 . PHE A 1 101 ? -1.315  4.738   -1.294  1.00 18.61  ? 101 PHE A CE1 1 
ATOM   726 C CE2 . PHE A 1 101 ? -1.418  2.666   -2.513  1.00 18.32  ? 101 PHE A CE2 1 
ATOM   727 C CZ  . PHE A 1 101 ? -1.980  3.561   -1.607  1.00 16.48  ? 101 PHE A CZ  1 
ATOM   728 N N   . GLN A 1 102 ? 3.730   6.661   -4.618  1.00 16.58  ? 102 GLN A N   1 
ATOM   729 C CA  . GLN A 1 102 ? 5.111   7.071   -4.787  1.00 19.51  ? 102 GLN A CA  1 
ATOM   730 C C   . GLN A 1 102 ? 5.520   7.336   -3.340  1.00 18.55  ? 102 GLN A C   1 
ATOM   731 O O   . GLN A 1 102 ? 5.000   8.243   -2.689  1.00 19.37  ? 102 GLN A O   1 
ATOM   732 C CB  . GLN A 1 102 ? 5.197   8.340   -5.635  1.00 23.97  ? 102 GLN A CB  1 
ATOM   733 C CG  . GLN A 1 102 ? 4.925   8.089   -7.117  1.00 27.76  ? 102 GLN A CG  1 
ATOM   734 C CD  . GLN A 1 102 ? 5.075   9.344   -7.955  1.00 30.40  ? 102 GLN A CD  1 
ATOM   735 O OE1 . GLN A 1 102 ? 5.942   10.172  -7.692  1.00 29.55  ? 102 GLN A OE1 1 
ATOM   736 N NE2 . GLN A 1 102 ? 4.239   9.483   -8.979  1.00 32.13  ? 102 GLN A NE2 1 
ATOM   737 N N   . ILE A 1 103 ? 6.429   6.512   -2.831  1.00 19.57  ? 103 ILE A N   1 
ATOM   738 C CA  . ILE A 1 103 ? 6.877   6.622   -1.448  1.00 20.27  ? 103 ILE A CA  1 
ATOM   739 C C   . ILE A 1 103 ? 8.374   6.868   -1.366  1.00 22.49  ? 103 ILE A C   1 
ATOM   740 O O   . ILE A 1 103 ? 9.155   6.160   -1.992  1.00 23.01  ? 103 ILE A O   1 
ATOM   741 C CB  . ILE A 1 103 ? 6.545   5.328   -0.673  1.00 25.03  ? 103 ILE A CB  1 
ATOM   742 C CG1 . ILE A 1 103 ? 5.027   5.158   -0.596  1.00 26.53  ? 103 ILE A CG1 1 
ATOM   743 C CG2 . ILE A 1 103 ? 7.162   5.373   0.730   1.00 24.13  ? 103 ILE A CG2 1 
ATOM   744 C CD1 . ILE A 1 103 ? 4.588   3.836   -0.038  1.00 31.34  ? 103 ILE A CD1 1 
ATOM   745 N N   . ASN A 1 104 ? 8.760   7.869   -0.584  1.00 22.50  ? 104 ASN A N   1 
ATOM   746 C CA  . ASN A 1 104 ? 10.169  8.200   -0.414  1.00 23.84  ? 104 ASN A CA  1 
ATOM   747 C C   . ASN A 1 104 ? 10.650  7.825   0.977   1.00 23.24  ? 104 ASN A C   1 
ATOM   748 O O   . ASN A 1 104 ? 9.973   8.080   1.971   1.00 22.65  ? 104 ASN A O   1 
ATOM   749 C CB  . ASN A 1 104 ? 10.412  9.692   -0.619  1.00 33.05  ? 104 ASN A CB  1 
ATOM   750 C CG  . ASN A 1 104 ? 11.861  10.081  -0.368  1.00 36.35  ? 104 ASN A CG  1 
ATOM   751 O OD1 . ASN A 1 104 ? 12.744  9.786   -1.173  1.00 39.38  ? 104 ASN A OD1 1 
ATOM   752 N ND2 . ASN A 1 104 ? 12.111  10.731  0.762   1.00 34.40  ? 104 ASN A ND2 1 
ATOM   753 N N   . GLU A 1 105 ? 11.828  7.222   1.029   1.00 25.06  ? 105 GLU A N   1 
ATOM   754 C CA  . GLU A 1 105 ? 12.437  6.818   2.285   1.00 27.84  ? 105 GLU A CA  1 
ATOM   755 C C   . GLU A 1 105 ? 13.918  7.181   2.325   1.00 29.80  ? 105 GLU A C   1 
ATOM   756 O O   . GLU A 1 105 ? 14.577  7.290   1.287   1.00 28.48  ? 105 GLU A O   1 
ATOM   757 C CB  . GLU A 1 105 ? 12.310  5.306   2.475   1.00 34.44  ? 105 GLU A CB  1 
ATOM   758 C CG  . GLU A 1 105 ? 13.152  4.766   3.628   1.00 37.70  ? 105 GLU A CG  1 
ATOM   759 C CD  . GLU A 1 105 ? 13.168  3.255   3.692   1.00 38.46  ? 105 GLU A CD  1 
ATOM   760 O OE1 . GLU A 1 105 ? 13.550  2.622   2.684   1.00 38.72  ? 105 GLU A OE1 1 
ATOM   761 O OE2 . GLU A 1 105 ? 12.807  2.703   4.752   1.00 40.84  ? 105 GLU A OE2 1 
ATOM   762 N N   . VAL A 1 106 ? 14.426  7.377   3.537   1.00 33.81  ? 106 VAL A N   1 
ATOM   763 C CA  . VAL A 1 106 ? 15.840  7.653   3.753   1.00 35.91  ? 106 VAL A CA  1 
ATOM   764 C C   . VAL A 1 106 ? 16.291  6.383   4.474   1.00 37.47  ? 106 VAL A C   1 
ATOM   765 O O   . VAL A 1 106 ? 16.137  6.263   5.688   1.00 39.57  ? 106 VAL A O   1 
ATOM   766 C CB  . VAL A 1 106 ? 16.055  8.878   4.667   1.00 40.77  ? 106 VAL A CB  1 
ATOM   767 C CG1 . VAL A 1 106 ? 17.550  9.108   4.882   1.00 40.20  ? 106 VAL A CG1 1 
ATOM   768 C CG2 . VAL A 1 106 ? 15.422  10.110  4.044   1.00 38.53  ? 106 VAL A CG2 1 
ATOM   769 N N   . PRO A 1 107 ? 16.825  5.406   3.719   1.00 44.75  ? 107 PRO A N   1 
ATOM   770 C CA  . PRO A 1 107 ? 17.313  4.102   4.189   1.00 45.89  ? 107 PRO A CA  1 
ATOM   771 C C   . PRO A 1 107 ? 18.261  4.087   5.389   1.00 47.13  ? 107 PRO A C   1 
ATOM   772 O O   . PRO A 1 107 ? 18.760  3.025   5.765   1.00 47.90  ? 107 PRO A O   1 
ATOM   773 C CB  . PRO A 1 107 ? 17.976  3.518   2.944   1.00 53.47  ? 107 PRO A CB  1 
ATOM   774 C CG  . PRO A 1 107 ? 17.171  4.101   1.838   1.00 53.75  ? 107 PRO A CG  1 
ATOM   775 C CD  . PRO A 1 107 ? 17.036  5.536   2.267   1.00 52.77  ? 107 PRO A CD  1 
ATOM   776 N N   . TRP A 1 108 ? 18.507  5.242   5.997   1.00 47.20  ? 108 TRP A N   1 
ATOM   777 C CA  . TRP A 1 108 ? 19.415  5.285   7.136   1.00 46.44  ? 108 TRP A CA  1 
ATOM   778 C C   . TRP A 1 108 ? 18.993  6.262   8.227   1.00 46.30  ? 108 TRP A C   1 
ATOM   779 O O   . TRP A 1 108 ? 19.788  6.608   9.103   1.00 46.28  ? 108 TRP A O   1 
ATOM   780 C CB  . TRP A 1 108 ? 20.832  5.604   6.646   1.00 42.32  ? 108 TRP A CB  1 
ATOM   781 C CG  . TRP A 1 108 ? 20.903  6.805   5.753   1.00 41.53  ? 108 TRP A CG  1 
ATOM   782 C CD1 . TRP A 1 108 ? 20.894  8.113   6.138   1.00 41.80  ? 108 TRP A CD1 1 
ATOM   783 C CD2 . TRP A 1 108 ? 20.939  6.810   4.317   1.00 41.95  ? 108 TRP A CD2 1 
ATOM   784 N NE1 . TRP A 1 108 ? 20.922  8.933   5.035   1.00 40.54  ? 108 TRP A NE1 1 
ATOM   785 C CE2 . TRP A 1 108 ? 20.952  8.161   3.906   1.00 41.35  ? 108 TRP A CE2 1 
ATOM   786 C CE3 . TRP A 1 108 ? 20.964  5.804   3.343   1.00 41.43  ? 108 TRP A CE3 1 
ATOM   787 C CZ2 . TRP A 1 108 ? 20.981  8.534   2.554   1.00 42.25  ? 108 TRP A CZ2 1 
ATOM   788 C CZ3 . TRP A 1 108 ? 20.995  6.175   1.998   1.00 41.57  ? 108 TRP A CZ3 1 
ATOM   789 C CH2 . TRP A 1 108 ? 21.005  7.530   1.618   1.00 41.95  ? 108 TRP A CH2 1 
ATOM   790 N N   . GLU A 1 109 ? 17.737  6.697   8.179   1.00 35.69  ? 109 GLU A N   1 
ATOM   791 C CA  . GLU A 1 109 ? 17.223  7.624   9.175   1.00 35.20  ? 109 GLU A CA  1 
ATOM   792 C C   . GLU A 1 109 ? 15.819  7.261   9.641   1.00 33.75  ? 109 GLU A C   1 
ATOM   793 O O   . GLU A 1 109 ? 15.193  8.019   10.381  1.00 34.71  ? 109 GLU A O   1 
ATOM   794 C CB  . GLU A 1 109 ? 17.219  9.048   8.623   1.00 41.10  ? 109 GLU A CB  1 
ATOM   795 C CG  . GLU A 1 109 ? 18.581  9.542   8.196   1.00 42.78  ? 109 GLU A CG  1 
ATOM   796 C CD  . GLU A 1 109 ? 18.551  10.980  7.733   1.00 42.74  ? 109 GLU A CD  1 
ATOM   797 O OE1 . GLU A 1 109 ? 19.615  11.494  7.332   1.00 45.38  ? 109 GLU A OE1 1 
ATOM   798 O OE2 . GLU A 1 109 ? 17.467  11.597  7.773   1.00 42.96  ? 109 GLU A OE2 1 
ATOM   799 N N   . ASP A 1 110 ? 15.319  6.112   9.205   1.00 30.78  ? 110 ASP A N   1 
ATOM   800 C CA  . ASP A 1 110 ? 13.986  5.677   9.606   1.00 30.87  ? 110 ASP A CA  1 
ATOM   801 C C   . ASP A 1 110 ? 12.969  6.736   9.190   1.00 29.47  ? 110 ASP A C   1 
ATOM   802 O O   . ASP A 1 110 ? 12.024  7.026   9.919   1.00 31.22  ? 110 ASP A O   1 
ATOM   803 C CB  . ASP A 1 110 ? 13.955  5.476   11.128  1.00 44.85  ? 110 ASP A CB  1 
ATOM   804 C CG  . ASP A 1 110 ? 12.654  4.869   11.621  1.00 46.30  ? 110 ASP A CG  1 
ATOM   805 O OD1 . ASP A 1 110 ? 12.243  3.816   11.092  1.00 46.84  ? 110 ASP A OD1 1 
ATOM   806 O OD2 . ASP A 1 110 ? 12.049  5.438   12.555  1.00 48.74  ? 110 ASP A OD2 1 
ATOM   807 N N   . LYS A 1 111 ? 13.178  7.317   8.014   1.00 29.66  ? 111 LYS A N   1 
ATOM   808 C CA  . LYS A 1 111 ? 12.292  8.353   7.489   1.00 29.48  ? 111 LYS A CA  1 
ATOM   809 C C   . LYS A 1 111 ? 11.590  7.804   6.254   1.00 27.56  ? 111 LYS A C   1 
ATOM   810 O O   . LYS A 1 111 ? 12.237  7.253   5.366   1.00 27.87  ? 111 LYS A O   1 
ATOM   811 C CB  . LYS A 1 111 ? 13.098  9.593   7.086   1.00 54.09  ? 111 LYS A CB  1 
ATOM   812 C CG  . LYS A 1 111 ? 13.923  10.232  8.196   1.00 58.19  ? 111 LYS A CG  1 
ATOM   813 C CD  . LYS A 1 111 ? 13.049  10.875  9.262   1.00 60.92  ? 111 LYS A CD  1 
ATOM   814 C CE  . LYS A 1 111 ? 13.889  11.670  10.253  1.00 62.67  ? 111 LYS A CE  1 
ATOM   815 N NZ  . LYS A 1 111 ? 13.061  12.287  11.328  1.00 63.30  ? 111 LYS A NZ  1 
ATOM   816 N N   . ILE A 1 112 ? 10.272  7.956   6.200   1.00 27.78  ? 112 ILE A N   1 
ATOM   817 C CA  . ILE A 1 112 ? 9.502   7.465   5.062   1.00 26.04  ? 112 ILE A CA  1 
ATOM   818 C C   . ILE A 1 112 ? 8.255   8.326   4.912   1.00 25.91  ? 112 ILE A C   1 
ATOM   819 O O   . ILE A 1 112 ? 7.693   8.784   5.903   1.00 25.74  ? 112 ILE A O   1 
ATOM   820 C CB  . ILE A 1 112 ? 9.123   5.979   5.265   1.00 26.54  ? 112 ILE A CB  1 
ATOM   821 C CG1 . ILE A 1 112 ? 8.532   5.403   3.981   1.00 26.90  ? 112 ILE A CG1 1 
ATOM   822 C CG2 . ILE A 1 112 ? 8.162   5.832   6.439   1.00 27.14  ? 112 ILE A CG2 1 
ATOM   823 C CD1 . ILE A 1 112 ? 8.347   3.893   4.031   1.00 26.86  ? 112 ILE A CD1 1 
ATOM   824 N N   . SER A 1 113 ? 7.822   8.562   3.678   1.00 23.14  ? 113 SER A N   1 
ATOM   825 C CA  . SER A 1 113 ? 6.654   9.404   3.461   1.00 22.88  ? 113 SER A CA  1 
ATOM   826 C C   . SER A 1 113 ? 6.030   9.203   2.086   1.00 21.57  ? 113 SER A C   1 
ATOM   827 O O   . SER A 1 113 ? 6.663   8.674   1.183   1.00 19.84  ? 113 SER A O   1 
ATOM   828 C CB  . SER A 1 113 ? 7.049   10.870  3.607   1.00 35.00  ? 113 SER A CB  1 
ATOM   829 O OG  . SER A 1 113 ? 8.036   11.207  2.646   1.00 35.23  ? 113 SER A OG  1 
ATOM   830 N N   . ILE A 1 114 ? 4.781   9.626   1.938   1.00 22.69  ? 114 ILE A N   1 
ATOM   831 C CA  . ILE A 1 114 ? 4.102   9.503   0.656   1.00 23.20  ? 114 ILE A CA  1 
ATOM   832 C C   . ILE A 1 114 ? 4.303   10.786  -0.144  1.00 23.07  ? 114 ILE A C   1 
ATOM   833 O O   . ILE A 1 114 ? 3.918   11.872  0.297   1.00 25.82  ? 114 ILE A O   1 
ATOM   834 C CB  . ILE A 1 114 ? 2.590   9.252   0.836   1.00 26.05  ? 114 ILE A CB  1 
ATOM   835 C CG1 . ILE A 1 114 ? 2.364   7.912   1.541   1.00 26.15  ? 114 ILE A CG1 1 
ATOM   836 C CG2 . ILE A 1 114 ? 1.892   9.258   -0.523  1.00 24.84  ? 114 ILE A CG2 1 
ATOM   837 C CD1 . ILE A 1 114 ? 0.913   7.601   1.816   1.00 27.71  ? 114 ILE A CD1 1 
ATOM   838 N N   . LEU A 1 115 ? 4.924   10.655  -1.308  1.00 25.71  ? 115 LEU A N   1 
ATOM   839 C CA  . LEU A 1 115 ? 5.169   11.791  -2.192  1.00 26.31  ? 115 LEU A CA  1 
ATOM   840 C C   . LEU A 1 115 ? 3.932   12.111  -3.018  1.00 27.68  ? 115 LEU A C   1 
ATOM   841 O O   . LEU A 1 115 ? 3.595   13.277  -3.228  1.00 26.44  ? 115 LEU A O   1 
ATOM   842 C CB  . LEU A 1 115 ? 6.337   11.488  -3.127  1.00 34.07  ? 115 LEU A CB  1 
ATOM   843 C CG  . LEU A 1 115 ? 7.725   11.973  -2.698  1.00 36.52  ? 115 LEU A CG  1 
ATOM   844 C CD1 . LEU A 1 115 ? 7.933   11.758  -1.214  1.00 38.18  ? 115 LEU A CD1 1 
ATOM   845 C CD2 . LEU A 1 115 ? 8.777   11.249  -3.514  1.00 37.13  ? 115 LEU A CD2 1 
ATOM   846 N N   . ASN A 1 116 ? 3.252   11.070  -3.485  1.00 22.88  ? 116 ASN A N   1 
ATOM   847 C CA  . ASN A 1 116 ? 2.058   11.263  -4.293  1.00 23.98  ? 116 ASN A CA  1 
ATOM   848 C C   . ASN A 1 116 ? 1.290   9.953   -4.350  1.00 21.02  ? 116 ASN A C   1 
ATOM   849 O O   . ASN A 1 116 ? 1.830   8.894   -4.041  1.00 20.76  ? 116 ASN A O   1 
ATOM   850 C CB  . ASN A 1 116 ? 2.465   11.680  -5.711  1.00 44.32  ? 116 ASN A CB  1 
ATOM   851 C CG  . ASN A 1 116 ? 1.400   12.498  -6.413  1.00 48.13  ? 116 ASN A CG  1 
ATOM   852 O OD1 . ASN A 1 116 ? 0.253   12.075  -6.534  1.00 49.86  ? 116 ASN A OD1 1 
ATOM   853 N ND2 . ASN A 1 116 ? 1.783   13.680  -6.887  1.00 51.17  ? 116 ASN A ND2 1 
ATOM   854 N N   . TYR A 1 117 ? 0.022   10.028  -4.732  1.00 23.05  ? 117 TYR A N   1 
ATOM   855 C CA  . TYR A 1 117 ? -0.790  8.827   -4.863  1.00 21.64  ? 117 TYR A CA  1 
ATOM   856 C C   . TYR A 1 117 ? -2.021  9.187   -5.670  1.00 21.43  ? 117 TYR A C   1 
ATOM   857 O O   . TYR A 1 117 ? -2.430  10.355  -5.712  1.00 20.54  ? 117 TYR A O   1 
ATOM   858 C CB  . TYR A 1 117 ? -1.204  8.277   -3.485  1.00 19.80  ? 117 TYR A CB  1 
ATOM   859 C CG  . TYR A 1 117 ? -2.325  9.040   -2.821  1.00 21.20  ? 117 TYR A CG  1 
ATOM   860 C CD1 . TYR A 1 117 ? -3.655  8.813   -3.178  1.00 22.33  ? 117 TYR A CD1 1 
ATOM   861 C CD2 . TYR A 1 117 ? -2.060  10.004  -1.848  1.00 22.96  ? 117 TYR A CD2 1 
ATOM   862 C CE1 . TYR A 1 117 ? -4.685  9.522   -2.591  1.00 25.42  ? 117 TYR A CE1 1 
ATOM   863 C CE2 . TYR A 1 117 ? -3.092  10.722  -1.252  1.00 25.21  ? 117 TYR A CE2 1 
ATOM   864 C CZ  . TYR A 1 117 ? -4.398  10.474  -1.630  1.00 26.00  ? 117 TYR A CZ  1 
ATOM   865 O OH  . TYR A 1 117 ? -5.425  11.173  -1.048  1.00 29.62  ? 117 TYR A OH  1 
ATOM   866 N N   . LYS A 1 118 ? -2.599  8.182   -6.311  1.00 20.06  ? 118 LYS A N   1 
ATOM   867 C CA  . LYS A 1 118 ? -3.801  8.370   -7.108  1.00 23.05  ? 118 LYS A CA  1 
ATOM   868 C C   . LYS A 1 118 ? -4.599  7.082   -7.024  1.00 23.37  ? 118 LYS A C   1 
ATOM   869 O O   . LYS A 1 118 ? -4.095  6.003   -7.349  1.00 23.26  ? 118 LYS A O   1 
ATOM   870 C CB  . LYS A 1 118 ? -3.455  8.669   -8.568  1.00 36.83  ? 118 LYS A CB  1 
ATOM   871 C CG  . LYS A 1 118 ? -4.670  9.084   -9.385  1.00 42.00  ? 118 LYS A CG  1 
ATOM   872 C CD  . LYS A 1 118 ? -4.334  9.341   -10.844 1.00 46.25  ? 118 LYS A CD  1 
ATOM   873 C CE  . LYS A 1 118 ? -4.058  8.046   -11.592 1.00 47.63  ? 118 LYS A CE  1 
ATOM   874 N NZ  . LYS A 1 118 ? -3.880  8.280   -13.057 1.00 50.16  ? 118 LYS A NZ  1 
ATOM   875 N N   . CYS A 1 119 ? -5.844  7.194   -6.581  1.00 26.77  ? 119 CYS A N   1 
ATOM   876 C CA  . CYS A 1 119 ? -6.702  6.028   -6.450  1.00 27.56  ? 119 CYS A CA  1 
ATOM   877 C C   . CYS A 1 119 ? -7.967  6.167   -7.281  1.00 29.21  ? 119 CYS A C   1 
ATOM   878 O O   . CYS A 1 119 ? -8.469  7.272   -7.481  1.00 30.33  ? 119 CYS A O   1 
ATOM   879 C CB  . CYS A 1 119 ? -7.122  5.838   -5.000  1.00 31.05  ? 119 CYS A CB  1 
ATOM   880 S SG  . CYS A 1 119 ? -5.844  5.448   -3.763  1.00 33.61  ? 119 CYS A SG  1 
ATOM   881 N N   . ARG A 1 120 ? -8.476  5.038   -7.759  1.00 26.12  ? 120 ARG A N   1 
ATOM   882 C CA  . ARG A 1 120 ? -9.713  5.013   -8.534  1.00 27.69  ? 120 ARG A CA  1 
ATOM   883 C C   . ARG A 1 120 ? -10.417 3.690   -8.253  1.00 28.14  ? 120 ARG A C   1 
ATOM   884 O O   . ARG A 1 120 ? -9.798  2.640   -8.285  1.00 26.66  ? 120 ARG A O   1 
ATOM   885 C CB  . ARG A 1 120 ? -9.418  5.143   -10.031 1.00 97.12  ? 120 ARG A CB  1 
ATOM   886 C CG  . ARG A 1 120 ? -8.972  6.540   -10.453 1.00 79.83  ? 120 ARG A CG  1 
ATOM   887 C CD  . ARG A 1 120 ? -8.986  6.699   -11.972 1.00 79.83  ? 120 ARG A CD  1 
ATOM   888 N NE  . ARG A 1 120 ? -8.689  8.068   -12.391 1.00 79.83  ? 120 ARG A NE  1 
ATOM   889 C CZ  . ARG A 1 120 ? -8.713  8.491   -13.652 1.00 79.83  ? 120 ARG A CZ  1 
ATOM   890 N NH1 . ARG A 1 120 ? -9.021  7.655   -14.631 1.00 79.83  ? 120 ARG A NH1 1 
ATOM   891 N NH2 . ARG A 1 120 ? -8.428  9.756   -13.934 1.00 79.83  ? 120 ARG A NH2 1 
ATOM   892 N N   . LYS A 1 121 ? -11.711 3.742   -7.963  1.00 34.29  ? 121 LYS A N   1 
ATOM   893 C CA  . LYS A 1 121 ? -12.445 2.518   -7.692  1.00 36.23  ? 121 LYS A CA  1 
ATOM   894 C C   . LYS A 1 121 ? -12.496 1.651   -8.945  1.00 36.63  ? 121 LYS A C   1 
ATOM   895 O O   . LYS A 1 121 ? -12.666 2.166   -10.063 1.00 37.50  ? 121 LYS A O   1 
ATOM   896 C CB  . LYS A 1 121 ? -13.871 2.822   -7.215  1.00 96.48  ? 121 LYS A CB  1 
ATOM   897 C CG  . LYS A 1 121 ? -13.964 3.485   -5.838  1.00 73.36  ? 121 LYS A CG  1 
ATOM   898 C CD  . LYS A 1 121 ? -13.464 4.920   -5.879  1.00 73.36  ? 121 LYS A CD  1 
ATOM   899 C CE  . LYS A 1 121 ? -13.624 5.623   -4.545  1.00 73.36  ? 121 LYS A CE  1 
ATOM   900 N NZ  . LYS A 1 121 ? -13.369 7.086   -4.707  1.00 73.36  ? 121 LYS A NZ  1 
ATOM   901 N N   . VAL A 1 122 ? -12.332 0.341   -8.761  1.00 41.93  ? 122 VAL A N   1 
ATOM   902 C CA  . VAL A 1 122 ? -12.360 -0.599  -9.877  1.00 43.68  ? 122 VAL A CA  1 
ATOM   903 C C   . VAL A 1 122 ? -13.813 -0.863  -10.269 1.00 44.68  ? 122 VAL A C   1 
ATOM   904 O O   . VAL A 1 122 ? -14.414 -1.768  -9.659  1.00 45.73  ? 122 VAL A O   1 
ATOM   905 C CB  . VAL A 1 122 ? -11.690 -1.943  -9.511  1.00 71.62  ? 122 VAL A CB  1 
ATOM   906 C CG1 . VAL A 1 122 ? -11.653 -2.847  -10.726 1.00 73.40  ? 122 VAL A CG1 1 
ATOM   907 C CG2 . VAL A 1 122 ? -10.297 -1.707  -8.976  1.00 72.45  ? 122 VAL A CG2 1 
ATOM   908 O OXT . VAL A 1 122 ? -14.336 -0.150  -11.157 1.00 65.22  ? 122 VAL A OXT 1 
HETATM 909 O O   . HOH B 2 .   ? -2.059  -5.525  5.117   1.00 39.79  ? 123 HOH A O   1 
HETATM 910 O O   . HOH B 2 .   ? 1.161   8.044   -8.004  1.00 29.70  ? 124 HOH A O   1 
HETATM 911 O O   . HOH B 2 .   ? -1.317  -4.005  -9.022  1.00 42.92  ? 125 HOH A O   1 
HETATM 912 O O   . HOH B 2 .   ? -18.296 1.990   6.001   1.00 33.67  ? 126 HOH A O   1 
HETATM 913 O O   . HOH B 2 .   ? -13.579 -7.726  -0.946  1.00 31.69  ? 127 HOH A O   1 
HETATM 914 O O   . HOH B 2 .   ? -15.041 -1.689  -6.795  1.00 35.65  ? 128 HOH A O   1 
HETATM 915 O O   . HOH B 2 .   ? -7.939  10.934  -1.291  1.00 42.64  ? 129 HOH A O   1 
HETATM 916 O O   . HOH B 2 .   ? 10.739  10.462  3.566   1.00 42.44  ? 130 HOH A O   1 
HETATM 917 O O   . HOH B 2 .   ? 0.106   -8.969  -7.382  1.00 27.43  ? 131 HOH A O   1 
HETATM 918 O O   . HOH B 2 .   ? -14.113 8.892   9.146   1.00 50.51  ? 132 HOH A O   1 
HETATM 919 O O   . HOH B 2 .   ? -19.949 -1.375  -0.127  1.00 22.82  ? 133 HOH A O   1 
HETATM 920 O O   . HOH B 2 .   ? -22.916 -1.570  -2.718  1.00 26.12  ? 134 HOH A O   1 
HETATM 921 O O   . HOH B 2 .   ? 17.941  3.565   -8.939  1.00 31.73  ? 135 HOH A O   1 
HETATM 922 O O   . HOH B 2 .   ? -6.828  2.846   9.229   1.00 40.85  ? 136 HOH A O   1 
HETATM 923 O O   . HOH B 2 .   ? -17.984 -11.740 2.948   1.00 38.04  ? 137 HOH A O   1 
HETATM 924 O O   . HOH B 2 .   ? -11.487 -9.871  -6.007  1.00 30.43  ? 138 HOH A O   1 
HETATM 925 O O   . HOH B 2 .   ? -6.851  9.754   -5.613  1.00 33.22  ? 139 HOH A O   1 
HETATM 926 O O   . HOH B 2 .   ? 9.961   -11.953 3.843   1.00 56.88  ? 140 HOH A O   1 
HETATM 927 O O   . HOH B 2 .   ? -12.004 -8.162  -2.889  1.00 33.66  ? 141 HOH A O   1 
HETATM 928 O O   . HOH B 2 .   ? -16.219 7.466   1.685   1.00 34.01  ? 142 HOH A O   1 
HETATM 929 O O   . HOH B 2 .   ? 0.252   -1.647  7.136   1.00 28.44  ? 143 HOH A O   1 
HETATM 930 O O   . HOH B 2 .   ? -9.650  7.871   6.757   1.00 36.50  ? 144 HOH A O   1 
HETATM 931 O O   . HOH B 2 .   ? 16.285  -4.290  3.437   1.00 40.70  ? 145 HOH A O   1 
HETATM 932 O O   . HOH B 2 .   ? -19.783 0.107   7.719   1.00 48.09  ? 146 HOH A O   1 
HETATM 933 O O   . HOH B 2 .   ? -15.392 3.905   -0.220  1.00 32.02  ? 147 HOH A O   1 
HETATM 934 O O   . HOH B 2 .   ? -1.191  -13.600 -8.088  1.00 28.32  ? 148 HOH A O   1 
HETATM 935 O O   . HOH B 2 .   ? 14.110  -7.423  -7.107  1.00 55.50  ? 149 HOH A O   1 
HETATM 936 O O   . HOH B 2 .   ? -13.779 5.798   1.173   1.00 47.78  ? 150 HOH A O   1 
HETATM 937 O O   . HOH B 2 .   ? 3.531   2.826   -10.204 1.00 49.88  ? 151 HOH A O   1 
HETATM 938 O O   . HOH B 2 .   ? 3.693   4.986   -8.603  1.00 37.20  ? 152 HOH A O   1 
HETATM 939 O O   . HOH B 2 .   ? 3.662   10.737  4.467   1.00 34.55  ? 153 HOH A O   1 
HETATM 940 O O   . HOH B 2 .   ? -6.043  -10.930 -6.863  1.00 31.79  ? 154 HOH A O   1 
HETATM 941 O O   . HOH B 2 .   ? -14.947 6.494   -1.668  1.00 48.55  ? 155 HOH A O   1 
HETATM 942 O O   . HOH B 2 .   ? -19.534 -12.394 -5.119  1.00 39.18  ? 156 HOH A O   1 
HETATM 943 O O   . HOH B 2 .   ? -10.647 -1.190  -0.973  1.00 39.50  ? 157 HOH A O   1 
HETATM 944 O O   . HOH B 2 .   ? -11.273 4.685   -1.007  1.00 36.51  ? 158 HOH A O   1 
HETATM 945 O O   . HOH B 2 .   ? -18.252 -7.922  6.656   1.00 35.18  ? 159 HOH A O   1 
HETATM 946 O O   . HOH B 2 .   ? -15.282 -13.301 6.578   1.00 42.06  ? 160 HOH A O   1 
HETATM 947 O O   . HOH B 2 .   ? 17.001  13.488  -5.914  1.00 31.27  ? 161 HOH A O   1 
HETATM 948 O O   . HOH B 2 .   ? -8.236  12.196  5.080   1.00 39.52  ? 162 HOH A O   1 
HETATM 949 O O   . HOH B 2 .   ? -1.178  13.239  -3.941  1.00 45.52  ? 163 HOH A O   1 
HETATM 950 O O   . HOH B 2 .   ? 6.242   -6.291  -8.227  1.00 31.78  ? 164 HOH A O   1 
HETATM 951 O O   . HOH B 2 .   ? 6.465   0.421   7.275   1.00 36.21  ? 165 HOH A O   1 
HETATM 952 O O   . HOH B 2 .   ? -2.259  -2.028  7.658   1.00 36.06  ? 166 HOH A O   1 
HETATM 953 O O   . HOH B 2 .   ? 1.856   -0.641  9.305   1.00 46.73  ? 167 HOH A O   1 
HETATM 954 O O   . HOH B 2 .   ? -5.423  4.735   -9.987  1.00 46.63  ? 168 HOH A O   1 
HETATM 955 O O   . HOH B 2 .   ? 11.390  0.765   3.471   1.00 51.35  ? 169 HOH A O   1 
HETATM 956 O O   . HOH B 2 .   ? 20.849  8.152   11.111  1.00 37.46  ? 170 HOH A O   1 
HETATM 957 O O   . HOH B 2 .   ? -6.502  -0.204  10.071  1.00 44.07  ? 171 HOH A O   1 
HETATM 958 O O   . HOH B 2 .   ? 18.868  12.471  2.447   1.00 42.04  ? 172 HOH A O   1 
HETATM 959 O O   . HOH B 2 .   ? -2.054  -10.913 -6.739  1.00 39.68  ? 173 HOH A O   1 
HETATM 960 O O   . HOH B 2 .   ? -15.879 -0.344  14.111  1.00 49.15  ? 174 HOH A O   1 
HETATM 961 O O   . HOH B 2 .   ? -8.246  9.692   -9.412  1.00 48.58  ? 175 HOH A O   1 
HETATM 962 O O   . HOH B 2 .   ? -11.942 -0.204  3.172   1.00 56.03  ? 176 HOH A O   1 
HETATM 963 O O   . HOH B 2 .   ? -12.207 6.706   -2.279  1.00 50.29  ? 177 HOH A O   1 
HETATM 964 O O   . HOH B 2 .   ? -19.073 -7.612  -7.047  1.00 46.03  ? 178 HOH A O   1 
HETATM 965 O O   . HOH B 2 .   ? 2.630   1.122   -14.195 1.00 52.01  ? 179 HOH A O   1 
HETATM 966 O O   . HOH B 2 .   ? -13.890 0.123   0.921   1.00 43.66  ? 180 HOH A O   1 
HETATM 967 O O   . HOH B 2 .   ? 20.121  6.021   -1.977  1.00 39.55  ? 181 HOH A O   1 
HETATM 968 O O   . HOH B 2 .   ? 8.974   8.761   8.999   1.00 46.22  ? 182 HOH A O   1 
HETATM 969 O O   . HOH B 2 .   ? 4.899   10.830  7.025   1.00 51.81  ? 183 HOH A O   1 
HETATM 970 O O   . HOH B 2 .   ? 7.132   -4.552  -10.999 1.00 42.04  ? 184 HOH A O   1 
HETATM 971 O O   . HOH B 2 .   ? 3.334   13.143  2.810   1.00 51.27  ? 185 HOH A O   1 
HETATM 972 O O   . HOH B 2 .   ? -12.571 1.493   -2.626  1.00 55.15  ? 186 HOH A O   1 
HETATM 973 O O   . HOH B 2 .   ? 0.185   -4.358  6.153   1.00 42.97  ? 187 HOH A O   1 
HETATM 974 O O   . HOH B 2 .   ? 15.519  -2.592  -3.127  1.00 50.85  ? 188 HOH A O   1 
HETATM 975 O O   . HOH B 2 .   ? 6.269   3.165   -11.832 1.00 54.64  ? 189 HOH A O   1 
HETATM 976 O O   . HOH B 2 .   ? 14.414  13.804  -6.267  1.00 44.56  ? 190 HOH A O   1 
HETATM 977 O O   . HOH B 2 .   ? -16.693 3.146   1.909   1.00 36.27  ? 191 HOH A O   1 
HETATM 978 O O   . HOH B 2 .   ? -18.019 5.141   2.793   1.00 36.54  ? 192 HOH A O   1 
HETATM 979 O O   . HOH B 2 .   ? -12.353 10.669  8.470   1.00 52.58  ? 193 HOH A O   1 
HETATM 980 O O   . HOH B 2 .   ? -4.265  2.341   9.099   1.00 45.14  ? 194 HOH A O   1 
HETATM 981 O O   . HOH B 2 .   ? -19.321 -10.365 4.652   1.00 48.64  ? 195 HOH A O   1 
HETATM 982 O O   . HOH B 2 .   ? 5.721   -1.126  -11.560 1.00 45.30  ? 196 HOH A O   1 
HETATM 983 O O   . HOH B 2 .   ? 13.225  -0.975  5.946   1.00 52.43  ? 197 HOH A O   1 
HETATM 984 O O   . HOH B 2 .   ? 16.074  -0.843  -1.278  1.00 50.85  ? 198 HOH A O   1 
HETATM 985 O O   . HOH B 2 .   ? -8.571  10.479  -3.853  1.00 54.50  ? 199 HOH A O   1 
HETATM 986 O O   . HOH B 2 .   ? 4.912   0.750   -10.271 1.00 37.87  ? 200 HOH A O   1 
HETATM 987 O O   . HOH B 2 .   ? 6.404   5.684   -12.222 1.00 54.97  ? 201 HOH A O   1 
HETATM 988 O O   . HOH B 2 .   ? 8.410   -0.205  -13.300 1.00 49.13  ? 202 HOH A O   1 
HETATM 989 O O   . HOH B 2 .   ? -0.912  -3.377  -11.498 1.00 51.94  ? 203 HOH A O   1 
HETATM 990 O O   . HOH B 2 .   ? -15.958 4.296   -2.764  1.00 47.71  ? 204 HOH A O   1 
HETATM 991 O O   . HOH B 2 .   ? -7.528  -15.462 8.844   1.00 42.07  ? 205 HOH A O   1 
HETATM 992 O O   . HOH B 2 .   ? -13.022 -11.148 9.934   1.00 42.07  ? 206 HOH A O   1 
HETATM 993 O O   . HOH B 2 .   ? 16.144  -4.919  -3.833  1.00 50.85  ? 207 HOH A O   1 
# 
